data_7WVJ
#
_entry.id   7WVJ
#
_cell.length_a   1.00
_cell.length_b   1.00
_cell.length_c   1.00
_cell.angle_alpha   90.00
_cell.angle_beta   90.00
_cell.angle_gamma   90.00
#
_symmetry.space_group_name_H-M   'P 1'
#
loop_
_entity.id
_entity.type
_entity.pdbx_description
1 polymer 'Toll-like receptor 3'
2 polymer 'RNA (46-MER)'
3 polymer 'RNA (46-MER)'
#
loop_
_entity_poly.entity_id
_entity_poly.type
_entity_poly.pdbx_seq_one_letter_code
_entity_poly.pdbx_strand_id
1 'polypeptide(L)'
;ADPKCTVSHEVADCSHLKLTQVPDDLPTNITVLNLTHNQLRRLPAANFTRYSQLTSLDVGFNTISKLEPELCQKLPMLKV
LNLQHNELSQLSDDTFAFCTNLTELHLMSNSIQKIDNNPFVDQKNLITLDLSHNGLSSTKLGTQVQLENLQELLLSNNKI
QALKSEELDIFANSSLKKLELSSNQIKEFSPGCFHAIGRLFGLFLNNVQLGPSLTEKLCLELANTSIRNLSLSNSQLSTT
SNTTFLGLKWTNLTMLDLSYNNLNVVGNDSFAWLPQLEYFFLEYNNIQHLFSHSLHGLFNVRYLNLKRSFTKQSISLASL
PKIDDFSFQWLKCLEHLNMEDNDIPGIKSNMFTGLINLKYLSLSNSFTSLRTLTNETFVSLAHSPLHILNLTKNKISKIE
SDAFSWLGHLEVLDLGLNEIGQELTGQEWRGLENIFEIYLSYNKYLQLTRNSFALVPSLQRLMLRRVALKNVDSSPSPFQ
PLRNLTILDLSNNNIANINDDMLEGLEKLEILDLQHNNLARLWKHANPGGPIYFLKGLSHLHILNLESNGFDEIPVEVFK
DLFELKIIDLGLNNLNTLPASVFNNQVSLKSLNLQKNLITSVEKKVFGPAFRNLTELDMRFNPFDCTCESIAWFVNWINE
THTNIPELSSHYLCNTPPHYHGFPVRLFDTSSCKSGRLVPRGSHHHHHH
;
A,B
2 'polyribonucleotide' CCCCCCCCCCCCCCCCCCCCCCCCCCCCCCCCCCCCCCCCCCCCCC E
3 'polyribonucleotide' IIIIIIIIIIIIIIIIIIIIIIIIIIIIIIIIIIIIIIIIIIIIII F
#
loop_
_chem_comp.id
_chem_comp.type
_chem_comp.name
_chem_comp.formula
C RNA linking CYTIDINE-5'-MONOPHOSPHATE 'C9 H14 N3 O8 P'
I RNA linking 'INOSINIC ACID' 'C10 H13 N4 O8 P'
#
# COMPACT_ATOMS: atom_id res chain seq x y z
N THR A 6 -47.83 11.63 -20.76
CA THR A 6 -48.76 10.69 -21.37
C THR A 6 -48.40 10.41 -22.82
N VAL A 7 -47.18 9.93 -23.04
CA VAL A 7 -46.72 9.62 -24.39
C VAL A 7 -47.42 8.37 -24.89
N SER A 8 -47.87 8.41 -26.14
CA SER A 8 -48.58 7.27 -26.74
C SER A 8 -48.44 7.35 -28.25
N HIS A 9 -47.77 6.37 -28.84
CA HIS A 9 -47.63 6.25 -30.29
C HIS A 9 -48.31 5.00 -30.83
N GLU A 10 -48.03 3.85 -30.26
CA GLU A 10 -48.72 2.60 -30.54
C GLU A 10 -49.24 1.95 -29.26
N VAL A 11 -48.49 2.06 -28.17
CA VAL A 11 -48.95 1.64 -26.85
C VAL A 11 -49.09 2.88 -25.98
N ALA A 12 -49.95 2.80 -24.98
CA ALA A 12 -50.23 3.92 -24.09
C ALA A 12 -49.75 3.58 -22.68
N ASP A 13 -48.97 4.48 -22.10
CA ASP A 13 -48.43 4.32 -20.75
C ASP A 13 -48.75 5.55 -19.94
N CYS A 14 -49.28 5.34 -18.73
CA CYS A 14 -49.61 6.43 -17.82
C CYS A 14 -49.15 6.10 -16.40
N SER A 15 -47.95 5.56 -16.28
CA SER A 15 -47.39 5.18 -14.99
C SER A 15 -46.66 6.36 -14.36
N HIS A 16 -46.91 6.59 -13.07
CA HIS A 16 -46.31 7.68 -12.30
C HIS A 16 -46.71 9.07 -12.82
N LEU A 17 -47.96 9.19 -13.28
CA LEU A 17 -48.52 10.49 -13.62
C LEU A 17 -49.58 10.96 -12.64
N LYS A 18 -50.02 10.10 -11.73
CA LYS A 18 -51.02 10.43 -10.69
C LYS A 18 -52.32 10.91 -11.32
N LEU A 19 -52.95 10.05 -12.10
CA LEU A 19 -54.22 10.38 -12.74
C LEU A 19 -55.36 10.35 -11.72
N THR A 20 -56.43 11.07 -12.05
CA THR A 20 -57.69 11.00 -11.33
C THR A 20 -58.81 10.37 -12.15
N GLN A 21 -58.88 10.68 -13.44
CA GLN A 21 -59.84 10.07 -14.36
C GLN A 21 -59.10 9.71 -15.65
N VAL A 22 -59.71 8.83 -16.43
CA VAL A 22 -59.08 8.37 -17.68
C VAL A 22 -59.00 9.54 -18.66
N PRO A 23 -57.93 9.64 -19.46
CA PRO A 23 -57.87 10.70 -20.46
C PRO A 23 -58.86 10.45 -21.58
N ASP A 24 -59.34 11.54 -22.18
CA ASP A 24 -60.32 11.48 -23.25
C ASP A 24 -59.70 11.75 -24.62
N ASP A 25 -58.38 11.91 -24.70
CA ASP A 25 -57.71 12.27 -25.95
C ASP A 25 -56.56 11.29 -26.21
N LEU A 26 -56.88 10.16 -26.82
CA LEU A 26 -55.91 9.18 -27.29
C LEU A 26 -56.36 8.67 -28.65
N PRO A 27 -55.42 8.18 -29.46
CA PRO A 27 -55.79 7.49 -30.70
C PRO A 27 -56.85 6.41 -30.48
N THR A 28 -57.78 6.33 -31.44
CA THR A 28 -58.84 5.34 -31.35
C THR A 28 -58.33 3.92 -31.52
N ASN A 29 -57.26 3.74 -32.30
CA ASN A 29 -56.73 2.41 -32.63
C ASN A 29 -55.66 1.94 -31.65
N ILE A 30 -55.72 2.39 -30.40
CA ILE A 30 -54.74 1.94 -29.41
C ILE A 30 -55.04 0.50 -29.01
N THR A 31 -53.97 -0.29 -28.85
CA THR A 31 -54.10 -1.68 -28.46
C THR A 31 -53.68 -1.96 -27.03
N VAL A 32 -52.73 -1.19 -26.50
CA VAL A 32 -52.22 -1.37 -25.14
C VAL A 32 -52.48 -0.09 -24.36
N LEU A 33 -53.11 -0.23 -23.19
CA LEU A 33 -53.48 0.92 -22.36
C LEU A 33 -52.99 0.63 -20.94
N ASN A 34 -52.01 1.41 -20.48
CA ASN A 34 -51.43 1.25 -19.16
C ASN A 34 -51.77 2.46 -18.29
N LEU A 35 -52.33 2.20 -17.12
CA LEU A 35 -52.71 3.26 -16.17
C LEU A 35 -52.30 2.87 -14.75
N THR A 36 -51.12 2.28 -14.61
CA THR A 36 -50.65 1.93 -13.27
C THR A 36 -50.21 3.18 -12.51
N HIS A 37 -50.17 3.04 -11.18
CA HIS A 37 -49.74 4.09 -10.27
C HIS A 37 -50.60 5.36 -10.45
N ASN A 38 -51.91 5.18 -10.32
CA ASN A 38 -52.85 6.29 -10.42
C ASN A 38 -53.76 6.33 -9.21
N GLN A 39 -54.77 7.19 -9.24
CA GLN A 39 -55.70 7.38 -8.13
C GLN A 39 -57.13 7.37 -8.64
N LEU A 40 -57.45 6.40 -9.49
CA LEU A 40 -58.80 6.28 -10.07
C LEU A 40 -59.72 5.66 -9.02
N ARG A 41 -60.52 6.51 -8.36
CA ARG A 41 -61.47 6.01 -7.37
C ARG A 41 -62.56 5.16 -8.02
N ARG A 42 -63.02 5.56 -9.20
CA ARG A 42 -64.03 4.81 -9.94
C ARG A 42 -63.69 4.86 -11.43
N LEU A 43 -64.23 3.90 -12.17
CA LEU A 43 -63.98 3.76 -13.60
C LEU A 43 -65.31 3.67 -14.33
N PRO A 44 -65.93 4.81 -14.63
CA PRO A 44 -67.15 4.79 -15.45
C PRO A 44 -66.86 4.30 -16.86
N ALA A 45 -67.83 3.61 -17.45
CA ALA A 45 -67.69 3.11 -18.81
C ALA A 45 -68.05 4.14 -19.86
N ALA A 46 -68.70 5.24 -19.48
CA ALA A 46 -69.12 6.26 -20.43
C ALA A 46 -67.95 6.95 -21.10
N ASN A 47 -66.77 6.94 -20.49
CA ASN A 47 -65.57 7.50 -21.09
C ASN A 47 -64.85 6.52 -21.99
N PHE A 48 -65.35 5.28 -22.11
CA PHE A 48 -64.73 4.27 -22.94
C PHE A 48 -65.32 4.21 -24.35
N THR A 49 -66.22 5.13 -24.69
CA THR A 49 -66.81 5.12 -26.02
C THR A 49 -65.76 5.39 -27.10
N ARG A 50 -64.82 6.30 -26.82
CA ARG A 50 -63.77 6.60 -27.78
C ARG A 50 -62.86 5.39 -28.00
N TYR A 51 -62.53 4.67 -26.94
CA TYR A 51 -61.62 3.53 -27.03
C TYR A 51 -62.44 2.28 -27.35
N SER A 52 -62.49 1.92 -28.64
CA SER A 52 -63.24 0.77 -29.10
C SER A 52 -62.37 -0.23 -29.84
N GLN A 53 -61.04 -0.14 -29.68
CA GLN A 53 -60.13 -1.08 -30.32
C GLN A 53 -59.06 -1.58 -29.36
N LEU A 54 -59.33 -1.55 -28.06
CA LEU A 54 -58.34 -1.94 -27.06
C LEU A 54 -58.15 -3.46 -27.03
N THR A 55 -56.94 -3.88 -26.73
CA THR A 55 -56.61 -5.28 -26.51
C THR A 55 -56.07 -5.56 -25.12
N SER A 56 -55.34 -4.62 -24.52
CA SER A 56 -54.79 -4.76 -23.19
C SER A 56 -55.27 -3.61 -22.32
N LEU A 57 -55.66 -3.92 -21.09
CA LEU A 57 -56.13 -2.93 -20.12
C LEU A 57 -55.37 -3.13 -18.82
N ASP A 58 -54.22 -2.47 -18.70
CA ASP A 58 -53.33 -2.62 -17.55
C ASP A 58 -53.55 -1.41 -16.63
N VAL A 59 -54.50 -1.54 -15.72
CA VAL A 59 -54.91 -0.42 -14.86
C VAL A 59 -54.71 -0.77 -13.38
N GLY A 60 -53.68 -1.55 -13.08
CA GLY A 60 -53.42 -1.94 -11.71
C GLY A 60 -52.92 -0.78 -10.87
N PHE A 61 -52.71 -1.08 -9.59
CA PHE A 61 -52.23 -0.10 -8.59
C PHE A 61 -53.16 1.11 -8.50
N ASN A 62 -54.47 0.86 -8.50
CA ASN A 62 -55.45 1.93 -8.42
C ASN A 62 -56.36 1.71 -7.21
N THR A 63 -57.39 2.54 -7.10
CA THR A 63 -58.35 2.45 -6.00
C THR A 63 -59.77 2.36 -6.55
N ILE A 64 -59.94 1.49 -7.55
CA ILE A 64 -61.24 1.34 -8.20
C ILE A 64 -62.18 0.57 -7.28
N SER A 65 -63.36 1.13 -7.04
CA SER A 65 -64.32 0.51 -6.14
C SER A 65 -65.07 -0.63 -6.82
N LYS A 66 -65.81 -0.32 -7.88
CA LYS A 66 -66.63 -1.30 -8.57
C LYS A 66 -66.59 -1.06 -10.07
N LEU A 67 -66.94 -2.10 -10.82
CA LEU A 67 -67.01 -2.04 -12.27
C LEU A 67 -68.45 -2.28 -12.72
N GLU A 68 -68.70 -1.98 -13.99
CA GLU A 68 -70.03 -2.11 -14.57
C GLU A 68 -69.96 -2.94 -15.84
N PRO A 69 -71.02 -3.68 -16.17
CA PRO A 69 -71.00 -4.52 -17.38
C PRO A 69 -70.87 -3.72 -18.68
N GLU A 70 -71.24 -2.44 -18.67
CA GLU A 70 -71.18 -1.64 -19.90
C GLU A 70 -69.76 -1.52 -20.43
N LEU A 71 -68.75 -1.60 -19.54
CA LEU A 71 -67.35 -1.59 -19.98
C LEU A 71 -67.07 -2.74 -20.94
N CYS A 72 -67.77 -3.86 -20.77
CA CYS A 72 -67.60 -4.98 -21.69
C CYS A 72 -68.13 -4.65 -23.08
N GLN A 73 -69.17 -3.81 -23.17
CA GLN A 73 -69.70 -3.43 -24.47
C GLN A 73 -68.69 -2.58 -25.23
N LYS A 74 -67.94 -1.72 -24.52
CA LYS A 74 -67.06 -0.81 -25.24
C LYS A 74 -65.78 -1.49 -25.68
N LEU A 75 -65.48 -2.67 -25.12
CA LEU A 75 -64.27 -3.42 -25.43
C LEU A 75 -64.64 -4.85 -25.78
N PRO A 76 -65.07 -5.11 -27.03
CA PRO A 76 -65.46 -6.48 -27.39
C PRO A 76 -64.30 -7.35 -27.82
N MET A 77 -63.16 -6.74 -28.17
CA MET A 77 -61.97 -7.49 -28.57
C MET A 77 -60.87 -7.44 -27.52
N LEU A 78 -61.21 -7.09 -26.28
CA LEU A 78 -60.23 -6.99 -25.22
C LEU A 78 -59.65 -8.37 -24.89
N LYS A 79 -58.34 -8.41 -24.68
CA LYS A 79 -57.64 -9.66 -24.39
C LYS A 79 -57.19 -9.77 -22.95
N VAL A 80 -56.62 -8.70 -22.40
CA VAL A 80 -56.03 -8.71 -21.07
C VAL A 80 -56.78 -7.69 -20.21
N LEU A 81 -57.23 -8.14 -19.04
CA LEU A 81 -57.86 -7.28 -18.05
C LEU A 81 -57.04 -7.38 -16.77
N ASN A 82 -56.19 -6.38 -16.53
CA ASN A 82 -55.27 -6.37 -15.41
C ASN A 82 -55.83 -5.50 -14.29
N LEU A 83 -56.11 -6.10 -13.14
CA LEU A 83 -56.76 -5.41 -12.03
C LEU A 83 -56.08 -5.74 -10.71
N GLN A 84 -54.75 -5.65 -10.68
CA GLN A 84 -54.04 -5.89 -9.43
C GLN A 84 -54.27 -4.73 -8.46
N HIS A 85 -54.38 -5.07 -7.18
CA HIS A 85 -54.40 -4.09 -6.08
C HIS A 85 -55.56 -3.10 -6.23
N ASN A 86 -56.79 -3.63 -6.18
CA ASN A 86 -57.98 -2.80 -6.26
C ASN A 86 -59.00 -3.28 -5.23
N GLU A 87 -60.10 -2.55 -5.13
CA GLU A 87 -61.11 -2.80 -4.09
C GLU A 87 -62.38 -3.42 -4.65
N LEU A 88 -62.25 -4.31 -5.64
CA LEU A 88 -63.41 -5.01 -6.20
C LEU A 88 -63.76 -6.21 -5.29
N SER A 89 -64.32 -5.87 -4.13
CA SER A 89 -64.62 -6.86 -3.11
C SER A 89 -65.87 -7.68 -3.41
N GLN A 90 -66.63 -7.33 -4.44
CA GLN A 90 -67.84 -8.04 -4.81
C GLN A 90 -67.74 -8.49 -6.25
N LEU A 91 -68.09 -9.76 -6.50
CA LEU A 91 -68.16 -10.30 -7.85
C LEU A 91 -69.50 -10.99 -8.06
N SER A 92 -70.03 -10.89 -9.27
CA SER A 92 -71.31 -11.47 -9.62
C SER A 92 -71.21 -12.08 -11.01
N ASP A 93 -72.32 -12.71 -11.44
CA ASP A 93 -72.37 -13.28 -12.77
C ASP A 93 -72.28 -12.19 -13.85
N ASP A 94 -72.97 -11.07 -13.63
CA ASP A 94 -72.99 -9.97 -14.58
C ASP A 94 -71.69 -9.17 -14.59
N THR A 95 -70.79 -9.38 -13.63
CA THR A 95 -69.55 -8.63 -13.58
C THR A 95 -68.65 -8.95 -14.78
N PHE A 96 -68.55 -10.23 -15.14
CA PHE A 96 -67.76 -10.68 -16.27
C PHE A 96 -68.61 -11.44 -17.27
N ALA A 97 -69.89 -11.05 -17.39
CA ALA A 97 -70.80 -11.76 -18.28
C ALA A 97 -70.55 -11.40 -19.73
N PHE A 98 -70.73 -10.12 -20.07
CA PHE A 98 -70.65 -9.71 -21.47
C PHE A 98 -69.24 -9.81 -22.04
N CYS A 99 -68.22 -9.80 -21.18
CA CYS A 99 -66.86 -10.03 -21.63
C CYS A 99 -66.65 -11.52 -21.84
N THR A 100 -66.53 -11.95 -23.10
CA THR A 100 -66.33 -13.35 -23.43
C THR A 100 -65.09 -13.61 -24.26
N ASN A 101 -64.50 -12.59 -24.88
CA ASN A 101 -63.29 -12.76 -25.66
C ASN A 101 -62.02 -12.54 -24.85
N LEU A 102 -62.14 -12.27 -23.55
CA LEU A 102 -60.99 -12.07 -22.70
C LEU A 102 -60.20 -13.36 -22.56
N THR A 103 -58.87 -13.24 -22.55
CA THR A 103 -57.99 -14.38 -22.37
C THR A 103 -57.06 -14.24 -21.19
N GLU A 104 -57.10 -13.11 -20.48
CA GLU A 104 -56.24 -12.89 -19.33
C GLU A 104 -57.05 -12.15 -18.27
N LEU A 105 -56.82 -12.51 -17.00
CA LEU A 105 -57.56 -11.89 -15.90
C LEU A 105 -56.70 -11.95 -14.66
N HIS A 106 -56.18 -10.78 -14.25
CA HIS A 106 -55.39 -10.67 -13.02
C HIS A 106 -56.24 -10.01 -11.95
N LEU A 107 -56.39 -10.69 -10.81
CA LEU A 107 -57.10 -10.16 -9.65
C LEU A 107 -56.23 -10.26 -8.42
N MET A 108 -54.93 -10.01 -8.58
CA MET A 108 -53.99 -10.10 -7.48
C MET A 108 -54.21 -8.97 -6.47
N SER A 109 -54.18 -9.33 -5.19
CA SER A 109 -54.27 -8.37 -4.08
C SER A 109 -55.52 -7.52 -4.17
N ASN A 110 -56.64 -8.15 -4.54
CA ASN A 110 -57.90 -7.45 -4.73
C ASN A 110 -58.79 -7.48 -3.50
N SER A 111 -58.33 -8.11 -2.41
CA SER A 111 -59.07 -8.19 -1.15
C SER A 111 -60.46 -8.78 -1.33
N ILE A 112 -60.56 -9.80 -2.18
CA ILE A 112 -61.83 -10.46 -2.43
C ILE A 112 -62.12 -11.41 -1.29
N GLN A 113 -63.33 -11.33 -0.72
CA GLN A 113 -63.68 -12.14 0.43
C GLN A 113 -64.24 -13.51 0.02
N LYS A 114 -65.31 -13.52 -0.77
CA LYS A 114 -65.98 -14.77 -1.10
C LYS A 114 -66.56 -14.69 -2.51
N ILE A 115 -66.52 -15.82 -3.21
CA ILE A 115 -67.17 -15.95 -4.52
C ILE A 115 -68.58 -16.46 -4.28
N ASP A 116 -69.58 -15.70 -4.75
CA ASP A 116 -70.95 -15.97 -4.31
C ASP A 116 -71.61 -17.10 -5.10
N ASN A 117 -71.89 -16.88 -6.38
CA ASN A 117 -72.61 -17.89 -7.15
C ASN A 117 -71.84 -18.40 -8.37
N ASN A 118 -71.56 -17.54 -9.35
CA ASN A 118 -71.07 -17.98 -10.64
C ASN A 118 -70.49 -16.82 -11.45
N PRO A 119 -69.32 -16.30 -11.09
CA PRO A 119 -68.83 -15.08 -11.76
C PRO A 119 -68.16 -15.33 -13.10
N PHE A 120 -67.63 -16.53 -13.36
CA PHE A 120 -66.78 -16.76 -14.52
C PHE A 120 -67.33 -17.85 -15.45
N VAL A 121 -68.58 -18.25 -15.29
CA VAL A 121 -69.09 -19.42 -16.00
C VAL A 121 -69.26 -19.12 -17.49
N ASP A 122 -69.84 -17.96 -17.83
CA ASP A 122 -70.32 -17.76 -19.20
C ASP A 122 -69.19 -17.54 -20.21
N GLN A 123 -68.01 -17.11 -19.77
CA GLN A 123 -66.90 -16.92 -20.68
C GLN A 123 -65.97 -18.12 -20.61
N LYS A 124 -65.29 -18.40 -21.73
CA LYS A 124 -64.49 -19.62 -21.85
C LYS A 124 -63.14 -19.42 -22.51
N ASN A 125 -62.77 -18.21 -22.90
CA ASN A 125 -61.51 -17.96 -23.60
C ASN A 125 -60.36 -17.66 -22.65
N LEU A 126 -60.59 -17.72 -21.34
CA LEU A 126 -59.51 -17.48 -20.38
C LEU A 126 -58.52 -18.63 -20.40
N ILE A 127 -57.23 -18.28 -20.36
CA ILE A 127 -56.16 -19.25 -20.28
C ILE A 127 -55.45 -19.21 -18.94
N THR A 128 -55.37 -18.05 -18.29
CA THR A 128 -54.73 -17.89 -17.00
C THR A 128 -55.65 -17.08 -16.09
N LEU A 129 -55.88 -17.59 -14.89
CA LEU A 129 -56.68 -16.90 -13.89
C LEU A 129 -55.82 -16.65 -12.66
N ASP A 130 -55.81 -15.40 -12.19
CA ASP A 130 -54.98 -14.99 -11.07
C ASP A 130 -55.86 -14.51 -9.92
N LEU A 131 -55.64 -15.08 -8.74
CA LEU A 131 -56.38 -14.67 -7.54
C LEU A 131 -55.45 -14.60 -6.34
N SER A 132 -54.27 -14.03 -6.53
CA SER A 132 -53.27 -14.02 -5.46
C SER A 132 -53.52 -12.88 -4.47
N HIS A 133 -52.99 -13.06 -3.26
CA HIS A 133 -53.04 -12.05 -2.19
C HIS A 133 -54.47 -11.63 -1.87
N ASN A 134 -55.39 -12.58 -1.87
CA ASN A 134 -56.79 -12.29 -1.61
C ASN A 134 -57.24 -12.91 -0.30
N GLY A 135 -58.47 -12.60 0.09
CA GLY A 135 -59.01 -13.06 1.35
C GLY A 135 -59.90 -14.28 1.23
N LEU A 136 -59.76 -15.02 0.14
CA LEU A 136 -60.57 -16.22 -0.07
C LEU A 136 -60.26 -17.27 0.98
N SER A 137 -61.30 -17.97 1.42
CA SER A 137 -61.15 -19.07 2.37
C SER A 137 -61.39 -20.43 1.75
N SER A 138 -61.98 -20.50 0.56
CA SER A 138 -62.19 -21.74 -0.15
C SER A 138 -62.05 -21.49 -1.64
N THR A 139 -61.79 -22.56 -2.39
CA THR A 139 -61.58 -22.48 -3.83
C THR A 139 -62.87 -22.59 -4.62
N LYS A 140 -64.03 -22.37 -3.98
CA LYS A 140 -65.31 -22.44 -4.66
C LYS A 140 -65.45 -21.26 -5.61
N LEU A 141 -65.43 -21.54 -6.92
CA LEU A 141 -65.64 -20.51 -7.93
C LEU A 141 -66.80 -20.85 -8.87
N GLY A 142 -67.66 -21.78 -8.47
CA GLY A 142 -68.79 -22.14 -9.30
C GLY A 142 -69.46 -23.39 -8.76
N THR A 143 -70.50 -23.80 -9.48
CA THR A 143 -71.27 -25.00 -9.15
C THR A 143 -71.19 -26.06 -10.23
N GLN A 144 -71.47 -25.70 -11.48
CA GLN A 144 -71.35 -26.60 -12.60
C GLN A 144 -69.93 -26.58 -13.13
N VAL A 145 -69.71 -27.13 -14.33
CA VAL A 145 -68.39 -27.15 -14.96
C VAL A 145 -68.28 -25.97 -15.92
N GLN A 146 -67.15 -25.28 -15.87
CA GLN A 146 -66.84 -24.19 -16.78
C GLN A 146 -65.31 -24.07 -16.86
N LEU A 147 -64.84 -23.03 -17.56
CA LEU A 147 -63.41 -22.80 -17.80
C LEU A 147 -62.75 -24.04 -18.40
N GLU A 148 -63.28 -24.45 -19.55
CA GLU A 148 -62.71 -25.60 -20.26
C GLU A 148 -61.28 -25.31 -20.72
N ASN A 149 -61.02 -24.09 -21.16
CA ASN A 149 -59.75 -23.71 -21.75
C ASN A 149 -58.73 -23.23 -20.73
N LEU A 150 -59.11 -23.17 -19.45
CA LEU A 150 -58.17 -22.70 -18.43
C LEU A 150 -57.06 -23.71 -18.24
N GLN A 151 -55.83 -23.21 -18.09
CA GLN A 151 -54.67 -24.08 -17.89
C GLN A 151 -53.86 -23.71 -16.64
N GLU A 152 -53.85 -22.45 -16.25
CA GLU A 152 -53.10 -22.01 -15.07
C GLU A 152 -54.06 -21.32 -14.10
N LEU A 153 -54.01 -21.70 -12.84
CA LEU A 153 -54.83 -21.11 -11.78
C LEU A 153 -53.92 -20.69 -10.64
N LEU A 154 -54.04 -19.44 -10.21
CA LEU A 154 -53.23 -18.89 -9.14
C LEU A 154 -54.12 -18.52 -7.95
N LEU A 155 -53.78 -19.06 -6.77
CA LEU A 155 -54.54 -18.80 -5.55
C LEU A 155 -53.61 -18.57 -4.37
N SER A 156 -52.45 -17.99 -4.61
CA SER A 156 -51.44 -17.87 -3.56
C SER A 156 -51.79 -16.75 -2.58
N ASN A 157 -51.18 -16.82 -1.40
CA ASN A 157 -51.27 -15.78 -0.36
C ASN A 157 -52.71 -15.52 0.06
N ASN A 158 -53.51 -16.57 0.10
CA ASN A 158 -54.90 -16.47 0.54
C ASN A 158 -55.02 -17.01 1.97
N LYS A 159 -56.27 -17.09 2.45
CA LYS A 159 -56.56 -17.63 3.78
C LYS A 159 -57.34 -18.94 3.67
N ILE A 160 -56.99 -19.76 2.70
CA ILE A 160 -57.62 -21.06 2.51
C ILE A 160 -56.99 -22.07 3.46
N GLN A 161 -57.82 -22.85 4.13
CA GLN A 161 -57.35 -23.84 5.09
C GLN A 161 -57.77 -25.27 4.73
N ALA A 162 -58.49 -25.47 3.64
CA ALA A 162 -58.93 -26.79 3.27
C ALA A 162 -59.11 -26.87 1.75
N LEU A 163 -58.96 -28.08 1.21
CA LEU A 163 -59.14 -28.37 -0.20
C LEU A 163 -60.08 -29.56 -0.33
N LYS A 164 -61.37 -29.30 -0.35
CA LYS A 164 -62.36 -30.37 -0.44
C LYS A 164 -62.48 -30.88 -1.87
N SER A 165 -62.97 -32.12 -1.99
CA SER A 165 -63.06 -32.76 -3.29
C SER A 165 -64.06 -32.05 -4.21
N GLU A 166 -65.19 -31.60 -3.64
CA GLU A 166 -66.19 -30.93 -4.45
C GLU A 166 -65.70 -29.59 -4.98
N GLU A 167 -64.77 -28.96 -4.26
CA GLU A 167 -64.33 -27.61 -4.59
C GLU A 167 -63.69 -27.54 -5.99
N LEU A 168 -62.93 -28.57 -6.36
CA LEU A 168 -62.30 -28.61 -7.68
C LEU A 168 -63.17 -29.25 -8.74
N ASP A 169 -64.40 -29.64 -8.37
CA ASP A 169 -65.30 -30.30 -9.30
C ASP A 169 -65.66 -29.42 -10.48
N ILE A 170 -65.54 -28.10 -10.35
CA ILE A 170 -65.81 -27.20 -11.46
C ILE A 170 -64.75 -27.25 -12.54
N PHE A 171 -63.63 -27.94 -12.30
CA PHE A 171 -62.62 -28.19 -13.33
C PHE A 171 -62.55 -29.67 -13.68
N ALA A 172 -63.71 -30.34 -13.78
CA ALA A 172 -63.74 -31.77 -14.03
C ALA A 172 -63.30 -32.14 -15.44
N ASN A 173 -63.25 -31.17 -16.36
CA ASN A 173 -62.89 -31.45 -17.74
C ASN A 173 -61.92 -30.40 -18.28
N SER A 174 -60.91 -30.05 -17.48
CA SER A 174 -59.92 -29.06 -17.87
C SER A 174 -58.52 -29.59 -17.63
N SER A 175 -57.56 -29.10 -18.41
CA SER A 175 -56.16 -29.47 -18.26
C SER A 175 -55.45 -28.39 -17.48
N LEU A 176 -54.91 -28.74 -16.32
CA LEU A 176 -54.29 -27.78 -15.42
C LEU A 176 -52.77 -27.85 -15.57
N LYS A 177 -52.19 -26.84 -16.22
CA LYS A 177 -50.74 -26.75 -16.34
C LYS A 177 -50.07 -26.27 -15.06
N LYS A 178 -50.72 -25.38 -14.30
CA LYS A 178 -50.13 -24.85 -13.08
C LYS A 178 -51.26 -24.56 -12.09
N LEU A 179 -51.20 -25.17 -10.92
CA LEU A 179 -52.16 -24.94 -9.84
C LEU A 179 -51.39 -24.29 -8.69
N GLU A 180 -51.39 -22.96 -8.65
CA GLU A 180 -50.64 -22.22 -7.65
C GLU A 180 -51.49 -22.09 -6.37
N LEU A 181 -51.00 -22.66 -5.28
CA LEU A 181 -51.65 -22.60 -3.98
C LEU A 181 -50.63 -22.26 -2.89
N SER A 182 -49.71 -21.35 -3.21
CA SER A 182 -48.60 -21.06 -2.33
C SER A 182 -49.03 -20.24 -1.12
N SER A 183 -48.36 -20.51 0.01
CA SER A 183 -48.50 -19.74 1.25
C SER A 183 -49.92 -19.75 1.81
N ASN A 184 -50.68 -20.81 1.52
CA ASN A 184 -51.99 -21.00 2.13
C ASN A 184 -51.90 -22.08 3.19
N GLN A 185 -52.37 -21.75 4.40
CA GLN A 185 -52.22 -22.66 5.54
C GLN A 185 -53.18 -23.84 5.41
N ILE A 186 -52.88 -24.71 4.46
CA ILE A 186 -53.68 -25.91 4.23
C ILE A 186 -53.23 -26.96 5.25
N LYS A 187 -54.20 -27.47 6.02
CA LYS A 187 -53.90 -28.43 7.07
C LYS A 187 -54.52 -29.80 6.84
N GLU A 188 -55.33 -29.97 5.80
CA GLU A 188 -55.93 -31.27 5.51
C GLU A 188 -56.16 -31.37 4.01
N PHE A 189 -56.26 -32.60 3.52
CA PHE A 189 -56.51 -32.88 2.12
C PHE A 189 -57.63 -33.91 2.00
N SER A 190 -58.68 -33.57 1.25
CA SER A 190 -59.76 -34.52 1.08
C SER A 190 -59.39 -35.55 0.01
N PRO A 191 -59.76 -36.82 0.22
CA PRO A 191 -59.51 -37.83 -0.82
C PRO A 191 -60.27 -37.51 -2.09
N GLY A 192 -59.62 -37.76 -3.23
CA GLY A 192 -60.23 -37.54 -4.52
C GLY A 192 -60.31 -36.10 -4.96
N CYS A 193 -59.68 -35.17 -4.24
CA CYS A 193 -59.76 -33.76 -4.60
C CYS A 193 -59.04 -33.48 -5.91
N PHE A 194 -57.86 -34.06 -6.09
CA PHE A 194 -57.12 -33.89 -7.34
C PHE A 194 -57.59 -34.83 -8.44
N HIS A 195 -58.23 -35.95 -8.09
CA HIS A 195 -58.85 -36.77 -9.11
C HIS A 195 -60.08 -36.11 -9.71
N ALA A 196 -60.64 -35.11 -9.02
CA ALA A 196 -61.70 -34.31 -9.63
C ALA A 196 -61.18 -33.54 -10.82
N ILE A 197 -59.92 -33.12 -10.79
CA ILE A 197 -59.32 -32.49 -11.96
C ILE A 197 -59.12 -33.53 -13.05
N GLY A 198 -59.59 -33.22 -14.26
CA GLY A 198 -59.46 -34.16 -15.36
C GLY A 198 -58.01 -34.39 -15.76
N ARG A 199 -57.23 -33.32 -15.88
CA ARG A 199 -55.82 -33.40 -16.28
C ARG A 199 -55.04 -32.39 -15.44
N LEU A 200 -54.30 -32.88 -14.46
CA LEU A 200 -53.43 -32.05 -13.63
C LEU A 200 -51.99 -32.31 -14.03
N PHE A 201 -51.26 -31.25 -14.38
CA PHE A 201 -49.89 -31.36 -14.84
C PHE A 201 -48.87 -30.75 -13.88
N GLY A 202 -49.12 -29.55 -13.37
CA GLY A 202 -48.18 -28.88 -12.48
C GLY A 202 -48.84 -28.36 -11.24
N LEU A 203 -48.14 -28.50 -10.12
CA LEU A 203 -48.68 -28.12 -8.81
C LEU A 203 -47.63 -27.37 -8.02
N PHE A 204 -48.06 -26.33 -7.30
CA PHE A 204 -47.17 -25.47 -6.52
C PHE A 204 -47.73 -25.30 -5.11
N LEU A 205 -46.89 -25.53 -4.10
CA LEU A 205 -47.26 -25.33 -2.70
C LEU A 205 -46.11 -24.67 -1.93
N ASN A 206 -45.56 -23.61 -2.51
CA ASN A 206 -44.48 -22.89 -1.84
C ASN A 206 -44.97 -22.25 -0.54
N ASN A 207 -44.10 -22.26 0.47
CA ASN A 207 -44.35 -21.60 1.75
C ASN A 207 -45.60 -22.14 2.45
N VAL A 208 -45.89 -23.42 2.27
CA VAL A 208 -47.05 -24.06 2.89
C VAL A 208 -46.56 -25.01 3.96
N GLN A 209 -47.02 -24.80 5.19
CA GLN A 209 -46.57 -25.59 6.34
C GLN A 209 -47.21 -26.98 6.29
N LEU A 210 -46.57 -27.87 5.53
CA LEU A 210 -47.05 -29.24 5.43
C LEU A 210 -46.37 -30.16 6.45
N GLY A 211 -45.05 -30.28 6.36
CA GLY A 211 -44.32 -31.19 7.21
C GLY A 211 -44.33 -32.60 6.65
N PRO A 212 -43.78 -33.55 7.41
CA PRO A 212 -43.67 -34.92 6.90
C PRO A 212 -45.00 -35.61 6.65
N SER A 213 -45.86 -35.70 7.68
CA SER A 213 -47.07 -36.52 7.57
C SER A 213 -48.06 -35.95 6.55
N LEU A 214 -48.19 -34.63 6.53
CA LEU A 214 -49.07 -34.00 5.53
C LEU A 214 -48.53 -34.25 4.12
N THR A 215 -47.21 -34.24 3.96
CA THR A 215 -46.63 -34.58 2.66
C THR A 215 -46.91 -36.03 2.29
N GLU A 216 -46.87 -36.94 3.27
CA GLU A 216 -47.23 -38.33 3.03
C GLU A 216 -48.66 -38.43 2.52
N LYS A 217 -49.60 -37.77 3.21
CA LYS A 217 -51.00 -37.82 2.80
C LYS A 217 -51.20 -37.19 1.43
N LEU A 218 -50.49 -36.09 1.17
CA LEU A 218 -50.58 -35.43 -0.13
C LEU A 218 -50.11 -36.36 -1.24
N CYS A 219 -48.97 -37.03 -1.03
CA CYS A 219 -48.46 -37.95 -2.03
C CYS A 219 -49.42 -39.11 -2.25
N LEU A 220 -50.00 -39.64 -1.17
CA LEU A 220 -51.03 -40.66 -1.32
C LEU A 220 -52.22 -40.15 -2.11
N GLU A 221 -52.53 -38.86 -1.99
CA GLU A 221 -53.61 -38.28 -2.78
C GLU A 221 -53.21 -38.04 -4.23
N LEU A 222 -51.95 -37.69 -4.49
CA LEU A 222 -51.48 -37.38 -5.84
C LEU A 222 -51.31 -38.62 -6.71
N ALA A 223 -51.76 -39.78 -6.27
CA ALA A 223 -51.60 -41.00 -7.04
C ALA A 223 -52.51 -41.00 -8.27
N ASN A 224 -52.05 -41.70 -9.31
CA ASN A 224 -52.83 -41.95 -10.52
C ASN A 224 -53.26 -40.65 -11.20
N THR A 225 -52.32 -39.72 -11.34
CA THR A 225 -52.55 -38.48 -12.06
C THR A 225 -51.39 -38.26 -13.03
N SER A 226 -51.53 -37.25 -13.88
CA SER A 226 -50.53 -36.93 -14.91
C SER A 226 -49.65 -35.76 -14.49
N ILE A 227 -49.32 -35.65 -13.20
CA ILE A 227 -48.53 -34.52 -12.72
C ILE A 227 -47.10 -34.64 -13.25
N ARG A 228 -46.48 -33.48 -13.48
CA ARG A 228 -45.10 -33.43 -13.96
C ARG A 228 -44.27 -32.49 -13.10
N ASN A 229 -44.89 -31.44 -12.58
CA ASN A 229 -44.23 -30.44 -11.76
C ASN A 229 -44.81 -30.45 -10.35
N LEU A 230 -43.92 -30.31 -9.36
CA LEU A 230 -44.35 -30.26 -7.96
C LEU A 230 -43.30 -29.50 -7.18
N SER A 231 -43.65 -28.33 -6.66
CA SER A 231 -42.75 -27.51 -5.85
C SER A 231 -43.26 -27.50 -4.41
N LEU A 232 -42.40 -27.92 -3.49
CA LEU A 232 -42.69 -27.93 -2.07
C LEU A 232 -41.69 -27.05 -1.33
N SER A 233 -41.33 -25.92 -1.93
CA SER A 233 -40.28 -25.07 -1.37
C SER A 233 -40.73 -24.40 -0.09
N ASN A 234 -39.80 -24.34 0.87
CA ASN A 234 -40.02 -23.67 2.15
C ASN A 234 -41.25 -24.22 2.87
N SER A 235 -41.41 -25.55 2.82
CA SER A 235 -42.54 -26.22 3.46
C SER A 235 -42.19 -26.76 4.84
N GLN A 236 -41.02 -26.41 5.36
CA GLN A 236 -40.52 -26.90 6.66
C GLN A 236 -40.50 -28.42 6.70
N LEU A 237 -40.05 -29.03 5.61
CA LEU A 237 -39.90 -30.49 5.55
C LEU A 237 -38.52 -30.84 6.07
N SER A 238 -38.46 -31.21 7.36
CA SER A 238 -37.17 -31.45 8.01
C SER A 238 -36.58 -32.79 7.60
N THR A 239 -37.41 -33.82 7.42
CA THR A 239 -36.92 -35.16 7.19
C THR A 239 -37.79 -35.86 6.16
N THR A 240 -37.15 -36.69 5.33
CA THR A 240 -37.84 -37.55 4.38
C THR A 240 -37.46 -39.00 4.65
N SER A 241 -38.28 -39.92 4.14
CA SER A 241 -38.08 -41.34 4.33
C SER A 241 -38.26 -42.08 3.02
N ASN A 242 -38.15 -43.40 3.07
CA ASN A 242 -38.25 -44.23 1.87
C ASN A 242 -39.68 -44.28 1.32
N THR A 243 -40.67 -43.87 2.10
CA THR A 243 -42.06 -43.88 1.66
C THR A 243 -42.67 -42.49 1.56
N THR A 244 -41.83 -41.44 1.57
CA THR A 244 -42.35 -40.08 1.55
C THR A 244 -43.12 -39.78 0.26
N PHE A 245 -42.59 -40.22 -0.88
CA PHE A 245 -43.19 -39.96 -2.18
C PHE A 245 -43.69 -41.25 -2.84
N LEU A 246 -44.23 -42.16 -2.04
CA LEU A 246 -44.70 -43.44 -2.59
C LEU A 246 -45.86 -43.23 -3.55
N GLY A 247 -46.76 -42.31 -3.24
CA GLY A 247 -47.90 -42.03 -4.11
C GLY A 247 -47.52 -41.48 -5.47
N LEU A 248 -46.30 -40.95 -5.60
CA LEU A 248 -45.81 -40.49 -6.89
C LEU A 248 -45.25 -41.63 -7.74
N LYS A 249 -45.34 -42.88 -7.26
CA LYS A 249 -44.95 -44.02 -8.08
C LYS A 249 -45.88 -44.17 -9.27
N TRP A 250 -47.17 -43.90 -9.09
CA TRP A 250 -48.17 -44.12 -10.12
C TRP A 250 -48.25 -42.98 -11.14
N THR A 251 -47.43 -41.96 -11.02
CA THR A 251 -47.42 -40.84 -11.95
C THR A 251 -46.08 -40.78 -12.69
N ASN A 252 -45.91 -39.75 -13.50
CA ASN A 252 -44.73 -39.57 -14.32
C ASN A 252 -44.09 -38.22 -14.07
N LEU A 253 -43.90 -37.90 -12.78
CA LEU A 253 -43.33 -36.61 -12.40
C LEU A 253 -41.89 -36.48 -12.88
N THR A 254 -41.52 -35.29 -13.34
CA THR A 254 -40.18 -35.03 -13.88
C THR A 254 -39.42 -33.95 -13.13
N MET A 255 -40.10 -32.90 -12.67
CA MET A 255 -39.47 -31.80 -11.95
C MET A 255 -40.04 -31.71 -10.55
N LEU A 256 -39.17 -31.64 -9.55
CA LEU A 256 -39.58 -31.59 -8.15
C LEU A 256 -38.64 -30.67 -7.39
N ASP A 257 -39.22 -29.83 -6.52
CA ASP A 257 -38.48 -28.79 -5.82
C ASP A 257 -38.52 -29.05 -4.32
N LEU A 258 -37.36 -28.95 -3.66
CA LEU A 258 -37.24 -29.09 -2.22
C LEU A 258 -36.41 -27.97 -1.62
N SER A 259 -36.43 -26.79 -2.23
CA SER A 259 -35.59 -25.69 -1.76
C SER A 259 -36.13 -25.09 -0.47
N TYR A 260 -35.20 -24.61 0.37
CA TYR A 260 -35.49 -23.88 1.60
C TYR A 260 -36.31 -24.68 2.59
N ASN A 261 -36.31 -26.01 2.50
CA ASN A 261 -37.13 -26.84 3.36
C ASN A 261 -36.43 -27.23 4.66
N ASN A 262 -35.18 -26.79 4.86
CA ASN A 262 -34.39 -27.14 6.05
C ASN A 262 -34.28 -28.65 6.21
N LEU A 263 -34.03 -29.34 5.11
CA LEU A 263 -33.95 -30.80 5.08
C LEU A 263 -32.68 -31.23 5.80
N ASN A 264 -32.81 -31.67 7.05
CA ASN A 264 -31.65 -32.01 7.86
C ASN A 264 -31.01 -33.33 7.43
N VAL A 265 -31.82 -34.34 7.11
CA VAL A 265 -31.31 -35.66 6.78
C VAL A 265 -32.26 -36.33 5.81
N VAL A 266 -31.69 -37.12 4.91
CA VAL A 266 -32.45 -37.88 3.91
C VAL A 266 -32.33 -39.36 4.25
N GLY A 267 -33.47 -40.04 4.35
CA GLY A 267 -33.46 -41.46 4.64
C GLY A 267 -32.96 -42.28 3.46
N ASN A 268 -32.59 -43.52 3.76
CA ASN A 268 -32.11 -44.43 2.73
C ASN A 268 -33.23 -44.79 1.76
N ASP A 269 -32.90 -44.80 0.47
CA ASP A 269 -33.84 -45.14 -0.60
C ASP A 269 -35.09 -44.24 -0.55
N SER A 270 -34.88 -42.96 -0.24
CA SER A 270 -36.00 -42.04 -0.11
C SER A 270 -36.66 -41.77 -1.46
N PHE A 271 -35.86 -41.55 -2.50
CA PHE A 271 -36.37 -41.17 -3.81
C PHE A 271 -36.47 -42.36 -4.76
N ALA A 272 -36.69 -43.56 -4.22
CA ALA A 272 -36.82 -44.75 -5.05
C ALA A 272 -38.13 -44.80 -5.83
N TRP A 273 -39.06 -43.89 -5.53
CA TRP A 273 -40.38 -43.88 -6.17
C TRP A 273 -40.46 -42.89 -7.33
N LEU A 274 -39.34 -42.40 -7.82
CA LEU A 274 -39.31 -41.46 -8.95
C LEU A 274 -38.36 -41.97 -10.02
N PRO A 275 -38.75 -43.01 -10.76
CA PRO A 275 -37.91 -43.47 -11.88
C PRO A 275 -37.91 -42.53 -13.06
N GLN A 276 -38.90 -41.65 -13.17
CA GLN A 276 -39.05 -40.76 -14.32
C GLN A 276 -38.64 -39.33 -14.01
N LEU A 277 -38.02 -39.08 -12.86
CA LEU A 277 -37.60 -37.73 -12.50
C LEU A 277 -36.54 -37.23 -13.47
N GLU A 278 -36.63 -35.96 -13.81
CA GLU A 278 -35.69 -35.37 -14.77
C GLU A 278 -34.99 -34.13 -14.24
N TYR A 279 -35.68 -33.31 -13.47
CA TYR A 279 -35.10 -32.17 -12.78
C TYR A 279 -35.39 -32.30 -11.29
N PHE A 280 -34.46 -31.82 -10.47
CA PHE A 280 -34.56 -32.00 -9.02
C PHE A 280 -33.74 -30.90 -8.35
N PHE A 281 -34.34 -30.20 -7.39
CA PHE A 281 -33.78 -28.98 -6.82
C PHE A 281 -33.64 -29.10 -5.32
N LEU A 282 -32.41 -28.90 -4.81
CA LEU A 282 -32.15 -28.92 -3.37
C LEU A 282 -31.37 -27.69 -2.90
N GLU A 283 -31.57 -26.53 -3.51
CA GLU A 283 -30.81 -25.36 -3.09
C GLU A 283 -31.26 -24.89 -1.71
N TYR A 284 -30.28 -24.42 -0.92
CA TYR A 284 -30.50 -23.83 0.40
C TYR A 284 -31.22 -24.80 1.35
N ASN A 285 -30.55 -25.89 1.64
CA ASN A 285 -31.01 -26.86 2.63
C ASN A 285 -29.98 -26.94 3.76
N ASN A 286 -30.19 -27.90 4.66
CA ASN A 286 -29.35 -28.07 5.84
C ASN A 286 -28.97 -29.53 6.04
N ILE A 287 -28.54 -30.18 4.96
CA ILE A 287 -28.19 -31.60 5.03
C ILE A 287 -26.86 -31.76 5.76
N GLN A 288 -26.85 -32.66 6.75
CA GLN A 288 -25.64 -32.92 7.53
C GLN A 288 -24.86 -34.12 7.04
N HIS A 289 -25.51 -35.13 6.47
CA HIS A 289 -24.83 -36.35 6.05
C HIS A 289 -25.66 -37.02 4.96
N LEU A 290 -25.03 -37.34 3.84
CA LEU A 290 -25.67 -38.01 2.72
C LEU A 290 -25.18 -39.45 2.68
N PHE A 291 -26.11 -40.39 2.57
CA PHE A 291 -25.77 -41.81 2.61
C PHE A 291 -25.47 -42.32 1.21
N SER A 292 -25.11 -43.60 1.14
CA SER A 292 -24.79 -44.22 -0.15
C SER A 292 -26.04 -44.36 -1.01
N HIS A 293 -27.02 -45.13 -0.54
CA HIS A 293 -28.24 -45.37 -1.28
C HIS A 293 -29.28 -44.26 -1.10
N SER A 294 -28.85 -43.06 -0.69
CA SER A 294 -29.79 -41.97 -0.45
C SER A 294 -30.45 -41.51 -1.74
N LEU A 295 -29.72 -41.54 -2.85
CA LEU A 295 -30.24 -41.11 -4.15
C LEU A 295 -30.54 -42.29 -5.07
N HIS A 296 -30.85 -43.45 -4.49
CA HIS A 296 -31.17 -44.62 -5.28
C HIS A 296 -32.48 -44.42 -6.04
N GLY A 297 -32.57 -45.03 -7.22
CA GLY A 297 -33.75 -44.91 -8.05
C GLY A 297 -33.82 -43.66 -8.89
N LEU A 298 -32.75 -42.87 -8.96
CA LEU A 298 -32.71 -41.64 -9.74
C LEU A 298 -31.94 -41.81 -11.03
N PHE A 299 -32.08 -42.95 -11.70
CA PHE A 299 -31.33 -43.25 -12.92
C PHE A 299 -31.79 -42.43 -14.13
N ASN A 300 -32.68 -41.46 -14.00
CA ASN A 300 -33.12 -40.65 -15.12
C ASN A 300 -32.97 -39.16 -14.87
N VAL A 301 -32.40 -38.76 -13.73
CA VAL A 301 -32.23 -37.35 -13.41
C VAL A 301 -31.21 -36.75 -14.35
N ARG A 302 -31.55 -35.62 -14.97
CA ARG A 302 -30.66 -34.96 -15.93
C ARG A 302 -30.19 -33.59 -15.48
N TYR A 303 -30.67 -33.07 -14.35
CA TYR A 303 -30.26 -31.74 -13.89
C TYR A 303 -30.49 -31.66 -12.39
N LEU A 304 -29.40 -31.54 -11.62
CA LEU A 304 -29.46 -31.50 -10.17
C LEU A 304 -28.79 -30.22 -9.68
N ASN A 305 -29.47 -29.50 -8.78
CA ASN A 305 -28.94 -28.30 -8.16
C ASN A 305 -28.72 -28.56 -6.68
N LEU A 306 -27.52 -28.28 -6.20
CA LEU A 306 -27.13 -28.51 -4.81
C LEU A 306 -26.43 -27.30 -4.23
N LYS A 307 -26.90 -26.11 -4.58
CA LYS A 307 -26.29 -24.87 -4.10
C LYS A 307 -26.68 -24.65 -2.64
N ARG A 308 -25.67 -24.67 -1.75
CA ARG A 308 -25.87 -24.47 -0.31
C ARG A 308 -26.86 -25.51 0.24
N SER A 309 -26.75 -26.75 -0.26
CA SER A 309 -27.63 -27.81 0.19
C SER A 309 -27.17 -28.44 1.50
N PHE A 310 -25.96 -28.16 1.95
CA PHE A 310 -25.38 -28.84 3.11
C PHE A 310 -25.12 -27.85 4.24
N THR A 311 -24.90 -28.41 5.43
CA THR A 311 -24.71 -27.61 6.63
C THR A 311 -23.36 -26.91 6.61
N LYS A 312 -23.35 -25.66 7.06
CA LYS A 312 -22.10 -24.92 7.23
C LYS A 312 -21.38 -25.39 8.49
N GLN A 313 -20.08 -25.17 8.51
CA GLN A 313 -19.25 -25.58 9.64
C GLN A 313 -19.58 -24.73 10.86
N SER A 314 -19.69 -25.38 12.02
CA SER A 314 -19.91 -24.71 13.29
C SER A 314 -18.79 -25.13 14.25
N ILE A 315 -18.17 -24.14 14.91
CA ILE A 315 -17.04 -24.43 15.77
C ILE A 315 -17.45 -25.23 17.00
N SER A 316 -18.74 -25.25 17.34
CA SER A 316 -19.18 -26.01 18.50
C SER A 316 -19.04 -27.51 18.29
N LEU A 317 -19.36 -28.00 17.09
CA LEU A 317 -19.35 -29.43 16.82
C LEU A 317 -18.53 -29.84 15.60
N ALA A 318 -18.15 -28.90 14.74
CA ALA A 318 -17.43 -29.21 13.49
C ALA A 318 -18.20 -30.22 12.66
N SER A 319 -19.51 -29.99 12.51
CA SER A 319 -20.39 -30.90 11.78
C SER A 319 -20.21 -30.69 10.28
N LEU A 320 -19.04 -31.12 9.80
CA LEU A 320 -18.74 -31.02 8.38
C LEU A 320 -19.61 -31.98 7.59
N PRO A 321 -20.28 -31.52 6.53
CA PRO A 321 -21.14 -32.41 5.73
C PRO A 321 -20.29 -33.46 4.99
N LYS A 322 -20.49 -34.71 5.34
CA LYS A 322 -19.75 -35.82 4.75
C LYS A 322 -20.60 -36.46 3.66
N ILE A 323 -19.98 -36.72 2.52
CA ILE A 323 -20.62 -37.42 1.41
C ILE A 323 -19.92 -38.77 1.27
N ASP A 324 -20.70 -39.85 1.40
CA ASP A 324 -20.13 -41.19 1.31
C ASP A 324 -19.72 -41.50 -0.12
N ASP A 325 -18.88 -42.52 -0.26
CA ASP A 325 -18.44 -42.94 -1.58
C ASP A 325 -19.55 -43.66 -2.33
N PHE A 326 -19.40 -43.73 -3.65
CA PHE A 326 -20.37 -44.33 -4.56
C PHE A 326 -21.74 -43.65 -4.49
N SER A 327 -21.78 -42.42 -3.97
CA SER A 327 -23.07 -41.78 -3.70
C SER A 327 -23.75 -41.33 -4.98
N PHE A 328 -22.99 -41.04 -6.04
CA PHE A 328 -23.54 -40.56 -7.29
C PHE A 328 -23.50 -41.63 -8.38
N GLN A 329 -23.37 -42.90 -8.00
CA GLN A 329 -23.30 -43.98 -8.98
C GLN A 329 -24.61 -44.16 -9.72
N TRP A 330 -25.74 -44.00 -9.04
CA TRP A 330 -27.04 -44.27 -9.64
C TRP A 330 -27.49 -43.20 -10.62
N LEU A 331 -26.84 -42.04 -10.63
CA LEU A 331 -27.17 -40.98 -11.58
C LEU A 331 -26.47 -41.27 -12.91
N LYS A 332 -27.01 -42.26 -13.61
CA LYS A 332 -26.39 -42.70 -14.85
C LYS A 332 -26.50 -41.63 -15.95
N CYS A 333 -27.65 -40.98 -16.05
CA CYS A 333 -27.90 -39.99 -17.09
C CYS A 333 -27.79 -38.55 -16.57
N LEU A 334 -27.08 -38.34 -15.47
CA LEU A 334 -26.91 -36.99 -14.95
C LEU A 334 -26.12 -36.15 -15.94
N GLU A 335 -26.59 -34.92 -16.18
CA GLU A 335 -26.00 -34.05 -17.17
C GLU A 335 -25.58 -32.70 -16.64
N HIS A 336 -25.86 -32.39 -15.37
CA HIS A 336 -25.54 -31.07 -14.83
C HIS A 336 -25.62 -31.16 -13.31
N LEU A 337 -24.58 -30.70 -12.62
CA LEU A 337 -24.52 -30.71 -11.17
C LEU A 337 -23.98 -29.36 -10.70
N ASN A 338 -24.87 -28.52 -10.19
CA ASN A 338 -24.48 -27.25 -9.57
C ASN A 338 -24.30 -27.51 -8.08
N MET A 339 -23.10 -27.27 -7.59
CA MET A 339 -22.71 -27.75 -6.27
C MET A 339 -21.92 -26.65 -5.54
N GLU A 340 -22.47 -25.45 -5.55
CA GLU A 340 -21.82 -24.27 -5.02
C GLU A 340 -22.14 -24.05 -3.55
N ASP A 341 -21.31 -23.21 -2.91
CA ASP A 341 -21.59 -22.65 -1.59
C ASP A 341 -21.85 -23.73 -0.55
N ASN A 342 -20.97 -24.72 -0.51
CA ASN A 342 -21.03 -25.79 0.47
C ASN A 342 -19.83 -25.70 1.40
N ASP A 343 -19.84 -26.53 2.42
CA ASP A 343 -18.75 -26.60 3.39
C ASP A 343 -18.18 -28.01 3.49
N ILE A 344 -18.06 -28.66 2.34
CA ILE A 344 -17.51 -30.02 2.29
C ILE A 344 -16.02 -29.96 2.61
N PRO A 345 -15.50 -30.81 3.50
CA PRO A 345 -14.06 -30.74 3.84
C PRO A 345 -13.14 -30.99 2.65
N GLY A 346 -13.50 -31.90 1.76
CA GLY A 346 -12.65 -32.20 0.63
C GLY A 346 -13.23 -33.29 -0.24
N ILE A 347 -12.52 -33.60 -1.31
CA ILE A 347 -12.92 -34.62 -2.26
C ILE A 347 -12.27 -35.95 -1.87
N LYS A 348 -13.06 -37.01 -1.88
CA LYS A 348 -12.55 -38.35 -1.61
C LYS A 348 -12.11 -39.01 -2.92
N SER A 349 -11.56 -40.21 -2.80
CA SER A 349 -10.93 -40.87 -3.93
C SER A 349 -11.93 -41.43 -4.93
N ASN A 350 -13.16 -41.71 -4.51
CA ASN A 350 -14.11 -42.44 -5.35
C ASN A 350 -15.51 -41.81 -5.25
N MET A 351 -15.58 -40.49 -5.41
CA MET A 351 -16.85 -39.80 -5.14
C MET A 351 -17.79 -39.81 -6.35
N PHE A 352 -17.27 -39.53 -7.54
CA PHE A 352 -18.11 -39.27 -8.72
C PHE A 352 -18.12 -40.43 -9.71
N THR A 353 -17.89 -41.65 -9.24
CA THR A 353 -17.93 -42.80 -10.15
C THR A 353 -19.35 -43.13 -10.56
N GLY A 354 -19.52 -43.54 -11.81
CA GLY A 354 -20.81 -43.91 -12.35
C GLY A 354 -21.44 -42.87 -13.25
N LEU A 355 -20.97 -41.63 -13.20
CA LEU A 355 -21.50 -40.57 -14.04
C LEU A 355 -20.95 -40.75 -15.46
N ILE A 356 -21.64 -41.56 -16.26
CA ILE A 356 -21.18 -41.87 -17.61
C ILE A 356 -21.54 -40.78 -18.61
N ASN A 357 -22.52 -39.92 -18.28
CA ASN A 357 -22.95 -38.87 -19.21
C ASN A 357 -22.90 -37.49 -18.56
N LEU A 358 -22.02 -37.28 -17.60
CA LEU A 358 -21.90 -35.96 -16.98
C LEU A 358 -21.29 -34.97 -17.95
N LYS A 359 -21.81 -33.74 -17.94
CA LYS A 359 -21.31 -32.69 -18.82
C LYS A 359 -21.01 -31.37 -18.12
N TYR A 360 -21.19 -31.29 -16.80
CA TYR A 360 -21.01 -30.02 -16.10
C TYR A 360 -20.89 -30.30 -14.61
N LEU A 361 -19.86 -29.72 -13.99
CA LEU A 361 -19.68 -29.79 -12.55
C LEU A 361 -19.16 -28.44 -12.07
N SER A 362 -19.96 -27.73 -11.29
CA SER A 362 -19.60 -26.42 -10.74
C SER A 362 -19.27 -26.60 -9.26
N LEU A 363 -18.08 -26.18 -8.87
CA LEU A 363 -17.59 -26.34 -7.51
C LEU A 363 -17.15 -25.01 -6.93
N SER A 364 -17.88 -23.95 -7.25
CA SER A 364 -17.53 -22.62 -6.76
C SER A 364 -17.78 -22.53 -5.26
N ASN A 365 -16.71 -22.32 -4.50
CA ASN A 365 -16.76 -22.20 -3.05
C ASN A 365 -17.39 -23.43 -2.38
N SER A 366 -17.14 -24.61 -2.97
CA SER A 366 -17.75 -25.83 -2.45
C SER A 366 -17.02 -26.38 -1.23
N PHE A 367 -15.71 -26.14 -1.12
CA PHE A 367 -14.89 -26.73 -0.06
C PHE A 367 -14.26 -25.64 0.78
N THR A 368 -14.24 -25.86 2.09
CA THR A 368 -13.63 -24.89 3.00
C THR A 368 -12.12 -24.86 2.81
N SER A 369 -11.48 -26.02 2.76
CA SER A 369 -10.01 -26.09 2.65
C SER A 369 -9.64 -27.22 1.69
N LEU A 370 -9.59 -26.89 0.40
CA LEU A 370 -9.01 -27.76 -0.61
C LEU A 370 -7.62 -27.20 -0.92
N ARG A 371 -6.69 -27.44 0.00
CA ARG A 371 -5.40 -26.76 -0.07
C ARG A 371 -4.58 -27.23 -1.27
N THR A 372 -4.52 -28.52 -1.52
CA THR A 372 -3.67 -29.09 -2.55
C THR A 372 -4.49 -29.88 -3.55
N LEU A 373 -4.19 -29.70 -4.83
CA LEU A 373 -4.81 -30.47 -5.91
C LEU A 373 -3.83 -31.55 -6.33
N THR A 374 -3.90 -32.70 -5.65
CA THR A 374 -3.02 -33.81 -5.96
C THR A 374 -3.45 -34.48 -7.27
N ASN A 375 -2.58 -35.36 -7.77
CA ASN A 375 -2.86 -36.08 -9.01
C ASN A 375 -3.96 -37.12 -8.86
N GLU A 376 -4.37 -37.44 -7.63
CA GLU A 376 -5.41 -38.43 -7.39
C GLU A 376 -6.75 -37.80 -7.01
N THR A 377 -6.91 -36.49 -7.19
CA THR A 377 -8.15 -35.84 -6.79
C THR A 377 -9.29 -36.19 -7.74
N PHE A 378 -9.04 -36.14 -9.05
CA PHE A 378 -10.08 -36.31 -10.06
C PHE A 378 -10.11 -37.71 -10.65
N VAL A 379 -9.55 -38.70 -9.94
CA VAL A 379 -9.57 -40.07 -10.45
C VAL A 379 -11.00 -40.59 -10.58
N SER A 380 -11.90 -40.13 -9.72
CA SER A 380 -13.31 -40.52 -9.83
C SER A 380 -13.98 -39.94 -11.07
N LEU A 381 -13.35 -38.96 -11.73
CA LEU A 381 -13.86 -38.36 -12.95
C LEU A 381 -13.15 -38.89 -14.19
N ALA A 382 -12.66 -40.13 -14.13
CA ALA A 382 -11.87 -40.66 -15.25
C ALA A 382 -12.72 -40.86 -16.50
N HIS A 383 -13.87 -41.53 -16.36
CA HIS A 383 -14.71 -41.87 -17.50
C HIS A 383 -15.82 -40.86 -17.75
N SER A 384 -15.98 -39.87 -16.87
CA SER A 384 -17.04 -38.87 -17.05
C SER A 384 -16.62 -37.87 -18.13
N PRO A 385 -17.42 -37.67 -19.17
CA PRO A 385 -17.05 -36.72 -20.24
C PRO A 385 -17.29 -35.27 -19.84
N LEU A 386 -16.53 -34.82 -18.85
CA LEU A 386 -16.64 -33.44 -18.38
C LEU A 386 -16.23 -32.47 -19.47
N HIS A 387 -16.93 -31.34 -19.52
CA HIS A 387 -16.62 -30.27 -20.46
C HIS A 387 -16.36 -28.94 -19.78
N ILE A 388 -17.04 -28.65 -18.67
CA ILE A 388 -16.84 -27.42 -17.92
C ILE A 388 -16.63 -27.78 -16.46
N LEU A 389 -15.56 -27.26 -15.87
CA LEU A 389 -15.28 -27.43 -14.45
C LEU A 389 -14.99 -26.06 -13.84
N ASN A 390 -15.69 -25.73 -12.75
CA ASN A 390 -15.53 -24.45 -12.08
C ASN A 390 -14.93 -24.69 -10.71
N LEU A 391 -13.78 -24.09 -10.45
CA LEU A 391 -13.05 -24.27 -9.20
C LEU A 391 -12.75 -22.91 -8.57
N THR A 392 -13.77 -22.06 -8.52
CA THR A 392 -13.60 -20.69 -8.05
C THR A 392 -13.83 -20.60 -6.54
N LYS A 393 -13.01 -19.77 -5.88
CA LYS A 393 -13.14 -19.46 -4.46
C LYS A 393 -13.06 -20.72 -3.58
N ASN A 394 -12.22 -21.67 -3.97
CA ASN A 394 -12.01 -22.87 -3.17
C ASN A 394 -10.80 -22.76 -2.24
N LYS A 395 -10.11 -21.62 -2.22
CA LYS A 395 -8.92 -21.40 -1.41
C LYS A 395 -7.84 -22.42 -1.71
N ILE A 396 -7.72 -22.81 -2.97
CA ILE A 396 -6.72 -23.79 -3.38
C ILE A 396 -5.35 -23.15 -3.34
N SER A 397 -4.40 -23.80 -2.66
CA SER A 397 -3.08 -23.25 -2.43
C SER A 397 -2.03 -23.71 -3.44
N LYS A 398 -2.08 -24.96 -3.87
CA LYS A 398 -1.08 -25.50 -4.78
C LYS A 398 -1.72 -26.49 -5.74
N ILE A 399 -1.15 -26.59 -6.94
CA ILE A 399 -1.54 -27.58 -7.93
C ILE A 399 -0.32 -28.43 -8.25
N GLU A 400 -0.44 -29.74 -8.07
CA GLU A 400 0.67 -30.63 -8.33
C GLU A 400 0.60 -31.19 -9.75
N SER A 401 1.61 -31.99 -10.10
CA SER A 401 1.69 -32.55 -11.44
C SER A 401 0.58 -33.56 -11.68
N ASP A 402 0.08 -33.58 -12.93
CA ASP A 402 -0.95 -34.51 -13.37
C ASP A 402 -2.23 -34.39 -12.54
N ALA A 403 -2.57 -33.16 -12.16
CA ALA A 403 -3.79 -32.96 -11.37
C ALA A 403 -5.05 -33.19 -12.22
N PHE A 404 -5.05 -32.68 -13.45
CA PHE A 404 -6.19 -32.80 -14.34
C PHE A 404 -5.95 -33.84 -15.44
N SER A 405 -4.98 -34.74 -15.23
CA SER A 405 -4.64 -35.74 -16.24
C SER A 405 -5.76 -36.74 -16.47
N TRP A 406 -6.70 -36.86 -15.54
CA TRP A 406 -7.81 -37.81 -15.69
C TRP A 406 -9.01 -37.22 -16.43
N LEU A 407 -8.99 -35.92 -16.72
CA LEU A 407 -10.09 -35.26 -17.44
C LEU A 407 -9.73 -35.27 -18.92
N GLY A 408 -10.11 -36.36 -19.60
CA GLY A 408 -9.72 -36.54 -20.99
C GLY A 408 -10.36 -35.54 -21.94
N HIS A 409 -11.66 -35.28 -21.79
CA HIS A 409 -12.40 -34.43 -22.71
C HIS A 409 -12.69 -33.04 -22.14
N LEU A 410 -11.91 -32.60 -21.16
CA LEU A 410 -12.14 -31.28 -20.56
C LEU A 410 -11.91 -30.19 -21.61
N GLU A 411 -12.78 -29.17 -21.57
CA GLU A 411 -12.68 -28.04 -22.49
C GLU A 411 -12.59 -26.70 -21.79
N VAL A 412 -13.21 -26.54 -20.63
CA VAL A 412 -13.18 -25.29 -19.88
C VAL A 412 -12.74 -25.60 -18.45
N LEU A 413 -11.75 -24.85 -17.96
CA LEU A 413 -11.30 -24.96 -16.58
C LEU A 413 -11.27 -23.56 -15.97
N ASP A 414 -11.89 -23.42 -14.81
CA ASP A 414 -12.00 -22.13 -14.13
C ASP A 414 -11.30 -22.23 -12.78
N LEU A 415 -10.18 -21.53 -12.64
CA LEU A 415 -9.40 -21.53 -11.40
C LEU A 415 -9.29 -20.14 -10.80
N GLY A 416 -10.31 -19.31 -10.99
CA GLY A 416 -10.25 -17.95 -10.50
C GLY A 416 -10.46 -17.83 -9.00
N LEU A 417 -10.09 -16.67 -8.47
CA LEU A 417 -10.33 -16.30 -7.07
C LEU A 417 -9.79 -17.34 -6.10
N ASN A 418 -8.61 -17.88 -6.38
CA ASN A 418 -7.98 -18.87 -5.53
C ASN A 418 -6.77 -18.25 -4.83
N GLU A 419 -6.04 -19.08 -4.11
CA GLU A 419 -4.86 -18.69 -3.34
C GLU A 419 -3.64 -19.47 -3.84
N ILE A 420 -3.55 -19.64 -5.16
CA ILE A 420 -2.52 -20.48 -5.75
C ILE A 420 -1.23 -19.68 -5.83
N GLY A 421 -0.24 -20.07 -5.03
CA GLY A 421 1.10 -19.53 -5.15
C GLY A 421 2.11 -20.62 -5.40
N GLN A 422 2.66 -20.66 -6.61
CA GLN A 422 3.56 -21.75 -7.02
C GLN A 422 4.23 -21.34 -8.32
N GLU A 423 4.94 -22.29 -8.93
CA GLU A 423 5.52 -22.14 -10.25
C GLU A 423 4.92 -23.19 -11.17
N LEU A 424 4.42 -22.76 -12.32
CA LEU A 424 3.80 -23.69 -13.27
C LEU A 424 4.90 -24.44 -14.02
N THR A 425 5.16 -25.68 -13.58
CA THR A 425 6.19 -26.49 -14.21
C THR A 425 5.80 -26.94 -15.61
N GLY A 426 4.53 -26.84 -15.97
CA GLY A 426 4.05 -27.25 -17.27
C GLY A 426 3.45 -28.63 -17.32
N GLN A 427 3.67 -29.45 -16.30
CA GLN A 427 3.13 -30.81 -16.26
C GLN A 427 1.69 -30.85 -15.76
N GLU A 428 1.13 -29.71 -15.35
CA GLU A 428 -0.23 -29.69 -14.83
C GLU A 428 -1.25 -30.02 -15.92
N TRP A 429 -1.06 -29.50 -17.13
CA TRP A 429 -2.04 -29.64 -18.20
C TRP A 429 -1.85 -30.92 -19.01
N ARG A 430 -1.14 -31.90 -18.48
CA ARG A 430 -0.93 -33.16 -19.20
C ARG A 430 -2.25 -33.90 -19.36
N GLY A 431 -2.46 -34.47 -20.55
CA GLY A 431 -3.65 -35.23 -20.85
C GLY A 431 -4.84 -34.42 -21.31
N LEU A 432 -4.75 -33.09 -21.28
CA LEU A 432 -5.83 -32.21 -21.74
C LEU A 432 -5.72 -32.05 -23.26
N GLU A 433 -6.04 -33.13 -23.97
CA GLU A 433 -5.82 -33.20 -25.40
C GLU A 433 -6.80 -32.34 -26.20
N ASN A 434 -7.88 -31.86 -25.58
CA ASN A 434 -8.88 -31.06 -26.28
C ASN A 434 -9.33 -29.87 -25.45
N ILE A 435 -8.46 -29.37 -24.57
CA ILE A 435 -8.82 -28.23 -23.73
C ILE A 435 -8.88 -26.97 -24.58
N PHE A 436 -9.80 -26.08 -24.23
CA PHE A 436 -9.98 -24.81 -24.95
C PHE A 436 -9.66 -23.60 -24.10
N GLU A 437 -10.26 -23.49 -22.92
CA GLU A 437 -10.14 -22.31 -22.07
C GLU A 437 -9.60 -22.70 -20.70
N ILE A 438 -8.70 -21.88 -20.16
CA ILE A 438 -8.21 -22.03 -18.80
C ILE A 438 -8.24 -20.65 -18.16
N TYR A 439 -8.95 -20.51 -17.05
CA TYR A 439 -9.07 -19.26 -16.33
C TYR A 439 -8.22 -19.31 -15.06
N LEU A 440 -7.39 -18.30 -14.86
CA LEU A 440 -6.52 -18.28 -13.69
C LEU A 440 -6.43 -16.90 -13.05
N SER A 441 -7.49 -16.11 -13.14
CA SER A 441 -7.45 -14.75 -12.60
C SER A 441 -7.53 -14.75 -11.08
N TYR A 442 -6.99 -13.70 -10.47
CA TYR A 442 -7.10 -13.43 -9.04
C TYR A 442 -6.52 -14.58 -8.20
N ASN A 443 -5.23 -14.80 -8.36
CA ASN A 443 -4.49 -15.76 -7.55
C ASN A 443 -3.42 -15.03 -6.74
N LYS A 444 -2.65 -15.80 -5.96
CA LYS A 444 -1.61 -15.19 -5.14
C LYS A 444 -0.41 -14.79 -5.99
N TYR A 445 0.25 -15.79 -6.59
CA TYR A 445 1.36 -15.52 -7.50
C TYR A 445 1.59 -16.75 -8.35
N LEU A 446 1.91 -16.53 -9.63
CA LEU A 446 2.30 -17.60 -10.54
C LEU A 446 3.61 -17.23 -11.20
N GLN A 447 4.51 -18.19 -11.32
CA GLN A 447 5.81 -18.01 -11.96
C GLN A 447 5.87 -19.00 -13.12
N LEU A 448 5.72 -18.48 -14.33
CA LEU A 448 5.63 -19.35 -15.50
C LEU A 448 7.01 -19.90 -15.86
N THR A 449 7.00 -20.89 -16.75
CA THR A 449 8.20 -21.58 -17.21
C THR A 449 8.19 -21.55 -18.74
N ARG A 450 9.35 -21.83 -19.33
CA ARG A 450 9.47 -21.80 -20.79
C ARG A 450 8.53 -22.79 -21.46
N ASN A 451 8.10 -23.82 -20.75
CA ASN A 451 7.18 -24.83 -21.28
C ASN A 451 5.98 -25.00 -20.36
N SER A 452 5.43 -23.90 -19.87
CA SER A 452 4.27 -23.98 -18.97
C SER A 452 3.03 -24.49 -19.70
N PHE A 453 2.81 -24.01 -20.93
CA PHE A 453 1.63 -24.37 -21.71
C PHE A 453 2.01 -25.15 -22.96
N ALA A 454 3.15 -25.85 -22.93
CA ALA A 454 3.61 -26.58 -24.09
C ALA A 454 2.89 -27.91 -24.28
N LEU A 455 2.13 -28.36 -23.29
CA LEU A 455 1.49 -29.67 -23.35
C LEU A 455 0.07 -29.63 -23.93
N VAL A 456 -0.48 -28.44 -24.20
CA VAL A 456 -1.84 -28.33 -24.71
C VAL A 456 -1.86 -27.44 -25.95
N PRO A 457 -1.72 -28.00 -27.14
CA PRO A 457 -1.76 -27.18 -28.36
C PRO A 457 -3.12 -26.55 -28.62
N SER A 458 -4.20 -27.15 -28.16
CA SER A 458 -5.55 -26.74 -28.54
C SER A 458 -6.11 -25.60 -27.69
N LEU A 459 -5.34 -25.08 -26.74
CA LEU A 459 -5.85 -24.03 -25.86
C LEU A 459 -6.12 -22.77 -26.65
N GLN A 460 -7.21 -22.08 -26.29
CA GLN A 460 -7.65 -20.88 -27.02
C GLN A 460 -7.88 -19.67 -26.13
N ARG A 461 -8.03 -19.85 -24.81
CA ARG A 461 -8.27 -18.74 -23.89
C ARG A 461 -7.35 -18.88 -22.69
N LEU A 462 -6.98 -17.74 -22.12
CA LEU A 462 -6.14 -17.74 -20.92
C LEU A 462 -6.37 -16.44 -20.17
N MET A 463 -7.07 -16.52 -19.04
CA MET A 463 -7.39 -15.36 -18.21
C MET A 463 -6.40 -15.32 -17.05
N LEU A 464 -5.59 -14.26 -17.02
CA LEU A 464 -4.54 -14.11 -15.99
C LEU A 464 -4.60 -12.71 -15.39
N ARG A 465 -5.79 -12.26 -15.01
CA ARG A 465 -5.96 -10.94 -14.43
C ARG A 465 -5.66 -10.98 -12.93
N ARG A 466 -4.79 -10.06 -12.49
CA ARG A 466 -4.38 -9.92 -11.09
C ARG A 466 -3.87 -11.25 -10.54
N VAL A 467 -3.00 -11.88 -11.32
CA VAL A 467 -2.34 -13.12 -10.92
C VAL A 467 -0.87 -12.90 -10.58
N ALA A 468 -0.30 -11.74 -10.93
CA ALA A 468 1.08 -11.37 -10.62
C ALA A 468 2.07 -12.39 -11.17
N LEU A 469 2.11 -12.46 -12.50
CA LEU A 469 3.01 -13.38 -13.17
C LEU A 469 4.47 -13.03 -12.89
N LYS A 470 5.32 -14.05 -12.91
CA LYS A 470 6.76 -13.90 -12.77
C LYS A 470 7.44 -14.65 -13.90
N ASN A 471 8.61 -14.18 -14.30
CA ASN A 471 9.42 -14.78 -15.37
C ASN A 471 8.63 -14.89 -16.67
N VAL A 472 7.78 -13.91 -16.94
CA VAL A 472 7.11 -13.82 -18.23
C VAL A 472 8.06 -13.35 -19.33
N ASP A 473 9.22 -12.80 -18.95
CA ASP A 473 10.21 -12.30 -19.88
C ASP A 473 11.32 -13.33 -20.15
N SER A 474 10.97 -14.60 -20.16
CA SER A 474 11.93 -15.64 -20.50
C SER A 474 12.30 -15.56 -21.98
N SER A 475 13.51 -16.03 -22.30
CA SER A 475 13.96 -15.98 -23.69
C SER A 475 13.08 -16.78 -24.63
N PRO A 476 12.66 -18.01 -24.32
CA PRO A 476 11.59 -18.62 -25.11
C PRO A 476 10.24 -18.24 -24.54
N SER A 477 9.31 -17.94 -25.43
CA SER A 477 8.00 -17.45 -25.01
C SER A 477 7.11 -18.59 -24.55
N PRO A 478 6.60 -18.57 -23.31
CA PRO A 478 5.70 -19.65 -22.86
C PRO A 478 4.42 -19.77 -23.66
N PHE A 479 3.88 -18.68 -24.20
CA PHE A 479 2.61 -18.72 -24.91
C PHE A 479 2.75 -19.11 -26.37
N GLN A 480 3.97 -19.35 -26.85
CA GLN A 480 4.17 -19.73 -28.25
C GLN A 480 3.50 -21.05 -28.63
N PRO A 481 3.61 -22.14 -27.86
CA PRO A 481 3.03 -23.41 -28.32
C PRO A 481 1.51 -23.41 -28.47
N LEU A 482 0.80 -22.47 -27.85
CA LEU A 482 -0.65 -22.40 -27.96
C LEU A 482 -1.02 -21.89 -29.35
N ARG A 483 -0.96 -22.81 -30.33
CA ARG A 483 -1.01 -22.40 -31.73
C ARG A 483 -2.39 -21.95 -32.17
N ASN A 484 -3.35 -21.84 -31.26
CA ASN A 484 -4.68 -21.38 -31.62
C ASN A 484 -5.28 -20.47 -30.54
N LEU A 485 -4.45 -19.76 -29.78
CA LEU A 485 -4.95 -18.91 -28.72
C LEU A 485 -5.75 -17.74 -29.30
N THR A 486 -6.79 -17.32 -28.58
CA THR A 486 -7.67 -16.26 -29.04
C THR A 486 -7.79 -15.10 -28.07
N ILE A 487 -7.90 -15.38 -26.76
CA ILE A 487 -8.08 -14.34 -25.75
C ILE A 487 -6.99 -14.47 -24.70
N LEU A 488 -6.32 -13.37 -24.40
CA LEU A 488 -5.30 -13.32 -23.35
C LEU A 488 -5.51 -12.08 -22.52
N ASP A 489 -5.49 -12.25 -21.19
CA ASP A 489 -5.66 -11.13 -20.27
C ASP A 489 -4.48 -11.13 -19.30
N LEU A 490 -3.77 -10.01 -19.26
CA LEU A 490 -2.60 -9.86 -18.40
C LEU A 490 -2.68 -8.54 -17.63
N SER A 491 -3.83 -8.26 -17.06
CA SER A 491 -4.05 -7.02 -16.34
C SER A 491 -3.73 -7.17 -14.85
N ASN A 492 -3.50 -6.02 -14.20
CA ASN A 492 -3.30 -5.95 -12.75
C ASN A 492 -2.15 -6.84 -12.29
N ASN A 493 -1.08 -6.90 -13.08
CA ASN A 493 0.04 -7.79 -12.79
C ASN A 493 1.33 -7.06 -12.46
N ASN A 494 1.41 -5.76 -12.75
CA ASN A 494 2.62 -4.97 -12.57
C ASN A 494 3.79 -5.57 -13.36
N ILE A 495 3.49 -6.04 -14.58
CA ILE A 495 4.51 -6.58 -15.47
C ILE A 495 5.43 -5.46 -15.89
N ALA A 496 6.74 -5.71 -15.84
CA ALA A 496 7.74 -4.70 -16.14
C ALA A 496 8.54 -4.96 -17.40
N ASN A 497 8.76 -6.23 -17.75
CA ASN A 497 9.59 -6.58 -18.90
C ASN A 497 8.86 -7.59 -19.78
N ILE A 498 8.89 -7.34 -21.08
CA ILE A 498 8.31 -8.23 -22.09
C ILE A 498 9.31 -8.31 -23.23
N ASN A 499 9.46 -9.49 -23.81
CA ASN A 499 10.39 -9.68 -24.93
C ASN A 499 9.71 -9.41 -26.26
N ASP A 500 10.54 -9.15 -27.27
CA ASP A 500 10.03 -8.89 -28.62
C ASP A 500 9.52 -10.17 -29.28
N ASP A 501 10.03 -11.33 -28.87
CA ASP A 501 9.62 -12.62 -29.42
C ASP A 501 8.60 -13.31 -28.52
N MET A 502 7.67 -12.54 -27.96
CA MET A 502 6.77 -13.06 -26.93
C MET A 502 5.51 -13.70 -27.48
N LEU A 503 4.98 -13.22 -28.60
CA LEU A 503 3.66 -13.61 -29.04
C LEU A 503 3.59 -13.99 -30.53
N GLU A 504 4.72 -14.31 -31.16
CA GLU A 504 4.68 -14.68 -32.56
C GLU A 504 4.06 -16.06 -32.74
N GLY A 505 3.46 -16.28 -33.90
CA GLY A 505 2.86 -17.56 -34.22
C GLY A 505 1.42 -17.73 -33.78
N LEU A 506 0.91 -16.84 -32.92
CA LEU A 506 -0.47 -16.92 -32.44
C LEU A 506 -1.34 -16.05 -33.35
N GLU A 507 -1.46 -16.49 -34.60
CA GLU A 507 -2.05 -15.66 -35.64
C GLU A 507 -3.52 -15.35 -35.38
N LYS A 508 -4.21 -16.18 -34.62
CA LYS A 508 -5.63 -16.01 -34.39
C LYS A 508 -5.93 -15.25 -33.10
N LEU A 509 -4.92 -14.72 -32.42
CA LEU A 509 -5.15 -13.96 -31.20
C LEU A 509 -5.99 -12.73 -31.50
N GLU A 510 -7.03 -12.51 -30.70
CA GLU A 510 -8.00 -11.44 -30.94
C GLU A 510 -8.07 -10.43 -29.81
N ILE A 511 -8.14 -10.88 -28.57
CA ILE A 511 -8.33 -10.01 -27.42
C ILE A 511 -7.08 -10.07 -26.55
N LEU A 512 -6.50 -8.91 -26.25
CA LEU A 512 -5.35 -8.81 -25.36
C LEU A 512 -5.59 -7.64 -24.41
N ASP A 513 -5.76 -7.93 -23.13
CA ASP A 513 -6.00 -6.93 -22.11
C ASP A 513 -4.76 -6.76 -21.25
N LEU A 514 -4.21 -5.55 -21.22
CA LEU A 514 -2.97 -5.26 -20.50
C LEU A 514 -3.11 -4.00 -19.65
N GLN A 515 -4.18 -3.89 -18.87
CA GLN A 515 -4.40 -2.66 -18.10
C GLN A 515 -3.78 -2.74 -16.70
N HIS A 516 -3.46 -1.57 -16.15
CA HIS A 516 -2.88 -1.43 -14.81
C HIS A 516 -1.59 -2.25 -14.67
N ASN A 517 -0.63 -1.96 -15.54
CA ASN A 517 0.69 -2.57 -15.47
C ASN A 517 1.74 -1.47 -15.45
N ASN A 518 3.02 -1.85 -15.55
CA ASN A 518 4.13 -0.89 -15.56
C ASN A 518 5.03 -1.19 -16.76
N LEU A 519 4.65 -0.68 -17.92
CA LEU A 519 5.43 -0.85 -19.14
C LEU A 519 5.99 0.49 -19.64
N ALA A 520 6.18 1.45 -18.74
CA ALA A 520 6.66 2.77 -19.15
C ALA A 520 8.05 2.68 -19.75
N ARG A 521 8.94 1.89 -19.15
CA ARG A 521 10.29 1.77 -19.66
C ARG A 521 10.33 1.05 -21.00
N LEU A 522 9.40 0.12 -21.24
CA LEU A 522 9.44 -0.72 -22.43
C LEU A 522 9.15 0.03 -23.71
N TRP A 523 8.67 1.27 -23.65
CA TRP A 523 8.34 2.01 -24.86
C TRP A 523 9.12 3.30 -25.04
N LYS A 524 9.69 3.86 -23.98
CA LYS A 524 10.52 5.06 -24.14
C LYS A 524 11.80 4.72 -24.88
N HIS A 525 12.21 5.63 -25.77
CA HIS A 525 13.39 5.41 -26.59
C HIS A 525 14.67 5.37 -25.76
N ALA A 526 14.66 5.94 -24.56
CA ALA A 526 15.84 5.93 -23.68
C ALA A 526 16.13 4.56 -23.11
N ASN A 527 15.23 3.59 -23.27
CA ASN A 527 15.48 2.24 -22.79
C ASN A 527 16.64 1.63 -23.57
N PRO A 528 17.58 0.97 -22.90
CA PRO A 528 18.66 0.29 -23.63
C PRO A 528 18.11 -0.78 -24.56
N GLY A 529 18.70 -0.87 -25.75
CA GLY A 529 18.23 -1.79 -26.76
C GLY A 529 17.04 -1.32 -27.56
N GLY A 530 16.52 -0.13 -27.29
CA GLY A 530 15.38 0.39 -27.99
C GLY A 530 14.07 -0.06 -27.37
N PRO A 531 12.96 0.58 -27.76
CA PRO A 531 11.66 0.15 -27.27
C PRO A 531 11.32 -1.26 -27.70
N ILE A 532 10.61 -1.98 -26.85
CA ILE A 532 10.22 -3.35 -27.14
C ILE A 532 9.00 -3.35 -28.05
N TYR A 533 9.12 -4.04 -29.19
CA TYR A 533 8.00 -4.18 -30.13
C TYR A 533 7.38 -5.55 -29.92
N PHE A 534 6.49 -5.63 -28.93
CA PHE A 534 5.92 -6.90 -28.48
C PHE A 534 4.53 -7.17 -29.05
N LEU A 535 4.07 -6.37 -30.01
CA LEU A 535 2.77 -6.56 -30.63
C LEU A 535 2.90 -6.81 -32.13
N LYS A 536 3.97 -7.49 -32.55
CA LYS A 536 4.22 -7.75 -33.96
C LYS A 536 3.83 -9.18 -34.31
N GLY A 537 3.10 -9.34 -35.40
CA GLY A 537 2.74 -10.65 -35.92
C GLY A 537 1.29 -11.04 -35.71
N LEU A 538 0.59 -10.42 -34.75
CA LEU A 538 -0.81 -10.76 -34.49
C LEU A 538 -1.68 -10.10 -35.56
N SER A 539 -1.90 -10.86 -36.65
CA SER A 539 -2.58 -10.32 -37.82
C SER A 539 -4.04 -9.98 -37.53
N HIS A 540 -4.73 -10.84 -36.76
CA HIS A 540 -6.18 -10.73 -36.60
C HIS A 540 -6.59 -10.22 -35.22
N LEU A 541 -5.77 -9.37 -34.60
CA LEU A 541 -6.13 -8.83 -33.30
C LEU A 541 -7.29 -7.85 -33.43
N HIS A 542 -8.23 -7.92 -32.49
CA HIS A 542 -9.43 -7.09 -32.53
C HIS A 542 -9.56 -6.19 -31.32
N ILE A 543 -9.35 -6.70 -30.11
CA ILE A 543 -9.55 -5.96 -28.87
C ILE A 543 -8.22 -5.84 -28.15
N LEU A 544 -7.83 -4.61 -27.83
CA LEU A 544 -6.60 -4.34 -27.10
C LEU A 544 -6.88 -3.35 -25.98
N ASN A 545 -6.38 -3.65 -24.78
CA ASN A 545 -6.57 -2.81 -23.61
C ASN A 545 -5.20 -2.45 -23.04
N LEU A 546 -4.85 -1.17 -23.09
CA LEU A 546 -3.53 -0.71 -22.62
C LEU A 546 -3.68 0.54 -21.77
N GLU A 547 -4.58 0.52 -20.80
CA GLU A 547 -4.77 1.68 -19.94
C GLU A 547 -4.02 1.55 -18.63
N SER A 548 -3.64 2.69 -18.06
CA SER A 548 -2.95 2.78 -16.78
C SER A 548 -1.62 2.02 -16.81
N ASN A 549 -0.77 2.37 -17.77
CA ASN A 549 0.52 1.72 -17.92
C ASN A 549 1.70 2.63 -17.59
N GLY A 550 1.49 3.94 -17.49
CA GLY A 550 2.60 4.85 -17.34
C GLY A 550 3.28 5.23 -18.63
N PHE A 551 2.69 4.90 -19.77
CA PHE A 551 3.28 5.23 -21.06
C PHE A 551 3.49 6.73 -21.21
N ASP A 552 4.68 7.11 -21.67
CA ASP A 552 4.97 8.50 -21.97
C ASP A 552 5.28 8.76 -23.44
N GLU A 553 5.68 7.74 -24.19
CA GLU A 553 5.95 7.88 -25.61
C GLU A 553 5.39 6.66 -26.34
N ILE A 554 5.21 6.81 -27.64
CA ILE A 554 4.64 5.77 -28.48
C ILE A 554 5.65 5.36 -29.56
N PRO A 555 6.15 4.13 -29.55
CA PRO A 555 6.91 3.66 -30.70
C PRO A 555 6.03 3.60 -31.94
N VAL A 556 6.58 4.04 -33.06
CA VAL A 556 5.77 4.29 -34.24
C VAL A 556 5.34 3.01 -34.96
N GLU A 557 6.02 1.89 -34.70
CA GLU A 557 5.77 0.66 -35.43
C GLU A 557 5.33 -0.48 -34.52
N VAL A 558 4.40 -0.22 -33.62
CA VAL A 558 3.82 -1.28 -32.81
C VAL A 558 2.47 -1.72 -33.36
N PHE A 559 1.62 -0.78 -33.73
CA PHE A 559 0.29 -1.08 -34.27
C PHE A 559 0.30 -1.23 -35.79
N LYS A 560 1.45 -1.56 -36.38
CA LYS A 560 1.55 -1.62 -37.83
C LYS A 560 1.03 -2.92 -38.42
N ASP A 561 0.88 -3.98 -37.60
CA ASP A 561 0.45 -5.27 -38.11
C ASP A 561 -0.98 -5.64 -37.75
N LEU A 562 -1.64 -4.84 -36.91
CA LEU A 562 -3.03 -5.10 -36.51
C LEU A 562 -3.93 -4.56 -37.61
N PHE A 563 -4.03 -5.33 -38.70
CA PHE A 563 -4.76 -4.88 -39.87
C PHE A 563 -6.27 -4.83 -39.65
N GLU A 564 -6.79 -5.54 -38.64
CA GLU A 564 -8.22 -5.64 -38.41
C GLU A 564 -8.62 -5.18 -37.02
N LEU A 565 -7.80 -4.33 -36.38
CA LEU A 565 -8.09 -3.89 -35.03
C LEU A 565 -9.37 -3.05 -34.99
N LYS A 566 -10.15 -3.24 -33.93
CA LYS A 566 -11.41 -2.53 -33.77
C LYS A 566 -11.53 -1.78 -32.45
N ILE A 567 -11.05 -2.36 -31.36
CA ILE A 567 -11.20 -1.77 -30.03
C ILE A 567 -9.82 -1.63 -29.40
N ILE A 568 -9.43 -0.39 -29.11
CA ILE A 568 -8.15 -0.09 -28.47
C ILE A 568 -8.41 0.86 -27.32
N ASP A 569 -7.64 0.69 -26.23
CA ASP A 569 -7.86 1.44 -24.99
C ASP A 569 -6.54 1.98 -24.50
N LEU A 570 -6.41 3.31 -24.43
CA LEU A 570 -5.21 3.96 -23.92
C LEU A 570 -5.56 4.99 -22.85
N GLY A 571 -6.49 4.67 -21.95
CA GLY A 571 -6.82 5.57 -20.87
C GLY A 571 -5.78 5.55 -19.76
N LEU A 572 -5.97 6.45 -18.79
CA LEU A 572 -5.23 6.46 -17.52
C LEU A 572 -3.71 6.47 -17.71
N ASN A 573 -3.25 6.89 -18.89
CA ASN A 573 -1.84 6.86 -19.23
C ASN A 573 -1.19 8.20 -18.89
N ASN A 574 0.05 8.37 -19.34
CA ASN A 574 0.80 9.61 -19.17
C ASN A 574 1.20 10.20 -20.52
N LEU A 575 0.48 9.85 -21.57
CA LEU A 575 0.81 10.34 -22.91
C LEU A 575 0.53 11.83 -23.01
N ASN A 576 1.48 12.58 -23.57
CA ASN A 576 1.34 14.01 -23.76
C ASN A 576 1.34 14.41 -25.22
N THR A 577 2.33 13.99 -25.99
CA THR A 577 2.34 14.17 -27.44
C THR A 577 2.59 12.83 -28.10
N LEU A 578 2.02 12.66 -29.29
CA LEU A 578 2.12 11.39 -29.99
C LEU A 578 2.77 11.57 -31.36
N PRO A 579 3.60 10.63 -31.79
CA PRO A 579 4.16 10.71 -33.14
C PRO A 579 3.12 10.40 -34.20
N ALA A 580 3.26 11.09 -35.33
CA ALA A 580 2.28 10.96 -36.40
C ALA A 580 2.41 9.62 -37.11
N SER A 581 1.35 9.26 -37.85
CA SER A 581 1.29 8.07 -38.70
C SER A 581 1.57 6.80 -37.88
N VAL A 582 0.68 6.52 -36.94
CA VAL A 582 0.75 5.33 -36.12
C VAL A 582 -0.43 4.40 -36.35
N PHE A 583 -1.62 4.95 -36.56
CA PHE A 583 -2.84 4.17 -36.77
C PHE A 583 -3.20 4.04 -38.25
N ASN A 584 -2.20 3.95 -39.12
CA ASN A 584 -2.46 3.90 -40.55
C ASN A 584 -3.12 2.59 -40.96
N ASN A 585 -2.59 1.47 -40.49
CA ASN A 585 -3.09 0.16 -40.91
C ASN A 585 -4.39 -0.25 -40.21
N GLN A 586 -4.82 0.49 -39.20
CA GLN A 586 -6.08 0.19 -38.51
C GLN A 586 -7.23 0.78 -39.32
N VAL A 587 -7.59 0.08 -40.39
CA VAL A 587 -8.56 0.59 -41.35
C VAL A 587 -9.98 0.59 -40.82
N SER A 588 -10.25 -0.12 -39.74
CA SER A 588 -11.62 -0.25 -39.22
C SER A 588 -11.65 -0.13 -37.70
N LEU A 589 -10.91 0.84 -37.15
CA LEU A 589 -10.95 1.07 -35.71
C LEU A 589 -12.33 1.56 -35.28
N LYS A 590 -12.86 0.98 -34.22
CA LYS A 590 -14.21 1.30 -33.76
C LYS A 590 -14.24 2.06 -32.45
N SER A 591 -13.53 1.58 -31.43
CA SER A 591 -13.58 2.17 -30.09
C SER A 591 -12.19 2.62 -29.68
N LEU A 592 -12.05 3.93 -29.44
CA LEU A 592 -10.80 4.52 -28.96
C LEU A 592 -11.06 5.19 -27.61
N ASN A 593 -10.34 4.76 -26.59
CA ASN A 593 -10.53 5.22 -25.21
C ASN A 593 -9.23 5.88 -24.76
N LEU A 594 -9.25 7.20 -24.62
CA LEU A 594 -8.07 7.98 -24.23
C LEU A 594 -8.40 8.90 -23.07
N GLN A 595 -9.09 8.38 -22.06
CA GLN A 595 -9.50 9.19 -20.93
C GLN A 595 -8.37 9.33 -19.90
N LYS A 596 -8.46 10.39 -19.11
CA LYS A 596 -7.57 10.63 -17.97
C LYS A 596 -6.10 10.55 -18.37
N ASN A 597 -5.77 11.21 -19.48
CA ASN A 597 -4.42 11.29 -19.99
C ASN A 597 -3.85 12.69 -19.76
N LEU A 598 -2.67 12.92 -20.31
CA LEU A 598 -2.05 14.24 -20.32
C LEU A 598 -2.03 14.85 -21.72
N ILE A 599 -2.98 14.45 -22.57
CA ILE A 599 -3.01 14.92 -23.95
C ILE A 599 -3.35 16.40 -23.98
N THR A 600 -2.54 17.17 -24.71
CA THR A 600 -2.73 18.60 -24.84
C THR A 600 -3.00 19.06 -26.26
N SER A 601 -2.82 18.19 -27.26
CA SER A 601 -3.04 18.56 -28.65
C SER A 601 -3.40 17.33 -29.45
N VAL A 602 -4.58 17.35 -30.07
CA VAL A 602 -5.02 16.30 -30.99
C VAL A 602 -5.22 16.94 -32.35
N GLU A 603 -4.56 16.37 -33.37
CA GLU A 603 -4.61 16.93 -34.71
C GLU A 603 -4.41 15.83 -35.74
N LYS A 604 -4.55 16.20 -37.02
CA LYS A 604 -4.93 15.23 -38.06
C LYS A 604 -3.84 14.21 -38.36
N LYS A 605 -2.58 14.64 -38.48
CA LYS A 605 -1.58 13.73 -39.02
C LYS A 605 -1.24 12.58 -38.09
N VAL A 606 -1.70 12.61 -36.83
CA VAL A 606 -1.50 11.51 -35.90
C VAL A 606 -2.79 10.74 -35.65
N PHE A 607 -3.92 11.42 -35.55
CA PHE A 607 -5.19 10.79 -35.20
C PHE A 607 -6.18 10.76 -36.35
N GLY A 608 -5.78 11.20 -37.55
CA GLY A 608 -6.65 11.22 -38.70
C GLY A 608 -7.15 9.84 -39.09
N PRO A 609 -6.23 8.95 -39.46
CA PRO A 609 -6.63 7.56 -39.75
C PRO A 609 -7.31 6.87 -38.57
N ALA A 610 -6.98 7.28 -37.34
CA ALA A 610 -7.69 6.75 -36.18
C ALA A 610 -9.14 7.22 -36.16
N PHE A 611 -9.38 8.48 -36.52
CA PHE A 611 -10.73 9.04 -36.56
C PHE A 611 -11.42 8.84 -37.91
N ARG A 612 -11.03 7.81 -38.67
CA ARG A 612 -11.58 7.61 -40.00
C ARG A 612 -13.05 7.20 -39.93
N ASN A 613 -13.33 6.07 -39.29
CA ASN A 613 -14.70 5.58 -39.18
C ASN A 613 -14.81 4.81 -37.85
N LEU A 614 -15.23 5.51 -36.81
CA LEU A 614 -15.31 4.97 -35.46
C LEU A 614 -16.76 4.76 -35.05
N THR A 615 -16.94 4.32 -33.80
CA THR A 615 -18.26 4.23 -33.20
C THR A 615 -18.32 4.77 -31.78
N GLU A 616 -17.19 5.01 -31.12
CA GLU A 616 -17.18 5.46 -29.74
C GLU A 616 -15.83 6.06 -29.42
N LEU A 617 -15.83 7.23 -28.80
CA LEU A 617 -14.60 7.89 -28.37
C LEU A 617 -14.73 8.22 -26.89
N ASP A 618 -13.66 7.96 -26.14
CA ASP A 618 -13.63 8.23 -24.70
C ASP A 618 -12.42 9.11 -24.41
N MET A 619 -12.66 10.42 -24.33
CA MET A 619 -11.61 11.41 -24.08
C MET A 619 -12.06 12.40 -23.01
N ARG A 620 -12.56 11.87 -21.90
CA ARG A 620 -13.27 12.69 -20.92
C ARG A 620 -12.34 13.68 -20.22
N PHE A 621 -11.37 13.17 -19.45
CA PHE A 621 -10.55 14.03 -18.59
C PHE A 621 -9.19 14.26 -19.24
N ASN A 622 -9.15 15.25 -20.13
CA ASN A 622 -7.93 15.62 -20.83
C ASN A 622 -7.64 17.10 -20.65
N PRO A 623 -6.45 17.47 -20.21
CA PRO A 623 -6.09 18.89 -20.20
C PRO A 623 -5.77 19.40 -21.59
N PHE A 624 -6.80 19.75 -22.36
CA PHE A 624 -6.60 20.29 -23.70
C PHE A 624 -6.04 21.71 -23.62
N ASP A 625 -5.37 22.10 -24.69
CA ASP A 625 -4.90 23.47 -24.87
C ASP A 625 -5.74 24.11 -25.98
N CYS A 626 -6.60 25.05 -25.59
CA CYS A 626 -7.49 25.71 -26.54
C CYS A 626 -6.70 26.64 -27.44
N THR A 627 -6.26 26.14 -28.59
CA THR A 627 -5.49 26.90 -29.56
C THR A 627 -5.74 26.32 -30.93
N CYS A 628 -5.81 27.19 -31.94
CA CYS A 628 -6.13 26.75 -33.30
C CYS A 628 -5.15 25.73 -33.85
N GLU A 629 -3.93 25.68 -33.29
CA GLU A 629 -2.99 24.64 -33.66
C GLU A 629 -3.28 23.31 -32.96
N SER A 630 -4.11 23.31 -31.92
CA SER A 630 -4.28 22.13 -31.08
C SER A 630 -5.72 21.69 -30.86
N ILE A 631 -6.70 22.55 -31.08
CA ILE A 631 -8.10 22.18 -30.82
C ILE A 631 -9.01 22.41 -32.02
N ALA A 632 -8.57 23.21 -32.99
CA ALA A 632 -9.43 23.62 -34.08
C ALA A 632 -9.86 22.43 -34.93
N TRP A 633 -8.91 21.57 -35.30
CA TRP A 633 -9.29 20.40 -36.09
C TRP A 633 -10.13 19.44 -35.28
N PHE A 634 -9.88 19.34 -33.97
CA PHE A 634 -10.67 18.45 -33.14
C PHE A 634 -12.12 18.91 -33.04
N VAL A 635 -12.34 20.21 -32.78
CA VAL A 635 -13.72 20.69 -32.70
C VAL A 635 -14.38 20.69 -34.08
N ASN A 636 -13.58 20.86 -35.13
CA ASN A 636 -14.11 20.67 -36.48
C ASN A 636 -14.63 19.26 -36.67
N TRP A 637 -13.88 18.27 -36.18
CA TRP A 637 -14.33 16.88 -36.28
C TRP A 637 -15.55 16.62 -35.40
N ILE A 638 -15.62 17.26 -34.23
CA ILE A 638 -16.76 17.05 -33.33
C ILE A 638 -18.04 17.64 -33.92
N ASN A 639 -17.93 18.81 -34.57
CA ASN A 639 -19.12 19.57 -34.93
C ASN A 639 -20.05 18.75 -35.83
N GLU A 640 -19.50 18.05 -36.81
CA GLU A 640 -20.25 17.08 -37.59
C GLU A 640 -19.64 15.70 -37.35
N THR A 641 -20.46 14.79 -36.81
CA THR A 641 -20.01 13.46 -36.44
C THR A 641 -21.22 12.56 -36.22
N HIS A 642 -20.95 11.25 -36.17
CA HIS A 642 -21.96 10.27 -35.83
C HIS A 642 -21.49 9.30 -34.74
N THR A 643 -20.28 9.50 -34.21
CA THR A 643 -19.74 8.59 -33.22
C THR A 643 -20.42 8.79 -31.86
N ASN A 644 -20.65 7.68 -31.17
CA ASN A 644 -21.26 7.71 -29.84
C ASN A 644 -20.21 8.15 -28.83
N ILE A 645 -20.18 9.44 -28.52
CA ILE A 645 -19.15 10.01 -27.64
C ILE A 645 -19.84 10.50 -26.37
N PRO A 646 -19.57 9.89 -25.21
CA PRO A 646 -20.25 10.27 -23.98
C PRO A 646 -19.66 11.51 -23.32
N GLU A 647 -20.54 12.28 -22.67
CA GLU A 647 -20.16 13.35 -21.76
C GLU A 647 -19.27 14.39 -22.44
N LEU A 648 -19.62 14.74 -23.68
CA LEU A 648 -18.81 15.71 -24.42
C LEU A 648 -18.96 17.12 -23.84
N SER A 649 -20.15 17.47 -23.36
CA SER A 649 -20.43 18.82 -22.89
C SER A 649 -20.15 19.01 -21.40
N SER A 650 -19.66 17.98 -20.72
CA SER A 650 -19.41 18.05 -19.28
C SER A 650 -17.94 18.05 -18.92
N HIS A 651 -17.12 17.22 -19.56
CA HIS A 651 -15.74 17.04 -19.16
C HIS A 651 -14.71 17.43 -20.21
N TYR A 652 -15.11 17.79 -21.42
CA TYR A 652 -14.18 18.18 -22.49
C TYR A 652 -13.85 19.66 -22.32
N LEU A 653 -12.99 19.95 -21.34
CA LEU A 653 -12.63 21.31 -20.98
C LEU A 653 -11.12 21.49 -21.06
N CYS A 654 -10.70 22.63 -21.58
CA CYS A 654 -9.28 22.92 -21.76
C CYS A 654 -8.60 23.16 -20.41
N ASN A 655 -7.29 23.37 -20.46
CA ASN A 655 -6.49 23.71 -19.29
C ASN A 655 -5.76 25.04 -19.42
N THR A 656 -5.06 25.27 -20.53
CA THR A 656 -4.36 26.50 -20.82
C THR A 656 -4.73 26.97 -22.22
N PRO A 657 -4.72 28.28 -22.48
CA PRO A 657 -4.43 29.44 -21.61
C PRO A 657 -5.57 29.72 -20.65
N PRO A 658 -5.33 30.51 -19.59
CA PRO A 658 -6.39 30.76 -18.60
C PRO A 658 -7.62 31.45 -19.16
N HIS A 659 -7.50 32.16 -20.30
CA HIS A 659 -8.68 32.81 -20.87
C HIS A 659 -9.72 31.81 -21.31
N TYR A 660 -9.29 30.65 -21.82
CA TYR A 660 -10.20 29.61 -22.29
C TYR A 660 -10.18 28.39 -21.35
N HIS A 661 -9.89 28.61 -20.07
CA HIS A 661 -9.89 27.52 -19.10
C HIS A 661 -11.33 27.06 -18.84
N GLY A 662 -11.61 25.82 -19.20
CA GLY A 662 -12.91 25.22 -18.93
C GLY A 662 -13.98 25.49 -19.97
N PHE A 663 -13.71 26.29 -20.98
CA PHE A 663 -14.69 26.59 -22.01
C PHE A 663 -14.60 25.56 -23.12
N PRO A 664 -15.66 24.79 -23.39
CA PRO A 664 -15.68 23.75 -24.43
C PRO A 664 -15.44 24.31 -25.83
N THR B 6 45.79 25.13 -11.77
CA THR B 6 46.74 25.68 -10.81
C THR B 6 46.31 27.07 -10.34
N VAL B 7 45.11 27.14 -9.77
CA VAL B 7 44.60 28.41 -9.27
C VAL B 7 45.35 28.81 -8.01
N SER B 8 45.72 30.09 -7.91
CA SER B 8 46.46 30.58 -6.76
C SER B 8 46.24 32.08 -6.65
N HIS B 9 45.59 32.51 -5.56
CA HIS B 9 45.38 33.92 -5.26
C HIS B 9 46.10 34.36 -4.00
N GLU B 10 45.92 33.64 -2.91
CA GLU B 10 46.68 33.80 -1.67
C GLU B 10 47.31 32.50 -1.22
N VAL B 11 46.62 31.38 -1.41
CA VAL B 11 47.17 30.05 -1.18
C VAL B 11 47.28 29.34 -2.52
N ALA B 12 48.21 28.40 -2.62
CA ALA B 12 48.47 27.66 -3.85
C ALA B 12 48.09 26.20 -3.65
N ASP B 13 47.29 25.68 -4.57
CA ASP B 13 46.84 24.30 -4.55
C ASP B 13 47.12 23.65 -5.89
N CYS B 14 47.74 22.47 -5.86
CA CYS B 14 48.06 21.71 -7.07
C CYS B 14 47.69 20.24 -6.88
N SER B 15 46.53 19.98 -6.30
CA SER B 15 46.08 18.61 -6.05
C SER B 15 45.31 18.09 -7.26
N HIS B 16 45.63 16.85 -7.66
CA HIS B 16 45.00 16.18 -8.80
C HIS B 16 45.29 16.88 -10.12
N LEU B 17 46.50 17.44 -10.26
CA LEU B 17 46.96 17.97 -11.54
C LEU B 17 48.04 17.11 -12.19
N LYS B 18 48.59 16.14 -11.47
CA LYS B 18 49.61 15.22 -11.97
C LYS B 18 50.86 15.98 -12.45
N LEU B 19 51.48 16.69 -11.52
CA LEU B 19 52.68 17.44 -11.85
C LEU B 19 53.90 16.51 -12.00
N THR B 20 54.89 16.98 -12.74
CA THR B 20 56.20 16.34 -12.82
C THR B 20 57.30 17.15 -12.16
N GLN B 21 57.28 18.48 -12.32
CA GLN B 21 58.21 19.37 -11.65
C GLN B 21 57.43 20.56 -11.10
N VAL B 22 58.04 21.27 -10.16
CA VAL B 22 57.38 22.40 -9.53
C VAL B 22 57.17 23.51 -10.54
N PRO B 23 56.06 24.24 -10.49
CA PRO B 23 55.86 25.36 -11.42
C PRO B 23 56.80 26.52 -11.09
N ASP B 24 57.19 27.26 -12.12
CA ASP B 24 58.10 28.38 -11.99
C ASP B 24 57.40 29.72 -12.06
N ASP B 25 56.07 29.75 -12.13
CA ASP B 25 55.30 30.99 -12.30
C ASP B 25 54.20 31.04 -11.24
N LEU B 26 54.55 31.53 -10.06
CA LEU B 26 53.62 31.82 -8.98
C LEU B 26 54.01 33.15 -8.34
N PRO B 27 53.07 33.83 -7.69
CA PRO B 27 53.42 35.00 -6.89
C PRO B 27 54.54 34.73 -5.90
N THR B 28 55.42 35.72 -5.75
CA THR B 28 56.55 35.58 -4.85
C THR B 28 56.11 35.55 -3.38
N ASN B 29 55.01 36.24 -3.06
CA ASN B 29 54.56 36.37 -1.68
C ASN B 29 53.58 35.28 -1.26
N ILE B 30 53.67 34.09 -1.86
CA ILE B 30 52.78 32.99 -1.48
C ILE B 30 53.19 32.46 -0.13
N THR B 31 52.18 32.14 0.71
CA THR B 31 52.42 31.58 2.02
C THR B 31 52.09 30.11 2.14
N VAL B 32 51.13 29.62 1.38
CA VAL B 32 50.72 28.21 1.41
C VAL B 32 50.95 27.61 0.04
N LEU B 33 51.65 26.48 -0.01
CA LEU B 33 51.98 25.81 -1.25
C LEU B 33 51.60 24.34 -1.13
N ASN B 34 50.60 23.91 -1.90
CA ASN B 34 50.10 22.54 -1.87
C ASN B 34 50.42 21.86 -3.19
N LEU B 35 51.07 20.69 -3.12
CA LEU B 35 51.42 19.90 -4.29
C LEU B 35 51.13 18.43 -4.06
N THR B 36 50.00 18.13 -3.42
CA THR B 36 49.62 16.74 -3.21
C THR B 36 49.15 16.11 -4.51
N HIS B 37 49.20 14.77 -4.54
CA HIS B 37 48.76 13.96 -5.68
C HIS B 37 49.52 14.35 -6.95
N ASN B 38 50.85 14.28 -6.86
CA ASN B 38 51.71 14.57 -8.00
C ASN B 38 52.69 13.43 -8.24
N GLN B 39 53.64 13.64 -9.15
CA GLN B 39 54.62 12.62 -9.51
C GLN B 39 56.02 13.21 -9.52
N LEU B 40 56.35 13.97 -8.47
CA LEU B 40 57.66 14.60 -8.36
C LEU B 40 58.68 13.56 -7.93
N ARG B 41 59.46 13.05 -8.88
CA ARG B 41 60.50 12.07 -8.56
C ARG B 41 61.59 12.68 -7.70
N ARG B 42 61.96 13.94 -7.98
CA ARG B 42 62.97 14.64 -7.20
C ARG B 42 62.55 16.10 -7.06
N LEU B 43 63.10 16.75 -6.03
CA LEU B 43 62.78 18.14 -5.72
C LEU B 43 64.07 18.94 -5.62
N PRO B 44 64.60 19.42 -6.74
CA PRO B 44 65.77 20.30 -6.68
C PRO B 44 65.42 21.62 -6.02
N ALA B 45 66.40 22.18 -5.30
CA ALA B 45 66.21 23.46 -4.63
C ALA B 45 66.44 24.66 -5.56
N ALA B 46 67.06 24.44 -6.73
CA ALA B 46 67.35 25.54 -7.63
C ALA B 46 66.10 26.20 -8.18
N ASN B 47 64.96 25.51 -8.17
CA ASN B 47 63.71 26.10 -8.59
C ASN B 47 63.00 26.84 -7.47
N PHE B 48 63.56 26.83 -6.26
CA PHE B 48 62.96 27.51 -5.11
C PHE B 48 63.47 28.93 -4.92
N THR B 49 64.29 29.43 -5.84
CA THR B 49 64.80 30.79 -5.71
C THR B 49 63.68 31.82 -5.79
N ARG B 50 62.70 31.59 -6.67
CA ARG B 50 61.58 32.51 -6.79
C ARG B 50 60.73 32.53 -5.52
N TYR B 51 60.52 31.37 -4.91
CA TYR B 51 59.68 31.26 -3.72
C TYR B 51 60.55 31.49 -2.48
N SER B 52 60.54 32.72 -1.98
CA SER B 52 61.34 33.10 -0.83
C SER B 52 60.48 33.66 0.31
N GLN B 53 59.17 33.42 0.27
CA GLN B 53 58.28 33.89 1.33
C GLN B 53 57.29 32.81 1.76
N LEU B 54 57.64 31.54 1.56
CA LEU B 54 56.74 30.45 1.89
C LEU B 54 56.65 30.23 3.39
N THR B 55 55.48 29.79 3.84
CA THR B 55 55.25 29.39 5.22
C THR B 55 54.81 27.95 5.36
N SER B 56 54.06 27.42 4.39
CA SER B 56 53.60 26.04 4.40
C SER B 56 54.06 25.35 3.12
N LEU B 57 54.54 24.12 3.26
CA LEU B 57 54.99 23.31 2.13
C LEU B 57 54.32 21.95 2.22
N ASP B 58 53.14 21.83 1.61
CA ASP B 58 52.33 20.62 1.66
C ASP B 58 52.53 19.86 0.35
N VAL B 59 53.54 18.99 0.31
CA VAL B 59 53.92 18.31 -0.92
C VAL B 59 53.83 16.80 -0.75
N GLY B 60 52.88 16.33 0.05
CA GLY B 60 52.71 14.92 0.28
C GLY B 60 52.20 14.19 -0.95
N PHE B 61 52.07 12.87 -0.80
CA PHE B 61 51.60 11.97 -1.86
C PHE B 61 52.46 12.07 -3.12
N ASN B 62 53.76 12.13 -2.95
CA ASN B 62 54.69 12.24 -4.07
C ASN B 62 55.68 11.07 -4.04
N THR B 63 56.66 11.12 -4.93
CA THR B 63 57.68 10.09 -5.04
C THR B 63 59.07 10.72 -4.95
N ILE B 64 59.24 11.62 -3.98
CA ILE B 64 60.51 12.32 -3.82
C ILE B 64 61.55 11.39 -3.22
N SER B 65 62.71 11.29 -3.87
CA SER B 65 63.75 10.38 -3.42
C SER B 65 64.52 10.97 -2.24
N LYS B 66 65.18 12.11 -2.47
CA LYS B 66 66.03 12.72 -1.44
C LYS B 66 65.87 14.24 -1.51
N LEU B 67 66.24 14.88 -0.41
CA LEU B 67 66.23 16.33 -0.29
C LEU B 67 67.64 16.84 -0.08
N GLU B 68 67.81 18.16 -0.23
CA GLU B 68 69.11 18.79 -0.09
C GLU B 68 69.02 19.96 0.87
N PRO B 69 70.10 20.26 1.59
CA PRO B 69 70.07 21.36 2.56
C PRO B 69 69.82 22.73 1.95
N GLU B 70 70.10 22.90 0.66
CA GLU B 70 69.93 24.21 0.02
C GLU B 70 68.47 24.65 0.04
N LEU B 71 67.53 23.69 0.06
CA LEU B 71 66.11 24.05 0.19
C LEU B 71 65.84 24.85 1.45
N CYS B 72 66.61 24.58 2.51
CA CYS B 72 66.46 25.35 3.74
C CYS B 72 66.88 26.80 3.55
N GLN B 73 67.86 27.06 2.68
CA GLN B 73 68.29 28.42 2.42
C GLN B 73 67.20 29.22 1.73
N LYS B 74 66.44 28.57 0.84
CA LYS B 74 65.46 29.33 0.06
C LYS B 74 64.20 29.60 0.86
N LEU B 75 64.02 28.89 1.97
CA LEU B 75 62.83 29.03 2.83
C LEU B 75 63.27 29.24 4.26
N PRO B 76 63.63 30.47 4.65
CA PRO B 76 64.09 30.69 6.03
C PRO B 76 62.96 30.93 7.02
N MET B 77 61.77 31.28 6.52
CA MET B 77 60.62 31.52 7.38
C MET B 77 59.57 30.42 7.26
N LEU B 78 59.96 29.25 6.74
CA LEU B 78 59.03 28.14 6.57
C LEU B 78 58.57 27.63 7.92
N LYS B 79 57.28 27.32 8.01
CA LYS B 79 56.67 26.84 9.25
C LYS B 79 56.31 25.37 9.20
N VAL B 80 55.71 24.92 8.11
CA VAL B 80 55.20 23.56 7.98
C VAL B 80 55.93 22.87 6.84
N LEU B 81 56.47 21.69 7.11
CA LEU B 81 57.10 20.85 6.10
C LEU B 81 56.36 19.52 6.09
N ASN B 82 55.48 19.35 5.11
CA ASN B 82 54.61 18.17 5.03
C ASN B 82 55.18 17.21 3.99
N LEU B 83 55.57 16.02 4.44
CA LEU B 83 56.24 15.04 3.57
C LEU B 83 55.65 13.65 3.78
N GLN B 84 54.33 13.54 3.77
CA GLN B 84 53.71 12.22 3.89
C GLN B 84 53.91 11.42 2.60
N HIS B 85 54.12 10.11 2.77
CA HIS B 85 54.15 9.15 1.68
C HIS B 85 55.24 9.48 0.65
N ASN B 86 56.49 9.45 1.11
CA ASN B 86 57.63 9.70 0.22
C ASN B 86 58.73 8.70 0.52
N GLU B 87 59.79 8.75 -0.27
CA GLU B 87 60.87 7.76 -0.22
C GLU B 87 62.14 8.32 0.41
N LEU B 88 62.01 9.18 1.41
CA LEU B 88 63.17 9.73 2.12
C LEU B 88 63.65 8.72 3.16
N SER B 89 64.26 7.64 2.66
CA SER B 89 64.67 6.53 3.51
C SER B 89 65.95 6.80 4.29
N GLN B 90 66.62 7.92 4.02
CA GLN B 90 67.86 8.28 4.71
C GLN B 90 67.71 9.65 5.33
N LEU B 91 68.11 9.78 6.60
CA LEU B 91 68.14 11.05 7.29
C LEU B 91 69.50 11.25 7.94
N SER B 92 69.95 12.51 7.95
CA SER B 92 71.24 12.86 8.50
C SER B 92 71.11 14.17 9.27
N ASP B 93 72.22 14.59 9.90
CA ASP B 93 72.23 15.85 10.62
C ASP B 93 72.02 17.03 9.68
N ASP B 94 72.65 16.98 8.49
CA ASP B 94 72.54 18.07 7.52
C ASP B 94 71.19 18.10 6.80
N THR B 95 70.37 17.05 6.96
CA THR B 95 69.09 17.02 6.26
C THR B 95 68.14 18.10 6.77
N PHE B 96 68.11 18.30 8.10
CA PHE B 96 67.28 19.32 8.72
C PHE B 96 68.12 20.27 9.55
N ALA B 97 69.35 20.52 9.10
CA ALA B 97 70.26 21.38 9.87
C ALA B 97 69.91 22.86 9.69
N PHE B 98 69.99 23.35 8.46
CA PHE B 98 69.81 24.78 8.23
C PHE B 98 68.38 25.24 8.47
N CYS B 99 67.41 24.32 8.43
CA CYS B 99 66.04 24.65 8.78
C CYS B 99 65.90 24.67 10.29
N THR B 100 65.74 25.86 10.86
CA THR B 100 65.61 26.00 12.32
C THR B 100 64.34 26.71 12.74
N ASN B 101 63.65 27.41 11.84
CA ASN B 101 62.41 28.10 12.16
C ASN B 101 61.19 27.24 11.92
N LEU B 102 61.37 26.00 11.48
CA LEU B 102 60.25 25.10 11.24
C LEU B 102 59.55 24.76 12.55
N THR B 103 58.22 24.68 12.50
CA THR B 103 57.42 24.31 13.66
C THR B 103 56.55 23.09 13.43
N GLU B 104 56.57 22.52 12.22
CA GLU B 104 55.77 21.34 11.91
C GLU B 104 56.57 20.44 10.99
N LEU B 105 56.45 19.13 11.21
CA LEU B 105 57.21 18.16 10.43
C LEU B 105 56.42 16.85 10.37
N HIS B 106 55.87 16.56 9.21
CA HIS B 106 55.14 15.31 8.99
C HIS B 106 56.01 14.37 8.15
N LEU B 107 56.26 13.18 8.68
CA LEU B 107 57.01 12.15 7.97
C LEU B 107 56.21 10.85 7.97
N MET B 108 54.89 10.95 7.81
CA MET B 108 54.03 9.79 7.82
C MET B 108 54.23 8.95 6.57
N SER B 109 54.29 7.63 6.77
CA SER B 109 54.38 6.65 5.67
C SER B 109 55.59 6.92 4.77
N ASN B 110 56.71 7.28 5.39
CA ASN B 110 57.91 7.64 4.65
C ASN B 110 58.88 6.47 4.48
N SER B 111 58.52 5.29 5.00
CA SER B 111 59.33 4.08 4.87
C SER B 111 60.75 4.27 5.42
N ILE B 112 60.86 5.01 6.52
CA ILE B 112 62.15 5.25 7.13
C ILE B 112 62.56 4.02 7.94
N GLN B 113 63.80 3.56 7.71
CA GLN B 113 64.27 2.34 8.35
C GLN B 113 64.87 2.63 9.73
N LYS B 114 65.91 3.47 9.77
CA LYS B 114 66.63 3.70 11.02
C LYS B 114 67.11 5.14 11.09
N ILE B 115 67.10 5.70 12.29
CA ILE B 115 67.68 7.01 12.54
C ILE B 115 69.14 6.81 12.95
N ASP B 116 70.07 7.43 12.19
CA ASP B 116 71.47 7.05 12.33
C ASP B 116 72.14 7.74 13.51
N ASN B 117 72.35 9.06 13.44
CA ASN B 117 73.08 9.74 14.50
C ASN B 117 72.27 10.83 15.19
N ASN B 118 71.89 11.89 14.47
CA ASN B 118 71.35 13.09 15.10
C ASN B 118 70.66 13.99 14.07
N PRO B 119 69.48 13.63 13.58
CA PRO B 119 68.88 14.41 12.47
C PRO B 119 68.14 15.67 12.92
N PHE B 120 67.68 15.73 14.17
CA PHE B 120 66.79 16.80 14.60
C PHE B 120 67.33 17.64 15.75
N VAL B 121 68.63 17.50 16.06
CA VAL B 121 69.16 18.11 17.27
C VAL B 121 69.22 19.63 17.15
N ASP B 122 69.71 20.14 16.02
CA ASP B 122 70.10 21.54 15.96
C ASP B 122 68.91 22.50 15.92
N GLN B 123 67.73 22.04 15.50
CA GLN B 123 66.55 22.90 15.49
C GLN B 123 65.70 22.63 16.72
N LYS B 124 64.98 23.66 17.17
CA LYS B 124 64.26 23.59 18.44
C LYS B 124 62.86 24.17 18.40
N ASN B 125 62.40 24.68 17.26
CA ASN B 125 61.08 25.32 17.16
C ASN B 125 59.97 24.34 16.82
N LEU B 126 60.28 23.05 16.70
CA LEU B 126 59.25 22.07 16.41
C LEU B 126 58.32 21.88 17.60
N ILE B 127 57.02 21.81 17.32
CA ILE B 127 56.02 21.54 18.33
C ILE B 127 55.39 20.16 18.17
N THR B 128 55.27 19.66 16.94
CA THR B 128 54.70 18.36 16.65
C THR B 128 55.62 17.61 15.70
N LEU B 129 55.95 16.38 16.04
CA LEU B 129 56.76 15.51 15.19
C LEU B 129 55.96 14.27 14.84
N ASP B 130 55.89 13.96 13.55
CA ASP B 130 55.11 12.84 13.05
C ASP B 130 56.02 11.81 12.39
N LEU B 131 55.91 10.56 12.82
CA LEU B 131 56.69 9.47 12.23
C LEU B 131 55.82 8.23 12.06
N SER B 132 54.60 8.40 11.58
CA SER B 132 53.66 7.29 11.49
C SER B 132 53.90 6.45 10.24
N HIS B 133 53.45 5.19 10.29
CA HIS B 133 53.51 4.26 9.17
C HIS B 133 54.92 4.08 8.63
N ASN B 134 55.90 4.04 9.52
CA ASN B 134 57.29 3.90 9.13
C ASN B 134 57.85 2.56 9.55
N GLY B 135 59.08 2.29 9.13
CA GLY B 135 59.72 1.02 9.40
C GLY B 135 60.68 1.06 10.58
N LEU B 136 60.51 2.04 11.46
CA LEU B 136 61.38 2.16 12.62
C LEU B 136 61.19 0.97 13.55
N SER B 137 62.31 0.50 14.14
CA SER B 137 62.28 -0.56 15.12
C SER B 137 62.56 -0.09 16.54
N SER B 138 63.09 1.11 16.70
CA SER B 138 63.34 1.69 18.02
C SER B 138 63.09 3.18 17.96
N THR B 139 62.85 3.78 19.13
CA THR B 139 62.56 5.20 19.24
C THR B 139 63.81 6.05 19.37
N LYS B 140 64.97 5.52 19.01
CA LYS B 140 66.23 6.27 19.10
C LYS B 140 66.24 7.36 18.04
N LEU B 141 66.17 8.62 18.46
CA LEU B 141 66.25 9.76 17.56
C LEU B 141 67.37 10.72 17.95
N GLY B 142 68.31 10.27 18.77
CA GLY B 142 69.41 11.12 19.17
C GLY B 142 70.19 10.49 20.31
N THR B 143 71.21 11.23 20.75
CA THR B 143 72.06 10.80 21.85
C THR B 143 71.99 11.75 23.04
N GLN B 144 72.17 13.04 22.82
CA GLN B 144 72.05 14.04 23.87
C GLN B 144 70.60 14.48 23.98
N VAL B 145 70.35 15.58 24.68
CA VAL B 145 69.00 16.12 24.85
C VAL B 145 68.76 17.20 23.80
N GLN B 146 67.59 17.15 23.18
CA GLN B 146 67.16 18.16 22.22
C GLN B 146 65.63 18.17 22.19
N LEU B 147 65.06 18.96 21.28
CA LEU B 147 63.61 19.13 21.15
C LEU B 147 62.99 19.53 22.50
N GLU B 148 63.47 20.66 23.02
CA GLU B 148 62.94 21.18 24.27
C GLU B 148 61.47 21.59 24.11
N ASN B 149 61.12 22.16 22.97
CA ASN B 149 59.79 22.70 22.73
C ASN B 149 58.80 21.67 22.20
N LEU B 150 59.24 20.44 21.94
CA LEU B 150 58.34 19.42 21.41
C LEU B 150 57.30 19.04 22.45
N GLN B 151 56.05 18.87 22.01
CA GLN B 151 54.97 18.49 22.91
C GLN B 151 54.21 17.25 22.44
N GLU B 152 54.14 17.02 21.13
CA GLU B 152 53.45 15.85 20.59
C GLU B 152 54.42 15.04 19.75
N LEU B 153 54.45 13.73 19.97
CA LEU B 153 55.28 12.80 19.22
C LEU B 153 54.43 11.67 18.71
N LEU B 154 54.50 11.41 17.41
CA LEU B 154 53.71 10.35 16.77
C LEU B 154 54.65 9.28 16.23
N LEU B 155 54.41 8.03 16.63
CA LEU B 155 55.22 6.90 16.18
C LEU B 155 54.35 5.68 15.87
N SER B 156 53.14 5.91 15.38
CA SER B 156 52.19 4.83 15.18
C SER B 156 52.52 4.02 13.93
N ASN B 157 51.99 2.79 13.89
CA ASN B 157 52.07 1.90 12.73
C ASN B 157 53.51 1.61 12.34
N ASN B 158 54.39 1.49 13.34
CA ASN B 158 55.78 1.15 13.10
C ASN B 158 56.03 -0.31 13.46
N LYS B 159 57.29 -0.73 13.42
CA LYS B 159 57.70 -2.08 13.78
C LYS B 159 58.55 -2.08 15.04
N ILE B 160 58.19 -1.23 16.00
CA ILE B 160 58.90 -1.16 17.27
C ILE B 160 58.37 -2.27 18.18
N GLN B 161 59.30 -2.97 18.84
CA GLN B 161 58.94 -4.06 19.73
C GLN B 161 59.42 -3.86 21.15
N ALA B 162 60.09 -2.75 21.45
CA ALA B 162 60.59 -2.51 22.80
C ALA B 162 60.69 -1.01 23.04
N LEU B 163 60.59 -0.63 24.32
CA LEU B 163 60.70 0.75 24.76
C LEU B 163 61.69 0.79 25.91
N LYS B 164 62.98 0.95 25.58
CA LYS B 164 64.02 0.97 26.60
C LYS B 164 64.07 2.33 27.28
N SER B 165 64.63 2.34 28.49
CA SER B 165 64.70 3.56 29.29
C SER B 165 65.60 4.61 28.63
N GLU B 166 66.73 4.17 28.05
CA GLU B 166 67.65 5.11 27.43
C GLU B 166 67.03 5.77 26.19
N GLU B 167 66.11 5.08 25.53
CA GLU B 167 65.57 5.54 24.27
C GLU B 167 64.86 6.88 24.40
N LEU B 168 64.13 7.08 25.50
CA LEU B 168 63.43 8.33 25.74
C LEU B 168 64.30 9.37 26.45
N ASP B 169 65.55 9.03 26.74
CA ASP B 169 66.43 9.94 27.46
C ASP B 169 66.68 11.24 26.70
N ILE B 170 66.47 11.25 25.38
CA ILE B 170 66.63 12.48 24.60
C ILE B 170 65.51 13.48 24.85
N PHE B 171 64.46 13.09 25.56
CA PHE B 171 63.40 14.01 25.99
C PHE B 171 63.41 14.17 27.51
N ALA B 172 64.60 14.27 28.11
CA ALA B 172 64.70 14.35 29.56
C ALA B 172 64.21 15.68 30.12
N ASN B 173 64.04 16.69 29.28
CA ASN B 173 63.62 18.01 29.75
C ASN B 173 62.56 18.60 28.82
N SER B 174 61.58 17.79 28.43
CA SER B 174 60.51 18.24 27.55
C SER B 174 59.16 17.85 28.14
N SER B 175 58.13 18.61 27.79
CA SER B 175 56.77 18.34 28.22
C SER B 175 56.04 17.64 27.07
N LEU B 176 55.58 16.42 27.32
CA LEU B 176 54.95 15.59 26.29
C LEU B 176 53.44 15.64 26.47
N LYS B 177 52.76 16.37 25.57
CA LYS B 177 51.31 16.41 25.57
C LYS B 177 50.68 15.14 24.99
N LYS B 178 51.31 14.54 23.98
CA LYS B 178 50.77 13.35 23.33
C LYS B 178 51.93 12.49 22.86
N LEU B 179 51.98 11.25 23.34
CA LEU B 179 52.98 10.27 22.91
C LEU B 179 52.24 9.15 22.18
N GLU B 180 52.17 9.26 20.85
CA GLU B 180 51.43 8.31 20.04
C GLU B 180 52.33 7.12 19.69
N LEU B 181 51.95 5.94 20.16
CA LEU B 181 52.67 4.70 19.91
C LEU B 181 51.69 3.60 19.49
N SER B 182 50.71 3.97 18.67
CA SER B 182 49.63 3.06 18.35
C SER B 182 50.07 1.98 17.37
N SER B 183 49.50 0.78 17.53
CA SER B 183 49.65 -0.34 16.61
C SER B 183 51.10 -0.81 16.49
N ASN B 184 51.91 -0.61 17.52
CA ASN B 184 53.26 -1.14 17.56
C ASN B 184 53.30 -2.33 18.51
N GLN B 185 53.81 -3.46 18.01
CA GLN B 185 53.79 -4.70 18.78
C GLN B 185 54.80 -4.65 19.90
N ILE B 186 54.51 -3.83 20.91
CA ILE B 186 55.35 -3.70 22.08
C ILE B 186 55.04 -4.85 23.02
N LYS B 187 56.08 -5.63 23.38
CA LYS B 187 55.90 -6.80 24.22
C LYS B 187 56.59 -6.70 25.58
N GLU B 188 57.34 -5.63 25.82
CA GLU B 188 58.01 -5.46 27.11
C GLU B 188 58.16 -3.96 27.38
N PHE B 189 58.30 -3.62 28.66
CA PHE B 189 58.50 -2.24 29.09
C PHE B 189 59.67 -2.17 30.06
N SER B 190 60.64 -1.33 29.77
CA SER B 190 61.77 -1.20 30.67
C SER B 190 61.41 -0.29 31.84
N PRO B 191 61.85 -0.62 33.05
CA PRO B 191 61.62 0.27 34.20
C PRO B 191 62.28 1.62 33.99
N GLY B 192 61.58 2.68 34.42
CA GLY B 192 62.10 4.02 34.32
C GLY B 192 62.07 4.63 32.93
N CYS B 193 61.42 3.98 31.96
CA CYS B 193 61.41 4.51 30.60
C CYS B 193 60.59 5.80 30.52
N PHE B 194 59.43 5.84 31.19
CA PHE B 194 58.62 7.04 31.21
C PHE B 194 59.09 8.06 32.24
N HIS B 195 59.81 7.62 33.28
CA HIS B 195 60.42 8.57 34.20
C HIS B 195 61.57 9.32 33.54
N ALA B 196 62.11 8.80 32.44
CA ALA B 196 63.08 9.55 31.66
C ALA B 196 62.45 10.80 31.07
N ILE B 197 61.17 10.75 30.71
CA ILE B 197 60.46 11.93 30.26
C ILE B 197 60.26 12.88 31.44
N GLY B 198 60.64 14.14 31.25
CA GLY B 198 60.50 15.11 32.33
C GLY B 198 59.05 15.39 32.69
N ARG B 199 58.20 15.58 31.68
CA ARG B 199 56.79 15.88 31.88
C ARG B 199 55.99 15.12 30.83
N LEU B 200 55.34 14.04 31.24
CA LEU B 200 54.47 13.26 30.35
C LEU B 200 53.02 13.53 30.74
N PHE B 201 52.22 13.95 29.77
CA PHE B 201 50.83 14.31 30.02
C PHE B 201 49.83 13.37 29.34
N GLY B 202 50.04 13.03 28.07
CA GLY B 202 49.11 12.17 27.37
C GLY B 202 49.80 11.03 26.65
N LEU B 203 49.18 9.86 26.69
CA LEU B 203 49.76 8.65 26.14
C LEU B 203 48.72 7.87 25.34
N PHE B 204 49.13 7.31 24.21
CA PHE B 204 48.24 6.59 23.30
C PHE B 204 48.86 5.25 22.94
N LEU B 205 48.10 4.17 23.09
CA LEU B 205 48.53 2.83 22.70
C LEU B 205 47.39 2.07 22.02
N ASN B 206 46.74 2.73 21.07
CA ASN B 206 45.66 2.08 20.33
C ASN B 206 46.18 0.90 19.51
N ASN B 207 45.38 -0.16 19.44
CA ASN B 207 45.66 -1.33 18.61
C ASN B 207 46.97 -2.01 19.00
N VAL B 208 47.34 -1.96 20.28
CA VAL B 208 48.57 -2.58 20.77
C VAL B 208 48.19 -3.78 21.61
N GLN B 209 48.71 -4.95 21.23
CA GLN B 209 48.38 -6.21 21.90
C GLN B 209 49.09 -6.27 23.24
N LEU B 210 48.47 -5.67 24.25
CA LEU B 210 49.03 -5.70 25.61
C LEU B 210 48.47 -6.86 26.42
N GLY B 211 47.15 -6.88 26.62
CA GLY B 211 46.53 -7.87 27.45
C GLY B 211 46.59 -7.49 28.92
N PRO B 212 46.14 -8.39 29.80
CA PRO B 212 46.09 -8.05 31.23
C PRO B 212 47.46 -7.80 31.87
N SER B 213 48.37 -8.78 31.79
CA SER B 213 49.63 -8.68 32.56
C SER B 213 50.51 -7.55 32.06
N LEU B 214 50.56 -7.35 30.74
CA LEU B 214 51.33 -6.24 30.19
C LEU B 214 50.74 -4.90 30.64
N THR B 215 49.41 -4.82 30.72
CA THR B 215 48.79 -3.61 31.25
C THR B 215 49.13 -3.41 32.72
N GLU B 216 49.20 -4.49 33.50
CA GLU B 216 49.63 -4.39 34.88
C GLU B 216 51.04 -3.79 34.97
N LYS B 217 51.96 -4.35 34.18
CA LYS B 217 53.34 -3.86 34.20
C LYS B 217 53.43 -2.42 33.73
N LEU B 218 52.64 -2.06 32.72
CA LEU B 218 52.62 -0.70 32.22
C LEU B 218 52.13 0.26 33.29
N CYS B 219 51.05 -0.09 34.00
CA CYS B 219 50.55 0.76 35.06
C CYS B 219 51.56 0.90 36.18
N LEU B 220 52.23 -0.21 36.54
CA LEU B 220 53.30 -0.12 37.52
C LEU B 220 54.41 0.81 37.05
N GLU B 221 54.66 0.86 35.73
CA GLU B 221 55.65 1.78 35.20
C GLU B 221 55.16 3.22 35.16
N LEU B 222 53.87 3.44 34.90
CA LEU B 222 53.31 4.79 34.79
C LEU B 222 53.14 5.49 36.13
N ALA B 223 53.70 4.94 37.21
CA ALA B 223 53.57 5.56 38.52
C ALA B 223 54.41 6.83 38.62
N ASN B 224 53.93 7.75 39.46
CA ASN B 224 54.66 8.97 39.82
C ASN B 224 54.97 9.83 38.59
N THR B 225 53.97 10.02 37.74
CA THR B 225 54.07 10.89 36.59
C THR B 225 52.85 11.79 36.54
N SER B 226 52.88 12.77 35.64
CA SER B 226 51.81 13.76 35.50
C SER B 226 50.88 13.43 34.34
N ILE B 227 50.62 12.15 34.09
CA ILE B 227 49.78 11.75 32.97
C ILE B 227 48.34 12.17 33.22
N ARG B 228 47.65 12.50 32.13
CA ARG B 228 46.24 12.89 32.21
C ARG B 228 45.40 12.09 31.22
N ASN B 229 45.98 11.73 30.08
CA ASN B 229 45.30 11.01 29.03
C ASN B 229 45.96 9.65 28.83
N LEU B 230 45.12 8.63 28.62
CA LEU B 230 45.63 7.28 28.38
C LEU B 230 44.57 6.52 27.58
N SER B 231 44.90 6.16 26.35
CA SER B 231 44.01 5.40 25.49
C SER B 231 44.58 4.01 25.28
N LEU B 232 43.80 2.99 25.63
CA LEU B 232 44.18 1.60 25.43
C LEU B 232 43.16 0.91 24.54
N SER B 233 42.71 1.61 23.51
CA SER B 233 41.64 1.10 22.67
C SER B 233 42.11 -0.07 21.81
N ASN B 234 41.24 -1.08 21.68
CA ASN B 234 41.49 -2.26 20.86
C ASN B 234 42.79 -2.95 21.25
N SER B 235 43.03 -3.05 22.56
CA SER B 235 44.23 -3.68 23.10
C SER B 235 44.00 -5.15 23.47
N GLN B 236 42.84 -5.70 23.13
CA GLN B 236 42.45 -7.06 23.47
C GLN B 236 42.52 -7.29 24.99
N LEU B 237 42.05 -6.31 25.75
CA LEU B 237 41.99 -6.42 27.20
C LEU B 237 40.65 -7.09 27.56
N SER B 238 40.70 -8.40 27.78
CA SER B 238 39.47 -9.15 28.01
C SER B 238 38.93 -8.95 29.42
N THR B 239 39.81 -8.84 30.40
CA THR B 239 39.40 -8.81 31.80
C THR B 239 40.24 -7.80 32.57
N THR B 240 39.62 -7.13 33.53
CA THR B 240 40.31 -6.24 34.46
C THR B 240 40.03 -6.70 35.89
N SER B 241 40.87 -6.24 36.81
CA SER B 241 40.77 -6.63 38.22
C SER B 241 40.92 -5.39 39.09
N ASN B 242 40.89 -5.61 40.41
CA ASN B 242 40.98 -4.52 41.36
C ASN B 242 42.37 -3.88 41.41
N THR B 243 43.38 -4.54 40.83
CA THR B 243 44.75 -4.03 40.84
C THR B 243 45.26 -3.71 39.44
N THR B 244 44.36 -3.65 38.45
CA THR B 244 44.80 -3.44 37.06
C THR B 244 45.47 -2.08 36.89
N PHE B 245 44.90 -1.04 37.49
CA PHE B 245 45.41 0.32 37.36
C PHE B 245 45.94 0.85 38.68
N LEU B 246 46.59 -0.01 39.47
CA LEU B 246 47.11 0.41 40.77
C LEU B 246 48.19 1.47 40.62
N GLY B 247 49.05 1.33 39.61
CA GLY B 247 50.12 2.29 39.39
C GLY B 247 49.63 3.67 39.03
N LEU B 248 48.38 3.79 38.59
CA LEU B 248 47.78 5.10 38.31
C LEU B 248 47.26 5.77 39.57
N LYS B 249 47.44 5.15 40.75
CA LYS B 249 47.07 5.80 42.00
C LYS B 249 47.93 7.03 42.25
N TRP B 250 49.22 6.96 41.88
CA TRP B 250 50.17 8.02 42.18
C TRP B 250 50.12 9.18 41.18
N THR B 251 49.24 9.12 40.18
CA THR B 251 49.12 10.17 39.19
C THR B 251 47.74 10.83 39.30
N ASN B 252 47.46 11.74 38.37
CA ASN B 252 46.22 12.50 38.37
C ASN B 252 45.51 12.36 37.03
N LEU B 253 45.38 11.13 36.56
CA LEU B 253 44.75 10.86 35.27
C LEU B 253 43.29 11.25 35.29
N THR B 254 42.81 11.83 34.17
CA THR B 254 41.44 12.30 34.06
C THR B 254 40.65 11.64 32.93
N MET B 255 41.30 11.35 31.80
CA MET B 255 40.63 10.74 30.66
C MET B 255 41.28 9.39 30.37
N LEU B 256 40.47 8.34 30.23
CA LEU B 256 40.95 7.00 29.99
C LEU B 256 40.00 6.29 29.03
N ASP B 257 40.57 5.56 28.06
CA ASP B 257 39.81 4.95 26.99
C ASP B 257 39.97 3.43 27.06
N LEU B 258 38.83 2.73 26.94
CA LEU B 258 38.81 1.26 26.91
C LEU B 258 37.94 0.74 25.77
N SER B 259 37.86 1.49 24.68
CA SER B 259 36.98 1.11 23.57
C SER B 259 37.55 -0.08 22.79
N TYR B 260 36.65 -0.90 22.27
CA TYR B 260 36.96 -2.01 21.38
C TYR B 260 37.88 -3.05 22.00
N ASN B 261 37.96 -3.10 23.33
CA ASN B 261 38.87 -4.01 24.00
C ASN B 261 38.28 -5.39 24.27
N ASN B 262 37.02 -5.61 23.88
CA ASN B 262 36.33 -6.87 24.12
C ASN B 262 36.32 -7.23 25.61
N LEU B 263 36.04 -6.23 26.45
CA LEU B 263 36.05 -6.39 27.89
C LEU B 263 34.85 -7.23 28.30
N ASN B 264 35.08 -8.50 28.59
CA ASN B 264 33.99 -9.42 28.88
C ASN B 264 33.41 -9.19 30.27
N VAL B 265 34.27 -8.95 31.26
CA VAL B 265 33.81 -8.82 32.65
C VAL B 265 34.75 -7.86 33.38
N VAL B 266 34.18 -7.10 34.31
CA VAL B 266 34.92 -6.16 35.14
C VAL B 266 34.92 -6.68 36.57
N GLY B 267 36.09 -6.78 37.17
CA GLY B 267 36.18 -7.23 38.54
C GLY B 267 35.68 -6.20 39.52
N ASN B 268 35.40 -6.66 40.74
CA ASN B 268 34.92 -5.79 41.78
C ASN B 268 36.01 -4.80 42.20
N ASP B 269 35.60 -3.53 42.38
CA ASP B 269 36.51 -2.46 42.80
C ASP B 269 37.69 -2.32 41.84
N SER B 270 37.42 -2.49 40.55
CA SER B 270 38.49 -2.43 39.56
C SER B 270 39.05 -1.03 39.41
N PHE B 271 38.19 -0.02 39.37
CA PHE B 271 38.59 1.36 39.13
C PHE B 271 38.71 2.16 40.41
N ALA B 272 39.03 1.50 41.53
CA ALA B 272 39.18 2.19 42.80
C ALA B 272 40.45 3.04 42.87
N TRP B 273 41.34 2.92 41.88
CA TRP B 273 42.61 3.64 41.89
C TRP B 273 42.58 4.90 41.04
N LEU B 274 41.39 5.37 40.66
CA LEU B 274 41.24 6.60 39.88
C LEU B 274 40.27 7.54 40.56
N PRO B 275 40.68 8.17 41.67
CA PRO B 275 39.81 9.18 42.30
C PRO B 275 39.68 10.47 41.51
N GLN B 276 40.61 10.73 40.60
CA GLN B 276 40.63 11.99 39.85
C GLN B 276 40.15 11.83 38.41
N LEU B 277 39.59 10.68 38.07
CA LEU B 277 39.11 10.45 36.71
C LEU B 277 37.97 11.41 36.38
N GLU B 278 37.95 11.90 35.16
CA GLU B 278 36.94 12.86 34.75
C GLU B 278 36.18 12.43 33.50
N TYR B 279 36.87 11.81 32.55
CA TYR B 279 36.25 11.23 31.37
C TYR B 279 36.64 9.75 31.30
N PHE B 280 35.74 8.93 30.77
CA PHE B 280 35.92 7.50 30.76
C PHE B 280 35.07 6.90 29.65
N PHE B 281 35.69 6.06 28.80
CA PHE B 281 35.08 5.62 27.55
C PHE B 281 35.04 4.11 27.49
N LEU B 282 33.84 3.54 27.30
CA LEU B 282 33.65 2.10 27.15
C LEU B 282 32.84 1.73 25.93
N GLU B 283 32.93 2.48 24.84
CA GLU B 283 32.12 2.15 23.67
C GLU B 283 32.61 0.86 23.01
N TYR B 284 31.66 0.08 22.50
CA TYR B 284 31.92 -1.14 21.74
C TYR B 284 32.75 -2.15 22.54
N ASN B 285 32.16 -2.61 23.64
CA ASN B 285 32.73 -3.68 24.45
C ASN B 285 31.78 -4.88 24.45
N ASN B 286 32.10 -5.87 25.28
CA ASN B 286 31.33 -7.11 25.34
C ASN B 286 31.07 -7.50 26.79
N ILE B 287 30.62 -6.54 27.60
CA ILE B 287 30.36 -6.80 29.01
C ILE B 287 29.09 -7.63 29.15
N GLN B 288 29.18 -8.71 29.92
CA GLN B 288 28.04 -9.59 30.15
C GLN B 288 27.30 -9.31 31.44
N HIS B 289 27.99 -8.82 32.47
CA HIS B 289 27.37 -8.58 33.77
C HIS B 289 28.18 -7.54 34.52
N LEU B 290 27.49 -6.50 35.00
CA LEU B 290 28.11 -5.44 35.77
C LEU B 290 27.70 -5.59 37.24
N PHE B 291 28.69 -5.54 38.13
CA PHE B 291 28.44 -5.77 39.54
C PHE B 291 28.08 -4.46 40.25
N SER B 292 27.80 -4.56 41.54
CA SER B 292 27.45 -3.38 42.32
C SER B 292 28.65 -2.46 42.50
N HIS B 293 29.70 -2.95 43.15
CA HIS B 293 30.90 -2.17 43.41
C HIS B 293 31.87 -2.14 42.24
N SER B 294 31.39 -2.45 41.03
CA SER B 294 32.29 -2.49 39.87
C SER B 294 32.83 -1.12 39.52
N LEU B 295 32.05 -0.06 39.73
CA LEU B 295 32.46 1.30 39.44
C LEU B 295 32.78 2.09 40.71
N HIS B 296 33.19 1.41 41.77
CA HIS B 296 33.55 2.07 43.01
C HIS B 296 34.79 2.92 42.83
N GLY B 297 34.84 4.04 43.56
CA GLY B 297 35.96 4.95 43.49
C GLY B 297 35.91 5.93 42.34
N LEU B 298 34.79 6.03 41.63
CA LEU B 298 34.64 6.94 40.50
C LEU B 298 33.80 8.15 40.87
N PHE B 299 33.98 8.69 42.08
CA PHE B 299 33.17 9.81 42.56
C PHE B 299 33.51 11.14 41.88
N ASN B 300 34.35 11.18 40.84
CA ASN B 300 34.67 12.42 40.15
C ASN B 300 34.44 12.33 38.66
N VAL B 301 33.93 11.22 38.16
CA VAL B 301 33.68 11.06 36.73
C VAL B 301 32.56 11.99 36.30
N ARG B 302 32.81 12.76 35.24
CA ARG B 302 31.83 13.73 34.76
C ARG B 302 31.29 13.42 33.37
N TYR B 303 31.80 12.39 32.69
CA TYR B 303 31.34 12.06 31.34
C TYR B 303 31.65 10.60 31.07
N LEU B 304 30.61 9.79 30.91
CA LEU B 304 30.74 8.36 30.67
C LEU B 304 30.03 7.98 29.39
N ASN B 305 30.71 7.21 28.54
CA ASN B 305 30.15 6.71 27.29
C ASN B 305 30.03 5.19 27.39
N LEU B 306 28.83 4.68 27.11
CA LEU B 306 28.55 3.25 27.20
C LEU B 306 27.81 2.78 25.96
N LYS B 307 28.19 3.29 24.80
CA LYS B 307 27.53 2.92 23.56
C LYS B 307 27.98 1.52 23.13
N ARG B 308 27.02 0.57 23.10
CA ARG B 308 27.31 -0.82 22.71
C ARG B 308 28.38 -1.41 23.62
N SER B 309 28.32 -1.07 24.91
CA SER B 309 29.28 -1.60 25.87
C SER B 309 28.95 -3.00 26.37
N PHE B 310 27.74 -3.49 26.09
CA PHE B 310 27.28 -4.75 26.65
C PHE B 310 27.03 -5.77 25.55
N THR B 311 26.91 -7.03 25.97
CA THR B 311 26.74 -8.14 25.04
C THR B 311 25.35 -8.12 24.42
N LYS B 312 25.29 -8.41 23.13
CA LYS B 312 24.01 -8.58 22.45
C LYS B 312 23.39 -9.93 22.80
N GLN B 313 22.07 -10.00 22.65
CA GLN B 313 21.34 -11.23 22.95
C GLN B 313 21.68 -12.32 21.95
N SER B 314 21.90 -13.52 22.45
CA SER B 314 22.15 -14.70 21.63
C SER B 314 21.13 -15.76 21.98
N ILE B 315 20.49 -16.35 20.96
CA ILE B 315 19.43 -17.31 21.20
C ILE B 315 19.95 -18.59 21.82
N SER B 316 21.25 -18.86 21.72
CA SER B 316 21.82 -20.07 22.31
C SER B 316 21.75 -20.04 23.84
N LEU B 317 22.03 -18.89 24.45
CA LEU B 317 22.10 -18.79 25.90
C LEU B 317 21.23 -17.69 26.50
N ALA B 318 20.74 -16.74 25.70
CA ALA B 318 19.98 -15.59 26.19
C ALA B 318 20.76 -14.84 27.26
N SER B 319 22.03 -14.58 26.97
CA SER B 319 22.93 -13.91 27.92
C SER B 319 22.65 -12.41 27.90
N LEU B 320 21.49 -12.06 28.45
CA LEU B 320 21.09 -10.66 28.54
C LEU B 320 21.99 -9.93 29.54
N PRO B 321 22.56 -8.79 29.17
CA PRO B 321 23.42 -8.05 30.11
C PRO B 321 22.61 -7.49 31.27
N LYS B 322 22.90 -7.97 32.48
CA LYS B 322 22.20 -7.57 33.68
C LYS B 322 23.01 -6.51 34.41
N ILE B 323 22.36 -5.43 34.83
CA ILE B 323 22.96 -4.38 35.63
C ILE B 323 22.35 -4.45 37.02
N ASP B 324 23.19 -4.66 38.03
CA ASP B 324 22.71 -4.76 39.40
C ASP B 324 22.24 -3.41 39.91
N ASP B 325 21.46 -3.45 40.98
CA ASP B 325 20.95 -2.21 41.58
C ASP B 325 22.07 -1.49 42.33
N PHE B 326 21.85 -0.20 42.56
CA PHE B 326 22.81 0.69 43.22
C PHE B 326 24.12 0.80 42.46
N SER B 327 24.12 0.43 41.17
CA SER B 327 25.38 0.32 40.43
C SER B 327 25.97 1.69 40.11
N PHE B 328 25.12 2.71 39.99
CA PHE B 328 25.58 4.06 39.64
C PHE B 328 25.53 5.01 40.83
N GLN B 329 25.51 4.46 42.05
CA GLN B 329 25.44 5.30 43.25
C GLN B 329 26.72 6.11 43.44
N TRP B 330 27.87 5.51 43.14
CA TRP B 330 29.16 6.16 43.41
C TRP B 330 29.48 7.29 42.44
N LEU B 331 28.76 7.40 41.33
CA LEU B 331 28.97 8.49 40.37
C LEU B 331 28.22 9.72 40.85
N LYS B 332 28.77 10.33 41.91
CA LYS B 332 28.11 11.48 42.53
C LYS B 332 28.09 12.68 41.59
N CYS B 333 29.19 12.94 40.89
CA CYS B 333 29.32 14.11 40.03
C CYS B 333 29.16 13.76 38.55
N LEU B 334 28.49 12.64 38.24
CA LEU B 334 28.26 12.27 36.85
C LEU B 334 27.38 13.31 36.18
N GLU B 335 27.77 13.71 34.97
CA GLU B 335 27.06 14.77 34.25
C GLU B 335 26.58 14.38 32.86
N HIS B 336 26.92 13.18 32.40
CA HIS B 336 26.56 12.76 31.04
C HIS B 336 26.72 11.26 30.94
N LEU B 337 25.68 10.57 30.45
CA LEU B 337 25.72 9.12 30.30
C LEU B 337 25.13 8.79 28.93
N ASN B 338 25.99 8.44 27.98
CA ASN B 338 25.56 7.95 26.68
C ASN B 338 25.48 6.44 26.76
N MET B 339 24.30 5.89 26.52
CA MET B 339 24.00 4.50 26.87
C MET B 339 23.20 3.86 25.74
N GLU B 340 23.68 4.05 24.51
CA GLU B 340 22.98 3.62 23.31
C GLU B 340 23.37 2.20 22.90
N ASP B 341 22.54 1.63 22.04
CA ASP B 341 22.85 0.39 21.30
C ASP B 341 23.24 -0.75 22.23
N ASN B 342 22.43 -0.96 23.25
CA ASN B 342 22.61 -2.06 24.19
C ASN B 342 21.46 -3.04 24.05
N ASP B 343 21.57 -4.15 24.76
CA ASP B 343 20.55 -5.19 24.76
C ASP B 343 20.08 -5.49 26.17
N ILE B 344 19.93 -4.44 26.98
CA ILE B 344 19.46 -4.58 28.35
C ILE B 344 17.98 -4.99 28.34
N PRO B 345 17.58 -6.01 29.09
CA PRO B 345 16.16 -6.42 29.06
C PRO B 345 15.19 -5.34 29.50
N GLY B 346 15.55 -4.54 30.50
CA GLY B 346 14.65 -3.50 30.98
C GLY B 346 15.26 -2.74 32.13
N ILE B 347 14.50 -1.76 32.60
CA ILE B 347 14.91 -0.91 33.72
C ILE B 347 14.36 -1.50 35.02
N LYS B 348 15.22 -1.57 36.03
CA LYS B 348 14.82 -2.02 37.35
C LYS B 348 14.34 -0.83 38.18
N SER B 349 13.86 -1.13 39.39
CA SER B 349 13.21 -0.12 40.22
C SER B 349 14.20 0.87 40.84
N ASN B 350 15.46 0.48 41.01
CA ASN B 350 16.40 1.30 41.77
C ASN B 350 17.76 1.37 41.07
N MET B 351 17.76 1.68 39.77
CA MET B 351 18.98 1.59 38.99
C MET B 351 19.85 2.84 39.10
N PHE B 352 19.25 4.02 38.98
CA PHE B 352 20.00 5.27 38.83
C PHE B 352 20.02 6.12 40.10
N THR B 353 19.90 5.50 41.27
CA THR B 353 19.95 6.26 42.51
C THR B 353 21.36 6.71 42.80
N GLY B 354 21.50 7.92 43.36
CA GLY B 354 22.77 8.49 43.73
C GLY B 354 23.29 9.55 42.77
N LEU B 355 22.74 9.62 41.57
CA LEU B 355 23.15 10.61 40.58
C LEU B 355 22.54 11.95 40.96
N ILE B 356 23.23 12.70 41.83
CA ILE B 356 22.71 13.97 42.32
C ILE B 356 22.95 15.11 41.34
N ASN B 357 23.88 14.96 40.40
CA ASN B 357 24.20 16.03 39.45
C ASN B 357 24.10 15.55 38.00
N LEU B 358 23.27 14.56 37.72
CA LEU B 358 23.10 14.08 36.36
C LEU B 358 22.37 15.13 35.51
N LYS B 359 22.82 15.30 34.27
CA LYS B 359 22.20 16.27 33.36
C LYS B 359 21.87 15.71 31.99
N TYR B 360 22.11 14.42 31.74
CA TYR B 360 21.90 13.87 30.40
C TYR B 360 21.87 12.36 30.50
N LEU B 361 20.85 11.74 29.90
CA LEU B 361 20.76 10.29 29.81
C LEU B 361 20.18 9.95 28.44
N SER B 362 20.99 9.30 27.60
CA SER B 362 20.58 8.89 26.27
C SER B 362 20.35 7.39 26.27
N LEU B 363 19.15 6.96 25.88
CA LEU B 363 18.76 5.57 25.90
C LEU B 363 18.26 5.12 24.53
N SER B 364 18.91 5.61 23.48
CA SER B 364 18.51 5.27 22.11
C SER B 364 18.84 3.80 21.83
N ASN B 365 17.80 3.00 21.60
CA ASN B 365 17.93 1.58 21.30
C ASN B 365 18.67 0.83 22.40
N SER B 366 18.47 1.24 23.65
CA SER B 366 19.17 0.62 24.76
C SER B 366 18.54 -0.70 25.20
N PHE B 367 17.23 -0.85 25.02
CA PHE B 367 16.52 -2.03 25.52
C PHE B 367 15.86 -2.78 24.37
N THR B 368 15.94 -4.10 24.43
CA THR B 368 15.32 -4.93 23.39
C THR B 368 13.80 -4.83 23.47
N SER B 369 13.23 -4.97 24.66
CA SER B 369 11.78 -4.96 24.82
C SER B 369 11.42 -4.16 26.08
N LEU B 370 11.28 -2.85 25.92
CA LEU B 370 10.68 -1.99 26.93
C LEU B 370 9.26 -1.70 26.49
N ARG B 371 8.38 -2.70 26.66
CA ARG B 371 7.06 -2.63 26.07
C ARG B 371 6.19 -1.56 26.72
N THR B 372 6.22 -1.46 28.04
CA THR B 372 5.33 -0.57 28.77
C THR B 372 6.15 0.39 29.63
N LEU B 373 5.76 1.66 29.62
CA LEU B 373 6.37 2.68 30.48
C LEU B 373 5.42 2.90 31.66
N THR B 374 5.62 2.10 32.71
CA THR B 374 4.78 2.21 33.91
C THR B 374 5.18 3.46 34.70
N ASN B 375 4.34 3.78 35.68
CA ASN B 375 4.59 4.96 36.52
C ASN B 375 5.76 4.75 37.48
N GLU B 376 6.26 3.53 37.63
CA GLU B 376 7.37 3.24 38.52
C GLU B 376 8.69 3.03 37.78
N THR B 377 8.75 3.36 36.50
CA THR B 377 9.97 3.12 35.74
C THR B 377 11.08 4.10 36.13
N PHE B 378 10.76 5.38 36.26
CA PHE B 378 11.75 6.42 36.49
C PHE B 378 11.82 6.85 37.95
N VAL B 379 11.37 6.00 38.88
CA VAL B 379 11.44 6.35 40.29
C VAL B 379 12.88 6.50 40.75
N SER B 380 13.81 5.77 40.13
CA SER B 380 15.22 5.92 40.46
C SER B 380 15.79 7.26 40.00
N LEU B 381 15.06 7.98 39.15
CA LEU B 381 15.47 9.30 38.67
C LEU B 381 14.72 10.42 39.39
N ALA B 382 14.31 10.19 40.63
CA ALA B 382 13.49 11.17 41.34
C ALA B 382 14.28 12.45 41.65
N HIS B 383 15.47 12.30 42.22
CA HIS B 383 16.26 13.45 42.65
C HIS B 383 17.30 13.88 41.62
N SER B 384 17.45 13.14 40.53
CA SER B 384 18.42 13.50 39.50
C SER B 384 17.89 14.66 38.67
N PRO B 385 18.61 15.77 38.54
CA PRO B 385 18.13 16.92 37.76
C PRO B 385 18.29 16.71 36.26
N LEU B 386 17.57 15.73 35.73
CA LEU B 386 17.62 15.44 34.31
C LEU B 386 17.09 16.61 33.50
N HIS B 387 17.72 16.84 32.35
CA HIS B 387 17.29 17.86 31.42
C HIS B 387 16.98 17.34 30.03
N ILE B 388 17.71 16.32 29.58
CA ILE B 388 17.48 15.70 28.27
C ILE B 388 17.37 14.20 28.46
N LEU B 389 16.30 13.61 27.93
CA LEU B 389 16.13 12.17 27.94
C LEU B 389 15.79 11.71 26.53
N ASN B 390 16.53 10.72 26.04
CA ASN B 390 16.33 10.20 24.69
C ASN B 390 15.82 8.76 24.79
N LEU B 391 14.66 8.50 24.23
CA LEU B 391 14.00 7.20 24.29
C LEU B 391 13.66 6.71 22.90
N THR B 392 14.62 6.82 21.98
CA THR B 392 14.40 6.51 20.58
C THR B 392 14.70 5.05 20.29
N LYS B 393 13.88 4.44 19.43
CA LYS B 393 14.07 3.07 18.95
C LYS B 393 14.12 2.05 20.08
N ASN B 394 13.32 2.27 21.12
CA ASN B 394 13.22 1.32 22.23
C ASN B 394 12.06 0.34 22.08
N LYS B 395 11.32 0.41 20.97
CA LYS B 395 10.16 -0.45 20.72
C LYS B 395 9.13 -0.35 21.84
N ILE B 396 8.96 0.86 22.38
CA ILE B 396 8.00 1.08 23.45
C ILE B 396 6.60 1.02 22.89
N SER B 397 5.74 0.21 23.50
CA SER B 397 4.39 -0.03 22.99
C SER B 397 3.33 0.84 23.63
N LYS B 398 3.43 1.14 24.92
CA LYS B 398 2.40 1.90 25.62
C LYS B 398 3.05 2.77 26.69
N ILE B 399 2.42 3.91 26.96
CA ILE B 399 2.82 4.80 28.04
C ILE B 399 1.63 4.95 28.98
N GLU B 400 1.84 4.62 30.26
CA GLU B 400 0.77 4.70 31.24
C GLU B 400 0.80 6.04 31.97
N SER B 401 -0.17 6.25 32.85
CA SER B 401 -0.30 7.49 33.57
C SER B 401 0.86 7.69 34.54
N ASP B 402 1.27 8.94 34.69
CA ASP B 402 2.34 9.34 35.61
C ASP B 402 3.66 8.61 35.32
N ALA B 403 3.95 8.40 34.04
CA ALA B 403 5.19 7.73 33.67
C ALA B 403 6.40 8.61 33.93
N PHE B 404 6.31 9.90 33.58
CA PHE B 404 7.40 10.85 33.75
C PHE B 404 7.16 11.79 34.93
N SER B 405 6.26 11.42 35.85
CA SER B 405 5.93 12.27 36.97
C SER B 405 7.09 12.46 37.93
N TRP B 406 8.10 11.58 37.89
CA TRP B 406 9.25 11.69 38.78
C TRP B 406 10.37 12.57 38.22
N LEU B 407 10.24 13.01 36.97
CA LEU B 407 11.25 13.87 36.35
C LEU B 407 10.81 15.32 36.55
N GLY B 408 11.23 15.88 37.70
CA GLY B 408 10.76 17.22 38.08
C GLY B 408 11.29 18.32 37.16
N HIS B 409 12.57 18.29 36.81
CA HIS B 409 13.21 19.35 36.04
C HIS B 409 13.45 18.96 34.59
N LEU B 410 12.70 17.99 34.06
CA LEU B 410 12.88 17.57 32.68
C LEU B 410 12.53 18.72 31.73
N GLU B 411 13.32 18.86 30.67
CA GLU B 411 13.11 19.90 29.66
C GLU B 411 12.97 19.36 28.26
N VAL B 412 13.65 18.26 27.93
CA VAL B 412 13.58 17.67 26.60
C VAL B 412 13.24 16.19 26.76
N LEU B 413 12.24 15.73 26.01
CA LEU B 413 11.88 14.32 25.96
C LEU B 413 11.80 13.88 24.51
N ASP B 414 12.48 12.78 24.20
CA ASP B 414 12.55 12.27 22.83
C ASP B 414 11.93 10.87 22.80
N LEU B 415 10.78 10.74 22.15
CA LEU B 415 10.08 9.47 22.05
C LEU B 415 9.91 9.03 20.60
N GLY B 416 10.86 9.38 19.74
CA GLY B 416 10.75 9.05 18.34
C GLY B 416 11.05 7.60 18.03
N LEU B 417 10.62 7.18 16.84
CA LEU B 417 10.92 5.85 16.29
C LEU B 417 10.51 4.72 17.23
N ASN B 418 9.35 4.87 17.85
CA ASN B 418 8.82 3.87 18.77
C ASN B 418 7.63 3.17 18.14
N GLU B 419 6.99 2.31 18.91
CA GLU B 419 5.84 1.53 18.50
C GLU B 419 4.64 1.84 19.39
N ILE B 420 4.48 3.13 19.73
CA ILE B 420 3.48 3.55 20.69
C ILE B 420 2.13 3.64 19.99
N GLY B 421 1.22 2.73 20.32
CA GLY B 421 -0.15 2.84 19.87
C GLY B 421 -1.11 2.89 21.03
N GLN B 422 -1.73 4.04 21.27
CA GLN B 422 -2.57 4.27 22.43
C GLN B 422 -3.35 5.56 22.23
N GLU B 423 -4.03 6.00 23.28
CA GLU B 423 -4.70 7.30 23.32
C GLU B 423 -4.09 8.12 24.44
N LEU B 424 -3.68 9.35 24.14
CA LEU B 424 -3.05 10.22 25.12
C LEU B 424 -4.14 10.79 26.02
N THR B 425 -4.30 10.20 27.21
CA THR B 425 -5.32 10.66 28.15
C THR B 425 -4.98 12.02 28.75
N GLY B 426 -3.74 12.48 28.61
CA GLY B 426 -3.31 13.75 29.15
C GLY B 426 -2.63 13.66 30.50
N GLN B 427 -2.75 12.54 31.20
CA GLN B 427 -2.12 12.38 32.51
C GLN B 427 -0.65 11.97 32.42
N GLU B 428 -0.15 11.74 31.20
CA GLU B 428 1.24 11.31 31.05
C GLU B 428 2.22 12.42 31.44
N TRP B 429 1.92 13.66 31.10
CA TRP B 429 2.84 14.78 31.31
C TRP B 429 2.70 15.42 32.69
N ARG B 430 2.08 14.73 33.64
CA ARG B 430 1.91 15.28 34.97
C ARG B 430 3.25 15.43 35.66
N GLY B 431 3.43 16.56 36.35
CA GLY B 431 4.65 16.84 37.08
C GLY B 431 5.76 17.46 36.27
N LEU B 432 5.58 17.59 34.95
CA LEU B 432 6.58 18.21 34.09
C LEU B 432 6.37 19.73 34.11
N GLU B 433 6.72 20.33 35.25
CA GLU B 433 6.43 21.73 35.50
C GLU B 433 7.30 22.68 34.69
N ASN B 434 8.39 22.19 34.09
CA ASN B 434 9.28 23.05 33.33
C ASN B 434 9.71 22.40 32.02
N ILE B 435 8.87 21.53 31.47
CA ILE B 435 9.20 20.86 30.22
C ILE B 435 9.14 21.85 29.07
N PHE B 436 10.02 21.67 28.09
CA PHE B 436 10.08 22.54 26.91
C PHE B 436 9.74 21.83 25.63
N GLU B 437 10.39 20.70 25.35
CA GLU B 437 10.25 19.99 24.08
C GLU B 437 9.81 18.56 24.33
N ILE B 438 8.91 18.06 23.50
CA ILE B 438 8.50 16.66 23.49
C ILE B 438 8.47 16.19 22.05
N TYR B 439 9.24 15.15 21.75
CA TYR B 439 9.33 14.59 20.40
C TYR B 439 8.56 13.29 20.36
N LEU B 440 7.67 13.14 19.37
CA LEU B 440 6.87 11.93 19.27
C LEU B 440 6.73 11.46 17.83
N SER B 441 7.73 11.70 16.99
CA SER B 441 7.65 11.33 15.59
C SER B 441 7.81 9.83 15.40
N TYR B 442 7.25 9.32 14.30
CA TYR B 442 7.41 7.94 13.86
C TYR B 442 6.96 6.93 14.92
N ASN B 443 5.68 6.97 15.23
CA ASN B 443 5.05 6.02 16.12
C ASN B 443 3.98 5.24 15.36
N LYS B 444 3.31 4.32 16.07
CA LYS B 444 2.29 3.51 15.42
C LYS B 444 1.01 4.32 15.20
N TYR B 445 0.38 4.75 16.28
CA TYR B 445 -0.79 5.62 16.19
C TYR B 445 -1.00 6.30 17.53
N LEU B 446 -1.41 7.57 17.49
CA LEU B 446 -1.78 8.33 18.67
C LEU B 446 -3.14 8.94 18.46
N GLN B 447 -3.99 8.89 19.48
CA GLN B 447 -5.33 9.46 19.44
C GLN B 447 -5.40 10.48 20.56
N LEU B 448 -5.35 11.76 20.21
CA LEU B 448 -5.28 12.82 21.19
C LEU B 448 -6.64 13.02 21.86
N THR B 449 -6.62 13.79 22.95
CA THR B 449 -7.79 14.09 23.75
C THR B 449 -7.88 15.61 23.91
N ARG B 450 -9.04 16.08 24.32
CA ARG B 450 -9.25 17.53 24.48
C ARG B 450 -8.28 18.14 25.49
N ASN B 451 -7.75 17.34 26.41
CA ASN B 451 -6.81 17.80 27.42
C ASN B 451 -5.55 16.94 27.42
N SER B 452 -5.04 16.62 26.22
CA SER B 452 -3.83 15.80 26.13
C SER B 452 -2.61 16.54 26.66
N PHE B 453 -2.49 17.83 26.32
CA PHE B 453 -1.34 18.63 26.71
C PHE B 453 -1.74 19.76 27.66
N ALA B 454 -2.83 19.57 28.41
CA ALA B 454 -3.30 20.61 29.30
C ALA B 454 -2.52 20.69 30.60
N LEU B 455 -1.67 19.70 30.88
CA LEU B 455 -0.95 19.64 32.15
C LEU B 455 0.41 20.32 32.11
N VAL B 456 0.88 20.75 30.93
CA VAL B 456 2.20 21.36 30.81
C VAL B 456 2.10 22.69 30.08
N PRO B 457 1.92 23.80 30.80
CA PRO B 457 1.84 25.11 30.12
C PRO B 457 3.13 25.54 29.46
N SER B 458 4.29 25.08 29.94
CA SER B 458 5.57 25.59 29.50
C SER B 458 6.11 24.92 28.25
N LEU B 459 5.38 23.99 27.66
CA LEU B 459 5.86 23.27 26.48
C LEU B 459 6.01 24.22 25.30
N GLN B 460 7.07 24.02 24.52
CA GLN B 460 7.40 24.90 23.40
C GLN B 460 7.60 24.18 22.08
N ARG B 461 7.83 22.87 22.08
CA ARG B 461 8.06 22.11 20.87
C ARG B 461 7.22 20.84 20.90
N LEU B 462 6.81 20.37 19.72
CA LEU B 462 6.05 19.13 19.62
C LEU B 462 6.24 18.55 18.23
N MET B 463 7.01 17.48 18.14
CA MET B 463 7.31 16.81 16.87
C MET B 463 6.38 15.61 16.73
N LEU B 464 5.49 15.64 15.73
CA LEU B 464 4.51 14.58 15.51
C LEU B 464 4.51 14.15 14.05
N ARG B 465 5.70 13.90 13.50
CA ARG B 465 5.82 13.50 12.11
C ARG B 465 5.60 11.99 11.97
N ARG B 466 4.72 11.60 11.05
CA ARG B 466 4.38 10.21 10.78
C ARG B 466 3.98 9.47 12.05
N VAL B 467 3.11 10.12 12.83
CA VAL B 467 2.54 9.54 14.03
C VAL B 467 1.09 9.12 13.85
N ALA B 468 0.43 9.57 12.78
CA ALA B 468 -0.95 9.21 12.45
C ALA B 468 -1.90 9.58 13.58
N LEU B 469 -2.02 10.89 13.81
CA LEU B 469 -2.90 11.38 14.86
C LEU B 469 -4.35 11.06 14.55
N LYS B 470 -5.14 10.90 15.61
CA LYS B 470 -6.58 10.70 15.52
C LYS B 470 -7.28 11.67 16.46
N ASN B 471 -8.50 12.05 16.09
CA ASN B 471 -9.31 12.99 16.86
C ASN B 471 -8.60 14.31 17.09
N VAL B 472 -7.83 14.76 16.10
CA VAL B 472 -7.25 16.10 16.13
C VAL B 472 -8.29 17.16 15.85
N ASP B 473 -9.44 16.78 15.31
CA ASP B 473 -10.53 17.70 15.00
C ASP B 473 -11.57 17.78 16.10
N SER B 474 -11.15 17.65 17.35
CA SER B 474 -12.07 17.81 18.47
C SER B 474 -12.53 19.26 18.59
N SER B 475 -13.72 19.44 19.16
CA SER B 475 -14.26 20.79 19.31
C SER B 475 -13.38 21.70 20.17
N PRO B 476 -12.88 21.27 21.33
CA PRO B 476 -11.81 22.04 21.97
C PRO B 476 -10.45 21.62 21.44
N SER B 477 -9.59 22.59 21.21
CA SER B 477 -8.30 22.31 20.59
C SER B 477 -7.31 21.78 21.63
N PRO B 478 -6.73 20.60 21.43
CA PRO B 478 -5.75 20.08 22.39
C PRO B 478 -4.50 20.93 22.55
N PHE B 479 -4.06 21.63 21.50
CA PHE B 479 -2.84 22.41 21.56
C PHE B 479 -3.04 23.81 22.13
N GLN B 480 -4.27 24.18 22.49
CA GLN B 480 -4.53 25.50 23.05
C GLN B 480 -3.80 25.76 24.36
N PRO B 481 -3.80 24.86 25.35
CA PRO B 481 -3.16 25.21 26.64
C PRO B 481 -1.67 25.46 26.57
N LEU B 482 -0.97 25.00 25.53
CA LEU B 482 0.47 25.21 25.41
C LEU B 482 0.71 26.67 25.04
N ARG B 483 0.66 27.53 26.07
CA ARG B 483 0.60 28.97 25.85
C ARG B 483 1.92 29.55 25.36
N ASN B 484 2.93 28.72 25.10
CA ASN B 484 4.21 29.21 24.61
C ASN B 484 4.81 28.29 23.56
N LEU B 485 3.97 27.58 22.80
CA LEU B 485 4.50 26.65 21.79
C LEU B 485 5.18 27.41 20.66
N THR B 486 6.23 26.82 20.11
CA THR B 486 7.02 27.45 19.06
C THR B 486 7.12 26.63 17.79
N ILE B 487 7.32 25.33 17.90
CA ILE B 487 7.50 24.46 16.73
C ILE B 487 6.48 23.32 16.81
N LEU B 488 5.76 23.12 15.70
CA LEU B 488 4.80 22.02 15.59
C LEU B 488 4.99 21.35 14.24
N ASP B 489 5.05 20.02 14.25
CA ASP B 489 5.21 19.24 13.03
C ASP B 489 4.09 18.21 12.97
N LEU B 490 3.30 18.25 11.89
CA LEU B 490 2.18 17.34 11.69
C LEU B 490 2.22 16.74 10.29
N SER B 491 3.39 16.27 9.89
CA SER B 491 3.57 15.73 8.55
C SER B 491 3.35 14.22 8.54
N ASN B 492 3.08 13.70 7.34
CA ASN B 492 2.95 12.25 7.10
C ASN B 492 1.90 11.61 7.99
N ASN B 493 0.79 12.32 8.21
CA ASN B 493 -0.26 11.86 9.10
C ASN B 493 -1.57 11.54 8.41
N ASN B 494 -1.75 11.97 7.16
CA ASN B 494 -3.00 11.82 6.43
C ASN B 494 -4.16 12.45 7.18
N ILE B 495 -3.90 13.61 7.78
CA ILE B 495 -4.93 14.36 8.48
C ILE B 495 -5.95 14.86 7.46
N ALA B 496 -7.23 14.69 7.78
CA ALA B 496 -8.32 15.04 6.87
C ALA B 496 -9.16 16.22 7.34
N ASN B 497 -9.33 16.41 8.64
CA ASN B 497 -10.20 17.45 9.17
C ASN B 497 -9.47 18.24 10.23
N ILE B 498 -9.57 19.56 10.16
CA ILE B 498 -9.01 20.49 11.13
C ILE B 498 -10.06 21.55 11.41
N ASN B 499 -10.17 21.97 12.65
CA ASN B 499 -11.15 22.99 13.02
C ASN B 499 -10.56 24.40 12.89
N ASP B 500 -11.46 25.38 12.79
CA ASP B 500 -11.05 26.78 12.67
C ASP B 500 -10.51 27.31 13.98
N ASP B 501 -10.91 26.73 15.11
CA ASP B 501 -10.46 27.14 16.43
C ASP B 501 -9.34 26.25 16.95
N MET B 502 -8.43 25.84 16.08
CA MET B 502 -7.44 24.82 16.40
C MET B 502 -6.18 25.37 17.06
N LEU B 503 -5.76 26.57 16.68
CA LEU B 503 -4.43 27.05 17.04
C LEU B 503 -4.43 28.47 17.60
N GLU B 504 -5.57 28.99 18.05
CA GLU B 504 -5.59 30.34 18.59
C GLU B 504 -4.90 30.39 19.95
N GLY B 505 -4.35 31.56 20.27
CA GLY B 505 -3.69 31.76 21.55
C GLY B 505 -2.22 31.39 21.59
N LEU B 506 -1.72 30.68 20.58
CA LEU B 506 -0.31 30.29 20.52
C LEU B 506 0.46 31.34 19.72
N GLU B 507 0.52 32.54 20.31
CA GLU B 507 1.00 33.71 19.57
C GLU B 507 2.46 33.58 19.16
N LYS B 508 3.24 32.78 19.86
CA LYS B 508 4.66 32.65 19.58
C LYS B 508 4.99 31.49 18.66
N LEU B 509 3.99 30.81 18.10
CA LEU B 509 4.24 29.71 17.18
C LEU B 509 4.98 30.21 15.95
N GLU B 510 6.05 29.51 15.58
CA GLU B 510 6.93 29.94 14.50
C GLU B 510 7.02 28.94 13.37
N ILE B 511 7.18 27.65 13.66
CA ILE B 511 7.38 26.63 12.64
C ILE B 511 6.19 25.68 12.66
N LEU B 512 5.56 25.49 11.50
CA LEU B 512 4.46 24.54 11.35
C LEU B 512 4.68 23.76 10.06
N ASP B 513 4.93 22.46 10.20
CA ASP B 513 5.18 21.58 9.06
C ASP B 513 3.97 20.67 8.85
N LEU B 514 3.36 20.74 7.68
CA LEU B 514 2.15 19.98 7.38
C LEU B 514 2.26 19.30 6.01
N GLN B 515 3.36 18.62 5.74
CA GLN B 515 3.55 18.02 4.43
C GLN B 515 3.02 16.58 4.39
N HIS B 516 2.65 16.15 3.17
CA HIS B 516 2.15 14.81 2.89
C HIS B 516 0.92 14.48 3.76
N ASN B 517 -0.10 15.32 3.62
CA ASN B 517 -1.38 15.09 4.29
C ASN B 517 -2.50 15.13 3.27
N ASN B 518 -3.76 15.10 3.72
CA ASN B 518 -4.92 15.16 2.83
C ASN B 518 -5.87 16.25 3.32
N LEU B 519 -5.59 17.49 2.93
CA LEU B 519 -6.42 18.64 3.29
C LEU B 519 -7.10 19.25 2.07
N ALA B 520 -7.28 18.46 1.00
CA ALA B 520 -7.86 18.98 -0.22
C ALA B 520 -9.29 19.48 0.01
N ARG B 521 -10.08 18.73 0.77
CA ARG B 521 -11.46 19.14 1.02
C ARG B 521 -11.52 20.38 1.90
N LEU B 522 -10.56 20.56 2.80
CA LEU B 522 -10.62 21.63 3.79
C LEU B 522 -10.45 23.02 3.18
N TRP B 523 -10.04 23.14 1.92
CA TRP B 523 -9.83 24.43 1.31
C TRP B 523 -10.69 24.73 0.10
N LYS B 524 -11.23 23.71 -0.57
CA LYS B 524 -12.14 23.95 -1.67
C LYS B 524 -13.43 24.57 -1.18
N HIS B 525 -13.95 25.53 -1.96
CA HIS B 525 -15.17 26.23 -1.57
C HIS B 525 -16.39 25.33 -1.57
N ALA B 526 -16.35 24.20 -2.27
CA ALA B 526 -17.47 23.27 -2.31
C ALA B 526 -17.64 22.51 -1.00
N ASN B 527 -16.69 22.61 -0.08
CA ASN B 527 -16.83 21.96 1.22
C ASN B 527 -17.99 22.58 1.98
N PRO B 528 -18.86 21.78 2.60
CA PRO B 528 -19.93 22.36 3.43
C PRO B 528 -19.36 23.19 4.57
N GLY B 529 -20.02 24.32 4.84
CA GLY B 529 -19.56 25.24 5.85
C GLY B 529 -18.44 26.17 5.42
N GLY B 530 -17.98 26.08 4.18
CA GLY B 530 -16.91 26.90 3.68
C GLY B 530 -15.55 26.32 3.98
N PRO B 531 -14.51 26.85 3.34
CA PRO B 531 -13.15 26.39 3.63
C PRO B 531 -12.76 26.69 5.07
N ILE B 532 -11.95 25.80 5.64
CA ILE B 532 -11.50 25.95 7.01
C ILE B 532 -10.34 26.94 7.06
N TYR B 533 -10.47 27.97 7.88
CA TYR B 533 -9.41 28.96 8.07
C TYR B 533 -8.69 28.62 9.37
N PHE B 534 -7.74 27.69 9.28
CA PHE B 534 -7.07 27.13 10.44
C PHE B 534 -5.71 27.75 10.71
N LEU B 535 -5.36 28.84 10.02
CA LEU B 535 -4.08 29.51 10.21
C LEU B 535 -4.27 30.95 10.64
N LYS B 536 -5.31 31.22 11.43
CA LYS B 536 -5.63 32.56 11.87
C LYS B 536 -5.18 32.77 13.32
N GLY B 537 -4.50 33.88 13.57
CA GLY B 537 -4.10 34.27 14.90
C GLY B 537 -2.62 34.11 15.19
N LEU B 538 -1.90 33.27 14.42
CA LEU B 538 -0.47 33.07 14.64
C LEU B 538 0.29 34.26 14.08
N SER B 539 0.49 35.27 14.94
CA SER B 539 1.07 36.53 14.52
C SER B 539 2.53 36.38 14.07
N HIS B 540 3.31 35.56 14.79
CA HIS B 540 4.76 35.51 14.58
C HIS B 540 5.21 34.23 13.89
N LEU B 541 4.39 33.65 13.02
CA LEU B 541 4.77 32.45 12.30
C LEU B 541 5.87 32.78 11.29
N HIS B 542 6.87 31.89 11.18
CA HIS B 542 8.01 32.11 10.30
C HIS B 542 8.15 31.03 9.25
N ILE B 543 8.03 29.75 9.63
CA ILE B 543 8.26 28.63 8.73
C ILE B 543 6.97 27.84 8.60
N LEU B 544 6.52 27.64 7.36
CA LEU B 544 5.32 26.87 7.06
C LEU B 544 5.61 25.90 5.93
N ASN B 545 5.19 24.64 6.11
CA ASN B 545 5.41 23.59 5.12
C ASN B 545 4.05 22.98 4.78
N LEU B 546 3.60 23.15 3.54
CA LEU B 546 2.30 22.67 3.09
C LEU B 546 2.42 21.98 1.74
N GLU B 547 3.38 21.07 1.60
CA GLU B 547 3.55 20.38 0.32
C GLU B 547 2.88 19.01 0.35
N SER B 548 2.47 18.56 -0.84
CA SER B 548 1.84 17.26 -1.04
C SER B 548 0.56 17.10 -0.22
N ASN B 549 -0.36 18.05 -0.39
CA ASN B 549 -1.61 18.03 0.33
C ASN B 549 -2.83 17.74 -0.54
N GLY B 550 -2.70 17.81 -1.86
CA GLY B 550 -3.84 17.70 -2.73
C GLY B 550 -4.62 18.98 -2.91
N PHE B 551 -4.08 20.11 -2.47
CA PHE B 551 -4.77 21.39 -2.60
C PHE B 551 -5.07 21.70 -4.06
N ASP B 552 -6.30 22.12 -4.33
CA ASP B 552 -6.69 22.57 -5.66
C ASP B 552 -7.11 24.03 -5.71
N GLU B 553 -7.48 24.63 -4.59
CA GLU B 553 -7.84 26.04 -4.54
C GLU B 553 -7.26 26.64 -3.27
N ILE B 554 -7.17 27.97 -3.28
CA ILE B 554 -6.58 28.72 -2.16
C ILE B 554 -7.61 29.67 -1.59
N PRO B 555 -8.04 29.48 -0.34
CA PRO B 555 -8.84 30.53 0.32
C PRO B 555 -8.02 31.79 0.47
N VAL B 556 -8.67 32.93 0.21
CA VAL B 556 -7.94 34.18 0.06
C VAL B 556 -7.48 34.76 1.39
N GLU B 557 -8.06 34.33 2.50
CA GLU B 557 -7.78 34.93 3.80
C GLU B 557 -7.23 33.93 4.79
N VAL B 558 -6.27 33.11 4.37
CA VAL B 558 -5.57 32.22 5.30
C VAL B 558 -4.23 32.80 5.73
N PHE B 559 -3.45 33.34 4.79
CA PHE B 559 -2.15 33.92 5.08
C PHE B 559 -2.23 35.40 5.42
N LYS B 560 -3.39 35.88 5.88
CA LYS B 560 -3.57 37.30 6.13
C LYS B 560 -3.01 37.76 7.46
N ASP B 561 -2.75 36.85 8.39
CA ASP B 561 -2.27 37.22 9.72
C ASP B 561 -0.80 36.91 9.95
N LEU B 562 -0.15 36.21 9.03
CA LEU B 562 1.27 35.88 9.16
C LEU B 562 2.08 37.08 8.72
N PHE B 563 2.16 38.08 9.60
CA PHE B 563 2.80 39.35 9.26
C PHE B 563 4.31 39.23 9.10
N GLU B 564 4.92 38.18 9.66
CA GLU B 564 6.37 38.04 9.64
C GLU B 564 6.82 36.73 8.99
N LEU B 565 5.99 36.15 8.13
CA LEU B 565 6.33 34.88 7.51
C LEU B 565 7.55 35.03 6.61
N LYS B 566 8.40 34.01 6.62
CA LYS B 566 9.63 34.01 5.81
C LYS B 566 9.77 32.80 4.92
N ILE B 567 9.40 31.61 5.38
CA ILE B 567 9.59 30.37 4.63
C ILE B 567 8.24 29.69 4.49
N ILE B 568 7.79 29.51 3.24
CA ILE B 568 6.53 28.83 2.95
C ILE B 568 6.80 27.82 1.85
N ASP B 569 6.10 26.68 1.92
CA ASP B 569 6.35 25.55 1.03
C ASP B 569 5.02 25.04 0.49
N LEU B 570 4.82 25.12 -0.83
CA LEU B 570 3.62 24.61 -1.47
C LEU B 570 3.96 23.70 -2.64
N GLY B 571 4.96 22.83 -2.47
CA GLY B 571 5.29 21.89 -3.53
C GLY B 571 4.32 20.72 -3.59
N LEU B 572 4.52 19.87 -4.60
CA LEU B 572 3.85 18.58 -4.72
C LEU B 572 2.33 18.67 -4.62
N ASN B 573 1.78 19.85 -4.88
CA ASN B 573 0.35 20.09 -4.73
C ASN B 573 -0.37 19.88 -6.06
N ASN B 574 -1.64 20.26 -6.11
CA ASN B 574 -2.45 20.19 -7.32
C ASN B 574 -2.96 21.56 -7.72
N LEU B 575 -2.29 22.63 -7.28
CA LEU B 575 -2.72 23.98 -7.59
C LEU B 575 -2.53 24.28 -9.07
N ASN B 576 -3.57 24.86 -9.69
CA ASN B 576 -3.52 25.21 -11.10
C ASN B 576 -3.62 26.72 -11.32
N THR B 577 -4.64 27.37 -10.74
CA THR B 577 -4.75 28.82 -10.75
C THR B 577 -4.95 29.30 -9.32
N LEU B 578 -4.44 30.50 -9.04
CA LEU B 578 -4.50 31.04 -7.69
C LEU B 578 -5.23 32.38 -7.68
N PRO B 579 -6.02 32.64 -6.65
CA PRO B 579 -6.67 33.94 -6.53
C PRO B 579 -5.67 35.02 -6.16
N ALA B 580 -5.92 36.22 -6.68
CA ALA B 580 -5.00 37.33 -6.48
C ALA B 580 -5.08 37.86 -5.05
N SER B 581 -4.05 38.61 -4.67
CA SER B 581 -3.97 39.33 -3.39
C SER B 581 -4.12 38.36 -2.21
N VAL B 582 -3.16 37.44 -2.10
CA VAL B 582 -3.12 36.47 -1.02
C VAL B 582 -1.89 36.69 -0.13
N PHE B 583 -0.75 37.03 -0.73
CA PHE B 583 0.50 37.22 0.01
C PHE B 583 0.78 38.69 0.32
N ASN B 584 -0.26 39.48 0.56
CA ASN B 584 -0.08 40.91 0.76
C ASN B 584 0.64 41.20 2.08
N ASN B 585 0.21 40.57 3.17
CA ASN B 585 0.76 40.86 4.48
C ASN B 585 2.12 40.22 4.73
N GLN B 586 2.57 39.31 3.85
CA GLN B 586 3.88 38.68 4.00
C GLN B 586 4.94 39.63 3.44
N VAL B 587 5.27 40.63 4.26
CA VAL B 587 6.16 41.71 3.81
C VAL B 587 7.60 41.27 3.67
N SER B 588 7.99 40.12 4.23
CA SER B 588 9.38 39.69 4.22
C SER B 588 9.49 38.20 3.91
N LEU B 589 8.73 37.73 2.93
CA LEU B 589 8.83 36.33 2.52
C LEU B 589 10.20 36.06 1.90
N LYS B 590 10.83 34.96 2.32
CA LYS B 590 12.18 34.63 1.88
C LYS B 590 12.24 33.42 0.96
N SER B 591 11.62 32.31 1.34
CA SER B 591 11.71 31.06 0.61
C SER B 591 10.32 30.62 0.17
N LEU B 592 10.11 30.52 -1.14
CA LEU B 592 8.86 30.03 -1.71
C LEU B 592 9.16 28.80 -2.55
N ASN B 593 8.52 27.69 -2.21
CA ASN B 593 8.76 26.40 -2.85
C ASN B 593 7.45 25.93 -3.48
N LEU B 594 7.40 25.94 -4.82
CA LEU B 594 6.20 25.58 -5.57
C LEU B 594 6.54 24.56 -6.64
N GLN B 595 7.32 23.55 -6.29
CA GLN B 595 7.74 22.54 -7.25
C GLN B 595 6.67 21.47 -7.44
N LYS B 596 6.73 20.82 -8.60
CA LYS B 596 5.90 19.65 -8.93
C LYS B 596 4.41 19.94 -8.72
N ASN B 597 3.98 21.10 -9.22
CA ASN B 597 2.60 21.52 -9.17
C ASN B 597 1.96 21.44 -10.55
N LEU B 598 0.73 21.94 -10.65
CA LEU B 598 0.03 22.06 -11.92
C LEU B 598 -0.10 23.52 -12.35
N ILE B 599 0.82 24.37 -11.91
CA ILE B 599 0.74 25.79 -12.21
C ILE B 599 0.99 26.02 -13.69
N THR B 600 0.09 26.78 -14.32
CA THR B 600 0.20 27.09 -15.74
C THR B 600 0.35 28.58 -16.03
N SER B 601 0.17 29.45 -15.03
CA SER B 601 0.28 30.89 -15.25
C SER B 601 0.67 31.56 -13.94
N VAL B 602 1.81 32.25 -13.96
CA VAL B 602 2.26 33.06 -12.83
C VAL B 602 2.34 34.51 -13.30
N GLU B 603 1.67 35.40 -12.57
CA GLU B 603 1.60 36.81 -12.98
C GLU B 603 1.41 37.68 -11.74
N LYS B 604 1.44 39.00 -11.96
CA LYS B 604 1.83 39.94 -10.90
C LYS B 604 0.79 40.04 -9.80
N LYS B 605 -0.50 40.13 -10.15
CA LYS B 605 -1.49 40.50 -9.12
C LYS B 605 -1.69 39.41 -8.07
N VAL B 606 -1.17 38.20 -8.27
CA VAL B 606 -1.24 37.14 -7.29
C VAL B 606 0.10 36.89 -6.63
N PHE B 607 1.20 36.94 -7.38
CA PHE B 607 2.53 36.60 -6.87
C PHE B 607 3.46 37.80 -6.75
N GLY B 608 2.96 39.01 -7.01
CA GLY B 608 3.76 40.20 -6.94
C GLY B 608 4.32 40.47 -5.55
N PRO B 609 3.43 40.66 -4.57
CA PRO B 609 3.90 40.82 -3.18
C PRO B 609 4.69 39.61 -2.69
N ALA B 610 4.40 38.42 -3.22
CA ALA B 610 5.21 37.26 -2.88
C ALA B 610 6.62 37.38 -3.43
N PHE B 611 6.78 37.91 -4.64
CA PHE B 611 8.08 38.10 -5.27
C PHE B 611 8.70 39.45 -4.93
N ARG B 612 8.33 40.06 -3.80
CA ARG B 612 8.81 41.39 -3.47
C ARG B 612 10.31 41.37 -3.15
N ASN B 613 10.69 40.62 -2.13
CA ASN B 613 12.11 40.53 -1.73
C ASN B 613 12.32 39.14 -1.14
N LEU B 614 12.76 38.21 -1.99
CA LEU B 614 12.95 36.81 -1.62
C LEU B 614 14.43 36.47 -1.54
N THR B 615 14.70 35.20 -1.27
CA THR B 615 16.08 34.68 -1.31
C THR B 615 16.18 33.34 -2.02
N GLU B 616 15.08 32.65 -2.29
CA GLU B 616 15.11 31.32 -2.90
C GLU B 616 13.74 30.99 -3.46
N LEU B 617 13.71 30.52 -4.70
CA LEU B 617 12.48 30.09 -5.34
C LEU B 617 12.66 28.67 -5.85
N ASP B 618 11.66 27.84 -5.63
CA ASP B 618 11.70 26.44 -6.07
C ASP B 618 10.45 26.17 -6.91
N MET B 619 10.60 26.26 -8.23
CA MET B 619 9.52 26.07 -9.19
C MET B 619 9.98 25.15 -10.31
N ARG B 620 10.57 24.02 -9.95
CA ARG B 620 11.28 23.20 -10.93
C ARG B 620 10.33 22.55 -11.94
N PHE B 621 9.44 21.67 -11.47
CA PHE B 621 8.62 20.87 -12.39
C PHE B 621 7.21 21.46 -12.45
N ASN B 622 7.06 22.45 -13.33
CA ASN B 622 5.78 23.11 -13.54
C ASN B 622 5.42 23.09 -15.02
N PRO B 623 4.24 22.61 -15.37
CA PRO B 623 3.78 22.75 -16.76
C PRO B 623 3.35 24.17 -17.08
N PHE B 624 4.31 25.04 -17.39
CA PHE B 624 4.00 26.41 -17.76
C PHE B 624 3.36 26.47 -19.13
N ASP B 625 2.60 27.54 -19.36
CA ASP B 625 2.05 27.85 -20.68
C ASP B 625 2.79 29.06 -21.22
N CYS B 626 3.61 28.85 -22.24
CA CYS B 626 4.40 29.93 -22.83
C CYS B 626 3.50 30.88 -23.61
N THR B 627 3.03 31.93 -22.93
CA THR B 627 2.15 32.93 -23.54
C THR B 627 2.37 34.24 -22.80
N CYS B 628 2.32 35.35 -23.54
CA CYS B 628 2.60 36.66 -22.97
C CYS B 628 1.64 37.02 -21.83
N GLU B 629 0.47 36.38 -21.79
CA GLU B 629 -0.43 36.57 -20.65
C GLU B 629 -0.02 35.74 -19.44
N SER B 630 0.87 34.76 -19.62
CA SER B 630 1.16 33.79 -18.56
C SER B 630 2.63 33.62 -18.23
N ILE B 631 3.55 34.00 -19.10
CA ILE B 631 4.98 33.79 -18.84
C ILE B 631 5.79 35.07 -18.97
N ALA B 632 5.25 36.10 -19.62
CA ALA B 632 6.03 37.28 -19.95
C ALA B 632 6.48 38.02 -18.69
N TRP B 633 5.56 38.21 -17.74
CA TRP B 633 5.97 38.88 -16.51
C TRP B 633 6.92 38.02 -15.69
N PHE B 634 6.75 36.70 -15.74
CA PHE B 634 7.64 35.80 -15.00
C PHE B 634 9.06 35.86 -15.55
N VAL B 635 9.21 35.77 -16.88
CA VAL B 635 10.56 35.84 -17.45
C VAL B 635 11.13 37.24 -17.31
N ASN B 636 10.27 38.27 -17.30
CA ASN B 636 10.73 39.61 -16.99
C ASN B 636 11.33 39.67 -15.58
N TRP B 637 10.66 39.01 -14.62
CA TRP B 637 11.20 38.97 -13.26
C TRP B 637 12.47 38.14 -13.17
N ILE B 638 12.58 37.07 -13.97
CA ILE B 638 13.77 36.23 -13.92
C ILE B 638 14.97 36.96 -14.50
N ASN B 639 14.77 37.74 -15.57
CA ASN B 639 15.88 38.27 -16.35
C ASN B 639 16.81 39.12 -15.49
N GLU B 640 16.25 39.97 -14.64
CA GLU B 640 17.02 40.68 -13.62
C GLU B 640 16.51 40.24 -12.26
N THR B 641 17.40 39.64 -11.46
CA THR B 641 17.05 39.10 -10.16
C THR B 641 18.33 38.85 -9.36
N HIS B 642 18.15 38.63 -8.07
CA HIS B 642 19.24 38.23 -7.18
C HIS B 642 18.89 37.03 -6.33
N THR B 643 17.71 36.43 -6.53
CA THR B 643 17.27 35.31 -5.71
C THR B 643 18.01 34.03 -6.11
N ASN B 644 18.36 33.22 -5.11
CA ASN B 644 19.04 31.96 -5.34
C ASN B 644 18.02 30.94 -5.84
N ILE B 645 17.93 30.78 -7.16
CA ILE B 645 16.92 29.91 -7.77
C ILE B 645 17.64 28.75 -8.45
N PRO B 646 17.48 27.52 -7.96
CA PRO B 646 18.21 26.39 -8.54
C PRO B 646 17.58 25.85 -9.81
N GLU B 647 18.45 25.34 -10.69
CA GLU B 647 18.06 24.54 -11.86
C GLU B 647 17.06 25.28 -12.75
N LEU B 648 17.31 26.58 -12.97
CA LEU B 648 16.41 27.37 -13.80
C LEU B 648 16.51 26.97 -15.27
N SER B 649 17.70 26.62 -15.74
CA SER B 649 17.93 26.32 -17.15
C SER B 649 17.73 24.86 -17.50
N SER B 650 17.33 24.03 -16.54
CA SER B 650 17.17 22.60 -16.76
C SER B 650 15.72 22.14 -16.73
N HIS B 651 14.92 22.64 -15.79
CA HIS B 651 13.57 22.11 -15.57
C HIS B 651 12.46 23.14 -15.78
N TYR B 652 12.78 24.41 -16.01
CA TYR B 652 11.76 25.45 -16.22
C TYR B 652 11.35 25.44 -17.69
N LEU B 653 10.53 24.45 -18.05
CA LEU B 653 10.12 24.22 -19.43
C LEU B 653 8.59 24.24 -19.50
N CYS B 654 8.06 24.86 -20.56
CA CYS B 654 6.63 24.97 -20.73
C CYS B 654 6.01 23.62 -21.11
N ASN B 655 4.69 23.61 -21.24
CA ASN B 655 3.94 22.45 -21.67
C ASN B 655 3.12 22.68 -22.93
N THR B 656 2.34 23.76 -22.99
CA THR B 656 1.56 24.15 -24.15
C THR B 656 1.82 25.61 -24.45
N PRO B 657 1.72 26.03 -25.72
CA PRO B 657 1.41 25.29 -26.95
C PRO B 657 2.57 24.44 -27.42
N PRO B 658 2.35 23.47 -28.31
CA PRO B 658 3.45 22.59 -28.75
C PRO B 658 4.60 23.31 -29.42
N HIS B 659 4.38 24.50 -29.97
CA HIS B 659 5.46 25.23 -30.62
C HIS B 659 6.54 25.61 -29.63
N TYR B 660 6.16 25.95 -28.40
CA TYR B 660 7.09 26.34 -27.35
C TYR B 660 7.20 25.28 -26.27
N HIS B 661 6.98 24.01 -26.62
CA HIS B 661 7.11 22.92 -25.67
C HIS B 661 8.58 22.71 -25.32
N GLY B 662 8.93 22.93 -24.05
CA GLY B 662 10.27 22.67 -23.56
C GLY B 662 11.25 23.80 -23.76
N PHE B 663 10.87 24.89 -24.43
CA PHE B 663 11.78 26.00 -24.64
C PHE B 663 11.68 26.98 -23.48
N PRO B 664 12.77 27.22 -22.74
CA PRO B 664 12.81 28.13 -21.59
C PRO B 664 12.45 29.57 -21.95
#